data_3C6W
# 
_entry.id   3C6W 
# 
_audit_conform.dict_name       mmcif_pdbx.dic 
_audit_conform.dict_version    5.403 
_audit_conform.dict_location   http://mmcif.pdb.org/dictionaries/ascii/mmcif_pdbx.dic 
# 
loop_
_database_2.database_id 
_database_2.database_code 
_database_2.pdbx_database_accession 
_database_2.pdbx_DOI 
PDB   3C6W         pdb_00003c6w 10.2210/pdb3c6w/pdb 
RCSB  RCSB046416   ?            ?                   
WWPDB D_1000046416 ?            ?                   
# 
loop_
_pdbx_audit_revision_history.ordinal 
_pdbx_audit_revision_history.data_content_type 
_pdbx_audit_revision_history.major_revision 
_pdbx_audit_revision_history.minor_revision 
_pdbx_audit_revision_history.revision_date 
_pdbx_audit_revision_history.part_number 
1 'Structure model' 1 0 2008-06-03 ? 
2 'Structure model' 1 1 2011-07-13 ? 
3 'Structure model' 1 2 2017-10-25 ? 
4 'Structure model' 1 3 2025-03-26 ? 
# 
_pdbx_audit_revision_details.ordinal             1 
_pdbx_audit_revision_details.revision_ordinal    1 
_pdbx_audit_revision_details.data_content_type   'Structure model' 
_pdbx_audit_revision_details.provider            repository 
_pdbx_audit_revision_details.type                'Initial release' 
_pdbx_audit_revision_details.description         ? 
_pdbx_audit_revision_details.details             ? 
# 
loop_
_pdbx_audit_revision_group.ordinal 
_pdbx_audit_revision_group.revision_ordinal 
_pdbx_audit_revision_group.data_content_type 
_pdbx_audit_revision_group.group 
1 2 'Structure model' 'Version format compliance' 
2 3 'Structure model' 'Refinement description'    
3 4 'Structure model' 'Data collection'           
4 4 'Structure model' 'Database references'       
5 4 'Structure model' 'Derived calculations'      
6 4 'Structure model' 'Structure summary'         
# 
loop_
_pdbx_audit_revision_category.ordinal 
_pdbx_audit_revision_category.revision_ordinal 
_pdbx_audit_revision_category.data_content_type 
_pdbx_audit_revision_category.category 
1  3 'Structure model' software                  
2  4 'Structure model' chem_comp_atom            
3  4 'Structure model' chem_comp_bond            
4  4 'Structure model' database_2                
5  4 'Structure model' pdbx_entry_details        
6  4 'Structure model' pdbx_modification_feature 
7  4 'Structure model' pdbx_struct_conn_angle    
8  4 'Structure model' struct_conn               
9  4 'Structure model' struct_conn_type          
10 4 'Structure model' struct_ref_seq_dif        
11 4 'Structure model' struct_site               
# 
loop_
_pdbx_audit_revision_item.ordinal 
_pdbx_audit_revision_item.revision_ordinal 
_pdbx_audit_revision_item.data_content_type 
_pdbx_audit_revision_item.item 
1  3 'Structure model' '_software.name'                              
2  4 'Structure model' '_database_2.pdbx_DOI'                        
3  4 'Structure model' '_database_2.pdbx_database_accession'         
4  4 'Structure model' '_pdbx_struct_conn_angle.ptnr1_auth_comp_id'  
5  4 'Structure model' '_pdbx_struct_conn_angle.ptnr1_auth_seq_id'   
6  4 'Structure model' '_pdbx_struct_conn_angle.ptnr1_label_atom_id' 
7  4 'Structure model' '_pdbx_struct_conn_angle.ptnr1_label_comp_id' 
8  4 'Structure model' '_pdbx_struct_conn_angle.ptnr1_label_seq_id'  
9  4 'Structure model' '_pdbx_struct_conn_angle.ptnr3_auth_comp_id'  
10 4 'Structure model' '_pdbx_struct_conn_angle.ptnr3_auth_seq_id'   
11 4 'Structure model' '_pdbx_struct_conn_angle.ptnr3_label_atom_id' 
12 4 'Structure model' '_pdbx_struct_conn_angle.ptnr3_label_comp_id' 
13 4 'Structure model' '_pdbx_struct_conn_angle.ptnr3_label_seq_id'  
14 4 'Structure model' '_pdbx_struct_conn_angle.value'               
15 4 'Structure model' '_struct_conn.conn_type_id'                   
16 4 'Structure model' '_struct_conn.id'                             
17 4 'Structure model' '_struct_conn.pdbx_dist_value'                
18 4 'Structure model' '_struct_conn.pdbx_leaving_atom_flag'         
19 4 'Structure model' '_struct_conn.ptnr1_auth_asym_id'             
20 4 'Structure model' '_struct_conn.ptnr1_auth_comp_id'             
21 4 'Structure model' '_struct_conn.ptnr1_auth_seq_id'              
22 4 'Structure model' '_struct_conn.ptnr1_label_asym_id'            
23 4 'Structure model' '_struct_conn.ptnr1_label_atom_id'            
24 4 'Structure model' '_struct_conn.ptnr1_label_comp_id'            
25 4 'Structure model' '_struct_conn.ptnr1_label_seq_id'             
26 4 'Structure model' '_struct_conn.ptnr2_auth_asym_id'             
27 4 'Structure model' '_struct_conn.ptnr2_auth_comp_id'             
28 4 'Structure model' '_struct_conn.ptnr2_auth_seq_id'              
29 4 'Structure model' '_struct_conn.ptnr2_label_asym_id'            
30 4 'Structure model' '_struct_conn.ptnr2_label_atom_id'            
31 4 'Structure model' '_struct_conn.ptnr2_label_comp_id'            
32 4 'Structure model' '_struct_conn.ptnr2_label_seq_id'             
33 4 'Structure model' '_struct_conn_type.id'                        
34 4 'Structure model' '_struct_ref_seq_dif.details'                 
35 4 'Structure model' '_struct_site.pdbx_auth_asym_id'              
36 4 'Structure model' '_struct_site.pdbx_auth_comp_id'              
37 4 'Structure model' '_struct_site.pdbx_auth_seq_id'               
# 
_pdbx_database_status.status_code                     REL 
_pdbx_database_status.entry_id                        3C6W 
_pdbx_database_status.recvd_initial_deposition_date   2008-02-05 
_pdbx_database_status.deposit_site                    RCSB 
_pdbx_database_status.process_site                    RCSB 
_pdbx_database_status.status_code_sf                  REL 
_pdbx_database_status.status_code_mr                  ? 
_pdbx_database_status.SG_entry                        ? 
_pdbx_database_status.pdb_format_compatible           Y 
_pdbx_database_status.status_code_cs                  ? 
_pdbx_database_status.methods_development_category    ? 
_pdbx_database_status.status_code_nmr_data            ? 
# 
loop_
_audit_author.name 
_audit_author.pdbx_ordinal 
'Champagne, K.S.'   1 
'Pena, P.V.'        2 
'Johnson, K.'       3 
'Kutateladze, T.G.' 4 
# 
_citation.id                        primary 
_citation.title                     'The crystal structure of the ING5 PHD finger in complex with an H3K4me3 histone peptide.' 
_citation.journal_abbrev            Proteins 
_citation.journal_volume            72 
_citation.page_first                1371 
_citation.page_last                 1376 
_citation.year                      2008 
_citation.journal_id_ASTM           PSFGEY 
_citation.country                   US 
_citation.journal_id_ISSN           0887-3585 
_citation.journal_id_CSD            0867 
_citation.book_publisher            ? 
_citation.pdbx_database_id_PubMed   18623064 
_citation.pdbx_database_id_DOI      10.1002/prot.22140 
# 
loop_
_citation_author.citation_id 
_citation_author.name 
_citation_author.ordinal 
_citation_author.identifier_ORCID 
primary 'Champagne, K.S.'   1 ? 
primary 'Saksouk, N.'       2 ? 
primary 'Pena, P.V.'        3 ? 
primary 'Johnson, K.'       4 ? 
primary 'Ullah, M.'         5 ? 
primary 'Yang, X.J.'        6 ? 
primary 'Cote, J.'          7 ? 
primary 'Kutateladze, T.G.' 8 ? 
# 
loop_
_entity.id 
_entity.type 
_entity.src_method 
_entity.pdbx_description 
_entity.formula_weight 
_entity.pdbx_number_of_molecules 
_entity.pdbx_ec 
_entity.pdbx_mutation 
_entity.pdbx_fragment 
_entity.details 
1 polymer     man 'Inhibitor of growth protein 5' 6792.862 2   ? ? 'UNP residues 184-236' ? 
2 polymer     syn 'H3K4me3 histone peptide'       1350.568 2   ? ? ?                      ? 
3 non-polymer syn 'ZINC ION'                      65.409   4   ? ? ?                      ? 
4 water       nat water                           18.015   137 ? ? ?                      ? 
# 
_entity_name_com.entity_id   1 
_entity_name_com.name        p28ING5 
# 
loop_
_entity_poly.entity_id 
_entity_poly.type 
_entity_poly.nstd_linkage 
_entity_poly.nstd_monomer 
_entity_poly.pdbx_seq_one_letter_code 
_entity_poly.pdbx_seq_one_letter_code_can 
_entity_poly.pdbx_strand_id 
_entity_poly.pdbx_target_identifier 
1 'polypeptide(L)' no no  LVCRGSNEPTYCLCHQVSYGEMIGCDNPDCPIEWFHFACVDLTTKPKGKWFCPRCVQEK 
LVCRGSNEPTYCLCHQVSYGEMIGCDNPDCPIEWFHFACVDLTTKPKGKWFCPRCVQEK A,C ? 
2 'polypeptide(L)' no yes 'ART(M3L)QTARKSTG'                                          ARTKQTARKSTG B,D ? 
# 
loop_
_pdbx_entity_nonpoly.entity_id 
_pdbx_entity_nonpoly.name 
_pdbx_entity_nonpoly.comp_id 
3 'ZINC ION' ZN  
4 water      HOH 
# 
loop_
_entity_poly_seq.entity_id 
_entity_poly_seq.num 
_entity_poly_seq.mon_id 
_entity_poly_seq.hetero 
1 1  LEU n 
1 2  VAL n 
1 3  CYS n 
1 4  ARG n 
1 5  GLY n 
1 6  SER n 
1 7  ASN n 
1 8  GLU n 
1 9  PRO n 
1 10 THR n 
1 11 TYR n 
1 12 CYS n 
1 13 LEU n 
1 14 CYS n 
1 15 HIS n 
1 16 GLN n 
1 17 VAL n 
1 18 SER n 
1 19 TYR n 
1 20 GLY n 
1 21 GLU n 
1 22 MET n 
1 23 ILE n 
1 24 GLY n 
1 25 CYS n 
1 26 ASP n 
1 27 ASN n 
1 28 PRO n 
1 29 ASP n 
1 30 CYS n 
1 31 PRO n 
1 32 ILE n 
1 33 GLU n 
1 34 TRP n 
1 35 PHE n 
1 36 HIS n 
1 37 PHE n 
1 38 ALA n 
1 39 CYS n 
1 40 VAL n 
1 41 ASP n 
1 42 LEU n 
1 43 THR n 
1 44 THR n 
1 45 LYS n 
1 46 PRO n 
1 47 LYS n 
1 48 GLY n 
1 49 LYS n 
1 50 TRP n 
1 51 PHE n 
1 52 CYS n 
1 53 PRO n 
1 54 ARG n 
1 55 CYS n 
1 56 VAL n 
1 57 GLN n 
1 58 GLU n 
1 59 LYS n 
2 1  ALA n 
2 2  ARG n 
2 3  THR n 
2 4  M3L n 
2 5  GLN n 
2 6  THR n 
2 7  ALA n 
2 8  ARG n 
2 9  LYS n 
2 10 SER n 
2 11 THR n 
2 12 GLY n 
# 
_entity_src_gen.entity_id                          1 
_entity_src_gen.pdbx_src_id                        1 
_entity_src_gen.pdbx_alt_source_flag               sample 
_entity_src_gen.pdbx_seq_type                      ? 
_entity_src_gen.pdbx_beg_seq_num                   ? 
_entity_src_gen.pdbx_end_seq_num                   ? 
_entity_src_gen.gene_src_common_name               human 
_entity_src_gen.gene_src_genus                     ? 
_entity_src_gen.pdbx_gene_src_gene                 ING5 
_entity_src_gen.gene_src_species                   ? 
_entity_src_gen.gene_src_strain                    ? 
_entity_src_gen.gene_src_tissue                    ? 
_entity_src_gen.gene_src_tissue_fraction           ? 
_entity_src_gen.gene_src_details                   ? 
_entity_src_gen.pdbx_gene_src_fragment             ? 
_entity_src_gen.pdbx_gene_src_scientific_name      'Homo sapiens' 
_entity_src_gen.pdbx_gene_src_ncbi_taxonomy_id     9606 
_entity_src_gen.pdbx_gene_src_variant              ? 
_entity_src_gen.pdbx_gene_src_cell_line            ? 
_entity_src_gen.pdbx_gene_src_atcc                 ? 
_entity_src_gen.pdbx_gene_src_organ                ? 
_entity_src_gen.pdbx_gene_src_organelle            ? 
_entity_src_gen.pdbx_gene_src_cell                 ? 
_entity_src_gen.pdbx_gene_src_cellular_location    ? 
_entity_src_gen.host_org_common_name               ? 
_entity_src_gen.pdbx_host_org_scientific_name      'Escherichia coli' 
_entity_src_gen.pdbx_host_org_ncbi_taxonomy_id     562 
_entity_src_gen.host_org_genus                     ? 
_entity_src_gen.pdbx_host_org_gene                 ? 
_entity_src_gen.pdbx_host_org_organ                ? 
_entity_src_gen.host_org_species                   ? 
_entity_src_gen.pdbx_host_org_tissue               ? 
_entity_src_gen.pdbx_host_org_tissue_fraction      ? 
_entity_src_gen.pdbx_host_org_strain               ? 
_entity_src_gen.pdbx_host_org_variant              ? 
_entity_src_gen.pdbx_host_org_cell_line            ? 
_entity_src_gen.pdbx_host_org_atcc                 ? 
_entity_src_gen.pdbx_host_org_culture_collection   ? 
_entity_src_gen.pdbx_host_org_cell                 ? 
_entity_src_gen.pdbx_host_org_organelle            ? 
_entity_src_gen.pdbx_host_org_cellular_location    ? 
_entity_src_gen.pdbx_host_org_vector_type          ? 
_entity_src_gen.pdbx_host_org_vector               ? 
_entity_src_gen.host_org_details                   ? 
_entity_src_gen.expression_system_id               ? 
_entity_src_gen.plasmid_name                       ? 
_entity_src_gen.plasmid_details                    ? 
_entity_src_gen.pdbx_description                   ? 
# 
_pdbx_entity_src_syn.entity_id              2 
_pdbx_entity_src_syn.pdbx_src_id            1 
_pdbx_entity_src_syn.pdbx_alt_source_flag   sample 
_pdbx_entity_src_syn.pdbx_beg_seq_num       ? 
_pdbx_entity_src_syn.pdbx_end_seq_num       ? 
_pdbx_entity_src_syn.organism_scientific    ? 
_pdbx_entity_src_syn.organism_common_name   ? 
_pdbx_entity_src_syn.ncbi_taxonomy_id       ? 
_pdbx_entity_src_syn.details                'synthetic H3K4me3 histone peptide' 
# 
loop_
_chem_comp.id 
_chem_comp.type 
_chem_comp.mon_nstd_flag 
_chem_comp.name 
_chem_comp.pdbx_synonyms 
_chem_comp.formula 
_chem_comp.formula_weight 
ALA 'L-peptide linking' y ALANINE           ? 'C3 H7 N O2'     89.093  
ARG 'L-peptide linking' y ARGININE          ? 'C6 H15 N4 O2 1' 175.209 
ASN 'L-peptide linking' y ASPARAGINE        ? 'C4 H8 N2 O3'    132.118 
ASP 'L-peptide linking' y 'ASPARTIC ACID'   ? 'C4 H7 N O4'     133.103 
CYS 'L-peptide linking' y CYSTEINE          ? 'C3 H7 N O2 S'   121.158 
GLN 'L-peptide linking' y GLUTAMINE         ? 'C5 H10 N2 O3'   146.144 
GLU 'L-peptide linking' y 'GLUTAMIC ACID'   ? 'C5 H9 N O4'     147.129 
GLY 'peptide linking'   y GLYCINE           ? 'C2 H5 N O2'     75.067  
HIS 'L-peptide linking' y HISTIDINE         ? 'C6 H10 N3 O2 1' 156.162 
HOH non-polymer         . WATER             ? 'H2 O'           18.015  
ILE 'L-peptide linking' y ISOLEUCINE        ? 'C6 H13 N O2'    131.173 
LEU 'L-peptide linking' y LEUCINE           ? 'C6 H13 N O2'    131.173 
LYS 'L-peptide linking' y LYSINE            ? 'C6 H15 N2 O2 1' 147.195 
M3L 'L-peptide linking' n N-TRIMETHYLLYSINE ? 'C9 H21 N2 O2 1' 189.275 
MET 'L-peptide linking' y METHIONINE        ? 'C5 H11 N O2 S'  149.211 
PHE 'L-peptide linking' y PHENYLALANINE     ? 'C9 H11 N O2'    165.189 
PRO 'L-peptide linking' y PROLINE           ? 'C5 H9 N O2'     115.130 
SER 'L-peptide linking' y SERINE            ? 'C3 H7 N O3'     105.093 
THR 'L-peptide linking' y THREONINE         ? 'C4 H9 N O3'     119.119 
TRP 'L-peptide linking' y TRYPTOPHAN        ? 'C11 H12 N2 O2'  204.225 
TYR 'L-peptide linking' y TYROSINE          ? 'C9 H11 N O3'    181.189 
VAL 'L-peptide linking' y VALINE            ? 'C5 H11 N O2'    117.146 
ZN  non-polymer         . 'ZINC ION'        ? 'Zn 2'           65.409  
# 
loop_
_pdbx_poly_seq_scheme.asym_id 
_pdbx_poly_seq_scheme.entity_id 
_pdbx_poly_seq_scheme.seq_id 
_pdbx_poly_seq_scheme.mon_id 
_pdbx_poly_seq_scheme.ndb_seq_num 
_pdbx_poly_seq_scheme.pdb_seq_num 
_pdbx_poly_seq_scheme.auth_seq_num 
_pdbx_poly_seq_scheme.pdb_mon_id 
_pdbx_poly_seq_scheme.auth_mon_id 
_pdbx_poly_seq_scheme.pdb_strand_id 
_pdbx_poly_seq_scheme.pdb_ins_code 
_pdbx_poly_seq_scheme.hetero 
A 1 1  LEU 1  178 ?   ?   ?   A . n 
A 1 2  VAL 2  179 ?   ?   ?   A . n 
A 1 3  CYS 3  180 ?   ?   ?   A . n 
A 1 4  ARG 4  181 ?   ?   ?   A . n 
A 1 5  GLY 5  182 ?   ?   ?   A . n 
A 1 6  SER 6  183 ?   ?   ?   A . n 
A 1 7  ASN 7  184 ?   ?   ?   A . n 
A 1 8  GLU 8  185 185 GLU GLU A . n 
A 1 9  PRO 9  186 186 PRO PRO A . n 
A 1 10 THR 10 187 187 THR THR A . n 
A 1 11 TYR 11 188 188 TYR TYR A . n 
A 1 12 CYS 12 189 189 CYS CYS A . n 
A 1 13 LEU 13 190 190 LEU LEU A . n 
A 1 14 CYS 14 191 191 CYS CYS A . n 
A 1 15 HIS 15 192 192 HIS HIS A . n 
A 1 16 GLN 16 193 193 GLN GLN A . n 
A 1 17 VAL 17 194 194 VAL VAL A . n 
A 1 18 SER 18 195 195 SER SER A . n 
A 1 19 TYR 19 196 196 TYR TYR A . n 
A 1 20 GLY 20 197 197 GLY GLY A . n 
A 1 21 GLU 21 198 198 GLU GLU A . n 
A 1 22 MET 22 199 199 MET MET A . n 
A 1 23 ILE 23 200 200 ILE ILE A . n 
A 1 24 GLY 24 201 201 GLY GLY A . n 
A 1 25 CYS 25 202 202 CYS CYS A . n 
A 1 26 ASP 26 203 203 ASP ASP A . n 
A 1 27 ASN 27 204 204 ASN ASN A . n 
A 1 28 PRO 28 205 205 PRO PRO A . n 
A 1 29 ASP 29 206 206 ASP ASP A . n 
A 1 30 CYS 30 207 207 CYS CYS A . n 
A 1 31 PRO 31 208 208 PRO PRO A . n 
A 1 32 ILE 32 209 209 ILE ILE A . n 
A 1 33 GLU 33 210 210 GLU GLU A . n 
A 1 34 TRP 34 211 211 TRP TRP A . n 
A 1 35 PHE 35 212 212 PHE PHE A . n 
A 1 36 HIS 36 213 213 HIS HIS A . n 
A 1 37 PHE 37 214 214 PHE PHE A . n 
A 1 38 ALA 38 215 215 ALA ALA A . n 
A 1 39 CYS 39 216 216 CYS CYS A . n 
A 1 40 VAL 40 217 217 VAL VAL A . n 
A 1 41 ASP 41 218 218 ASP ASP A . n 
A 1 42 LEU 42 219 219 LEU LEU A . n 
A 1 43 THR 43 220 220 THR THR A . n 
A 1 44 THR 44 221 221 THR THR A . n 
A 1 45 LYS 45 222 222 LYS LYS A . n 
A 1 46 PRO 46 223 223 PRO PRO A . n 
A 1 47 LYS 47 224 224 LYS LYS A . n 
A 1 48 GLY 48 225 225 GLY GLY A . n 
A 1 49 LYS 49 226 226 LYS LYS A . n 
A 1 50 TRP 50 227 227 TRP TRP A . n 
A 1 51 PHE 51 228 228 PHE PHE A . n 
A 1 52 CYS 52 229 229 CYS CYS A . n 
A 1 53 PRO 53 230 230 PRO PRO A . n 
A 1 54 ARG 54 231 231 ARG ARG A . n 
A 1 55 CYS 55 232 232 CYS CYS A . n 
A 1 56 VAL 56 233 233 VAL VAL A . n 
A 1 57 GLN 57 234 234 GLN GLN A . n 
A 1 58 GLU 58 235 235 GLU GLU A . n 
A 1 59 LYS 59 236 ?   ?   ?   A . n 
B 2 1  ALA 1  1   1   ALA ALA B . n 
B 2 2  ARG 2  2   2   ARG ARG B . n 
B 2 3  THR 3  3   3   THR THR B . n 
B 2 4  M3L 4  4   4   M3L M3L B . n 
B 2 5  GLN 5  5   5   GLN GLN B . n 
B 2 6  THR 6  6   6   THR THR B . n 
B 2 7  ALA 7  7   7   ALA ALA B . n 
B 2 8  ARG 8  8   ?   ?   ?   B . n 
B 2 9  LYS 9  9   ?   ?   ?   B . n 
B 2 10 SER 10 10  ?   ?   ?   B . n 
B 2 11 THR 11 11  ?   ?   ?   B . n 
B 2 12 GLY 12 12  ?   ?   ?   B . n 
C 1 1  LEU 1  178 ?   ?   ?   C . n 
C 1 2  VAL 2  179 ?   ?   ?   C . n 
C 1 3  CYS 3  180 ?   ?   ?   C . n 
C 1 4  ARG 4  181 ?   ?   ?   C . n 
C 1 5  GLY 5  182 ?   ?   ?   C . n 
C 1 6  SER 6  183 ?   ?   ?   C . n 
C 1 7  ASN 7  184 184 ASN ASN C . n 
C 1 8  GLU 8  185 185 GLU GLU C . n 
C 1 9  PRO 9  186 186 PRO PRO C . n 
C 1 10 THR 10 187 187 THR THR C . n 
C 1 11 TYR 11 188 188 TYR TYR C . n 
C 1 12 CYS 12 189 189 CYS CYS C . n 
C 1 13 LEU 13 190 190 LEU LEU C . n 
C 1 14 CYS 14 191 191 CYS CYS C . n 
C 1 15 HIS 15 192 192 HIS HIS C . n 
C 1 16 GLN 16 193 193 GLN GLN C . n 
C 1 17 VAL 17 194 194 VAL VAL C . n 
C 1 18 SER 18 195 195 SER SER C . n 
C 1 19 TYR 19 196 196 TYR TYR C . n 
C 1 20 GLY 20 197 197 GLY GLY C . n 
C 1 21 GLU 21 198 198 GLU GLU C . n 
C 1 22 MET 22 199 199 MET MET C . n 
C 1 23 ILE 23 200 200 ILE ILE C . n 
C 1 24 GLY 24 201 201 GLY GLY C . n 
C 1 25 CYS 25 202 202 CYS CYS C . n 
C 1 26 ASP 26 203 203 ASP ASP C . n 
C 1 27 ASN 27 204 204 ASN ASN C . n 
C 1 28 PRO 28 205 205 PRO PRO C . n 
C 1 29 ASP 29 206 206 ASP ASP C . n 
C 1 30 CYS 30 207 207 CYS CYS C . n 
C 1 31 PRO 31 208 208 PRO PRO C . n 
C 1 32 ILE 32 209 209 ILE ILE C . n 
C 1 33 GLU 33 210 210 GLU GLU C . n 
C 1 34 TRP 34 211 211 TRP TRP C . n 
C 1 35 PHE 35 212 212 PHE PHE C . n 
C 1 36 HIS 36 213 213 HIS HIS C . n 
C 1 37 PHE 37 214 214 PHE PHE C . n 
C 1 38 ALA 38 215 215 ALA ALA C . n 
C 1 39 CYS 39 216 216 CYS CYS C . n 
C 1 40 VAL 40 217 217 VAL VAL C . n 
C 1 41 ASP 41 218 218 ASP ASP C . n 
C 1 42 LEU 42 219 219 LEU LEU C . n 
C 1 43 THR 43 220 220 THR THR C . n 
C 1 44 THR 44 221 221 THR THR C . n 
C 1 45 LYS 45 222 222 LYS LYS C . n 
C 1 46 PRO 46 223 223 PRO PRO C . n 
C 1 47 LYS 47 224 224 LYS LYS C . n 
C 1 48 GLY 48 225 225 GLY GLY C . n 
C 1 49 LYS 49 226 226 LYS LYS C . n 
C 1 50 TRP 50 227 227 TRP TRP C . n 
C 1 51 PHE 51 228 228 PHE PHE C . n 
C 1 52 CYS 52 229 229 CYS CYS C . n 
C 1 53 PRO 53 230 230 PRO PRO C . n 
C 1 54 ARG 54 231 231 ARG ARG C . n 
C 1 55 CYS 55 232 232 CYS CYS C . n 
C 1 56 VAL 56 233 233 VAL VAL C . n 
C 1 57 GLN 57 234 234 GLN GLN C . n 
C 1 58 GLU 58 235 235 GLU GLU C . n 
C 1 59 LYS 59 236 ?   ?   ?   C . n 
D 2 1  ALA 1  1   1   ALA ALA D . n 
D 2 2  ARG 2  2   2   ARG ARG D . n 
D 2 3  THR 3  3   3   THR THR D . n 
D 2 4  M3L 4  4   4   M3L M3L D . n 
D 2 5  GLN 5  5   5   GLN GLN D . n 
D 2 6  THR 6  6   6   THR THR D . n 
D 2 7  ALA 7  7   7   ALA ALA D . n 
D 2 8  ARG 8  8   8   ARG ARG D . n 
D 2 9  LYS 9  9   9   LYS LYS D . n 
D 2 10 SER 10 10  10  SER SER D . n 
D 2 11 THR 11 11  11  THR THR D . n 
D 2 12 GLY 12 12  ?   ?   ?   D . n 
# 
loop_
_pdbx_nonpoly_scheme.asym_id 
_pdbx_nonpoly_scheme.entity_id 
_pdbx_nonpoly_scheme.mon_id 
_pdbx_nonpoly_scheme.ndb_seq_num 
_pdbx_nonpoly_scheme.pdb_seq_num 
_pdbx_nonpoly_scheme.auth_seq_num 
_pdbx_nonpoly_scheme.pdb_mon_id 
_pdbx_nonpoly_scheme.auth_mon_id 
_pdbx_nonpoly_scheme.pdb_strand_id 
_pdbx_nonpoly_scheme.pdb_ins_code 
E 3 ZN  1  1   1   ZN  ZN2 A . 
F 3 ZN  1  2   2   ZN  ZN2 A . 
G 3 ZN  1  3   3   ZN  ZN2 C . 
H 3 ZN  1  4   4   ZN  ZN2 C . 
I 4 HOH 1  27  27  HOH HOH A . 
I 4 HOH 2  237 1   HOH HOH A . 
I 4 HOH 3  238 2   HOH HOH A . 
I 4 HOH 4  239 4   HOH HOH A . 
I 4 HOH 5  240 6   HOH HOH A . 
I 4 HOH 6  241 7   HOH HOH A . 
I 4 HOH 7  242 8   HOH HOH A . 
I 4 HOH 8  243 11  HOH HOH A . 
I 4 HOH 9  244 13  HOH HOH A . 
I 4 HOH 10 245 16  HOH HOH A . 
I 4 HOH 11 246 18  HOH HOH A . 
I 4 HOH 12 247 21  HOH HOH A . 
I 4 HOH 13 248 23  HOH HOH A . 
I 4 HOH 14 249 28  HOH HOH A . 
I 4 HOH 15 250 32  HOH HOH A . 
I 4 HOH 16 251 33  HOH HOH A . 
I 4 HOH 17 252 34  HOH HOH A . 
I 4 HOH 18 253 37  HOH HOH A . 
I 4 HOH 19 254 39  HOH HOH A . 
I 4 HOH 20 255 40  HOH HOH A . 
I 4 HOH 21 256 41  HOH HOH A . 
I 4 HOH 22 257 46  HOH HOH A . 
I 4 HOH 23 258 47  HOH HOH A . 
I 4 HOH 24 259 49  HOH HOH A . 
I 4 HOH 25 260 54  HOH HOH A . 
I 4 HOH 26 261 55  HOH HOH A . 
I 4 HOH 27 262 56  HOH HOH A . 
I 4 HOH 28 263 59  HOH HOH A . 
I 4 HOH 29 264 62  HOH HOH A . 
I 4 HOH 30 265 67  HOH HOH A . 
I 4 HOH 31 266 71  HOH HOH A . 
I 4 HOH 32 267 72  HOH HOH A . 
I 4 HOH 33 268 73  HOH HOH A . 
I 4 HOH 34 269 74  HOH HOH A . 
I 4 HOH 35 270 79  HOH HOH A . 
I 4 HOH 36 271 80  HOH HOH A . 
I 4 HOH 37 272 82  HOH HOH A . 
I 4 HOH 38 273 83  HOH HOH A . 
I 4 HOH 39 274 84  HOH HOH A . 
I 4 HOH 40 275 88  HOH HOH A . 
I 4 HOH 41 276 94  HOH HOH A . 
I 4 HOH 42 277 95  HOH HOH A . 
I 4 HOH 43 278 96  HOH HOH A . 
I 4 HOH 44 279 97  HOH HOH A . 
I 4 HOH 45 280 98  HOH HOH A . 
I 4 HOH 46 281 103 HOH HOH A . 
I 4 HOH 47 282 107 HOH HOH A . 
I 4 HOH 48 283 108 HOH HOH A . 
I 4 HOH 49 284 115 HOH HOH A . 
I 4 HOH 50 285 116 HOH HOH A . 
I 4 HOH 51 286 119 HOH HOH A . 
I 4 HOH 52 287 122 HOH HOH A . 
I 4 HOH 53 288 124 HOH HOH A . 
I 4 HOH 54 289 127 HOH HOH A . 
I 4 HOH 55 290 130 HOH HOH A . 
I 4 HOH 56 291 132 HOH HOH A . 
I 4 HOH 57 292 139 HOH HOH A . 
I 4 HOH 58 293 140 HOH HOH A . 
I 4 HOH 59 294 143 HOH HOH A . 
I 4 HOH 60 295 144 HOH HOH A . 
J 4 HOH 1  26  26  HOH HOH B . 
J 4 HOH 2  121 121 HOH HOH B . 
K 4 HOH 1  237 3   HOH HOH C . 
K 4 HOH 2  238 5   HOH HOH C . 
K 4 HOH 3  239 9   HOH HOH C . 
K 4 HOH 4  240 10  HOH HOH C . 
K 4 HOH 5  241 12  HOH HOH C . 
K 4 HOH 6  242 14  HOH HOH C . 
K 4 HOH 7  243 15  HOH HOH C . 
K 4 HOH 8  244 17  HOH HOH C . 
K 4 HOH 9  245 19  HOH HOH C . 
K 4 HOH 10 246 20  HOH HOH C . 
K 4 HOH 11 247 24  HOH HOH C . 
K 4 HOH 12 248 25  HOH HOH C . 
K 4 HOH 13 249 29  HOH HOH C . 
K 4 HOH 14 250 30  HOH HOH C . 
K 4 HOH 15 251 31  HOH HOH C . 
K 4 HOH 16 252 35  HOH HOH C . 
K 4 HOH 17 253 36  HOH HOH C . 
K 4 HOH 18 254 38  HOH HOH C . 
K 4 HOH 19 255 44  HOH HOH C . 
K 4 HOH 20 256 45  HOH HOH C . 
K 4 HOH 21 257 48  HOH HOH C . 
K 4 HOH 22 258 50  HOH HOH C . 
K 4 HOH 23 259 51  HOH HOH C . 
K 4 HOH 24 260 52  HOH HOH C . 
K 4 HOH 25 261 53  HOH HOH C . 
K 4 HOH 26 262 57  HOH HOH C . 
K 4 HOH 27 263 60  HOH HOH C . 
K 4 HOH 28 264 61  HOH HOH C . 
K 4 HOH 29 265 63  HOH HOH C . 
K 4 HOH 30 266 64  HOH HOH C . 
K 4 HOH 31 267 65  HOH HOH C . 
K 4 HOH 32 268 66  HOH HOH C . 
K 4 HOH 33 269 68  HOH HOH C . 
K 4 HOH 34 270 75  HOH HOH C . 
K 4 HOH 35 271 77  HOH HOH C . 
K 4 HOH 36 272 78  HOH HOH C . 
K 4 HOH 37 273 81  HOH HOH C . 
K 4 HOH 38 274 85  HOH HOH C . 
K 4 HOH 39 275 86  HOH HOH C . 
K 4 HOH 40 276 89  HOH HOH C . 
K 4 HOH 41 277 90  HOH HOH C . 
K 4 HOH 42 278 92  HOH HOH C . 
K 4 HOH 43 279 99  HOH HOH C . 
K 4 HOH 44 280 101 HOH HOH C . 
K 4 HOH 45 281 104 HOH HOH C . 
K 4 HOH 46 282 109 HOH HOH C . 
K 4 HOH 47 283 112 HOH HOH C . 
K 4 HOH 48 284 114 HOH HOH C . 
K 4 HOH 49 285 120 HOH HOH C . 
K 4 HOH 50 286 125 HOH HOH C . 
K 4 HOH 51 287 126 HOH HOH C . 
K 4 HOH 52 288 129 HOH HOH C . 
K 4 HOH 53 289 134 HOH HOH C . 
K 4 HOH 54 290 135 HOH HOH C . 
K 4 HOH 55 291 136 HOH HOH C . 
K 4 HOH 56 292 138 HOH HOH C . 
K 4 HOH 57 293 141 HOH HOH C . 
K 4 HOH 58 294 142 HOH HOH C . 
L 4 HOH 1  22  22  HOH HOH D . 
L 4 HOH 2  43  43  HOH HOH D . 
L 4 HOH 3  58  58  HOH HOH D . 
L 4 HOH 4  69  69  HOH HOH D . 
L 4 HOH 5  70  70  HOH HOH D . 
L 4 HOH 6  87  87  HOH HOH D . 
L 4 HOH 7  91  91  HOH HOH D . 
L 4 HOH 8  93  93  HOH HOH D . 
L 4 HOH 9  100 100 HOH HOH D . 
L 4 HOH 10 102 102 HOH HOH D . 
L 4 HOH 11 105 105 HOH HOH D . 
L 4 HOH 12 106 106 HOH HOH D . 
L 4 HOH 13 110 110 HOH HOH D . 
L 4 HOH 14 111 111 HOH HOH D . 
L 4 HOH 15 113 113 HOH HOH D . 
L 4 HOH 16 131 131 HOH HOH D . 
L 4 HOH 17 137 137 HOH HOH D . 
# 
loop_
_software.name 
_software.classification 
_software.version 
_software.citation_id 
_software.pdbx_ordinal 
Blu-Ice 'data collection' Ice ? 1 
SOLVE   phasing           .   ? 2 
CNS     refinement        .   ? 3 
d*TREK  'data reduction'  .   ? 4 
d*TREK  'data scaling'    .   ? 5 
# 
_cell.entry_id           3C6W 
_cell.length_a           68.140 
_cell.length_b           68.140 
_cell.length_c           28.250 
_cell.angle_alpha        90.00 
_cell.angle_beta         90.00 
_cell.angle_gamma        90.00 
_cell.Z_PDB              8 
_cell.pdbx_unique_axis   ? 
_cell.length_a_esd       ? 
_cell.length_b_esd       ? 
_cell.length_c_esd       ? 
_cell.angle_alpha_esd    ? 
_cell.angle_beta_esd     ? 
_cell.angle_gamma_esd    ? 
# 
_symmetry.entry_id                         3C6W 
_symmetry.space_group_name_H-M             'P 43' 
_symmetry.pdbx_full_space_group_name_H-M   ? 
_symmetry.cell_setting                     ? 
_symmetry.Int_Tables_number                78 
_symmetry.space_group_name_Hall            ? 
# 
_exptl.entry_id          3C6W 
_exptl.method            'X-RAY DIFFRACTION' 
_exptl.crystals_number   1 
# 
_exptl_crystal.id                    1 
_exptl_crystal.density_meas          ? 
_exptl_crystal.density_Matthews      2.01 
_exptl_crystal.density_percent_sol   38.95 
_exptl_crystal.description           ? 
_exptl_crystal.F_000                 ? 
_exptl_crystal.preparation           ? 
# 
_exptl_crystal_grow.crystal_id      1 
_exptl_crystal_grow.method          'VAPOR DIFFUSION, SITTING DROP' 
_exptl_crystal_grow.temp            291.15 
_exptl_crystal_grow.temp_details    ? 
_exptl_crystal_grow.pH              6.5 
_exptl_crystal_grow.pdbx_details    '1.6 M Sodium Citrate, pH 6.5, VAPOR DIFFUSION, SITTING DROP, temperature 291.15K' 
_exptl_crystal_grow.pdbx_pH_range   . 
# 
_diffrn.id                     1 
_diffrn.ambient_temp           100 
_diffrn.ambient_temp_details   ? 
_diffrn.crystal_id             1 
# 
_diffrn_detector.diffrn_id              1 
_diffrn_detector.detector               CCD 
_diffrn_detector.type                   NOIR-1 
_diffrn_detector.pdbx_collection_date   2007-04-22 
_diffrn_detector.details                ? 
# 
_diffrn_radiation.diffrn_id                        1 
_diffrn_radiation.wavelength_id                    1 
_diffrn_radiation.pdbx_monochromatic_or_laue_m_l   M 
_diffrn_radiation.monochromator                    ? 
_diffrn_radiation.pdbx_diffrn_protocol             MAD 
_diffrn_radiation.pdbx_scattering_type             x-ray 
# 
loop_
_diffrn_radiation_wavelength.id 
_diffrn_radiation_wavelength.wavelength 
_diffrn_radiation_wavelength.wt 
1 1.2574  1.0 
2 1.28304 1.0 
3 1.28264 1.0 
# 
_diffrn_source.diffrn_id                   1 
_diffrn_source.source                      SYNCHROTRON 
_diffrn_source.type                        'ALS BEAMLINE 4.2.2' 
_diffrn_source.pdbx_synchrotron_site       ALS 
_diffrn_source.pdbx_synchrotron_beamline   4.2.2 
_diffrn_source.pdbx_wavelength             ? 
_diffrn_source.pdbx_wavelength_list        '1.2574, 1.28304, 1.28264' 
# 
_reflns.entry_id                     3C6W 
_reflns.observed_criterion_sigma_F   2 
_reflns.observed_criterion_sigma_I   2 
_reflns.d_resolution_high            1.75 
_reflns.d_resolution_low             34 
_reflns.number_all                   ? 
_reflns.number_obs                   13176 
_reflns.percent_possible_obs         ? 
_reflns.pdbx_Rmerge_I_obs            0.070 
_reflns.pdbx_Rsym_value              ? 
_reflns.pdbx_netI_over_sigmaI        17.7 
_reflns.B_iso_Wilson_estimate        ? 
_reflns.pdbx_redundancy              6.95 
_reflns.R_free_details               ? 
_reflns.limit_h_max                  ? 
_reflns.limit_h_min                  ? 
_reflns.limit_k_max                  ? 
_reflns.limit_k_min                  ? 
_reflns.limit_l_max                  ? 
_reflns.limit_l_min                  ? 
_reflns.observed_criterion_F_max     ? 
_reflns.observed_criterion_F_min     ? 
_reflns.pdbx_chi_squared             ? 
_reflns.pdbx_scaling_rejects         ? 
_reflns.pdbx_diffrn_id               1 
_reflns.pdbx_ordinal                 1 
# 
_reflns_shell.d_res_high             1.75 
_reflns_shell.d_res_low              1.81 
_reflns_shell.percent_possible_all   ? 
_reflns_shell.Rmerge_I_obs           .219 
_reflns_shell.pdbx_Rsym_value        ? 
_reflns_shell.meanI_over_sigI_obs    6.2 
_reflns_shell.pdbx_redundancy        5.23 
_reflns_shell.percent_possible_obs   ? 
_reflns_shell.number_unique_all      ? 
_reflns_shell.number_measured_all    ? 
_reflns_shell.number_measured_obs    ? 
_reflns_shell.number_unique_obs      ? 
_reflns_shell.pdbx_chi_squared       ? 
_reflns_shell.pdbx_diffrn_id         ? 
_reflns_shell.pdbx_ordinal           1 
# 
_refine.entry_id                                 3C6W 
_refine.ls_d_res_high                            1.75 
_refine.ls_d_res_low                             34 
_refine.pdbx_ls_sigma_F                          2 
_refine.pdbx_ls_sigma_I                          2 
_refine.ls_number_reflns_all                     25634 
_refine.ls_number_reflns_obs                     12981 
_refine.ls_number_reflns_R_free                  1888 
_refine.ls_percent_reflns_obs                    ? 
_refine.ls_R_factor_all                          ? 
_refine.ls_R_factor_obs                          0.186 
_refine.ls_R_factor_R_work                       0.186 
_refine.ls_R_factor_R_free                       0.199 
_refine.ls_redundancy_reflns_obs                 ? 
_refine.pdbx_data_cutoff_high_absF               ? 
_refine.pdbx_data_cutoff_low_absF                ? 
_refine.ls_number_parameters                     ? 
_refine.ls_number_restraints                     ? 
_refine.ls_percent_reflns_R_free                 ? 
_refine.ls_R_factor_R_free_error                 ? 
_refine.ls_R_factor_R_free_error_details         ? 
_refine.pdbx_method_to_determine_struct          MAD 
_refine.pdbx_starting_model                      ? 
_refine.pdbx_ls_cross_valid_method               THROUGHOUT 
_refine.pdbx_R_Free_selection_details            random 
_refine.pdbx_stereochem_target_val_spec_case     ? 
_refine.pdbx_stereochemistry_target_values       'Engh & Huber' 
_refine.solvent_model_details                    ? 
_refine.solvent_model_param_bsol                 ? 
_refine.solvent_model_param_ksol                 ? 
_refine.occupancy_max                            ? 
_refine.occupancy_min                            ? 
_refine.pdbx_isotropic_thermal_model             Isotropic 
_refine.B_iso_mean                               20.3814 
_refine.aniso_B[1][1]                            0.159 
_refine.aniso_B[1][2]                            0.000 
_refine.aniso_B[1][3]                            0.000 
_refine.aniso_B[2][2]                            0.159 
_refine.aniso_B[2][3]                            0.000 
_refine.aniso_B[3][3]                            -0.318 
_refine.details                                  ? 
_refine.B_iso_min                                ? 
_refine.B_iso_max                                ? 
_refine.correlation_coeff_Fo_to_Fc               ? 
_refine.correlation_coeff_Fo_to_Fc_free          ? 
_refine.pdbx_solvent_vdw_probe_radii             ? 
_refine.pdbx_solvent_ion_probe_radii             ? 
_refine.pdbx_solvent_shrinkage_radii             ? 
_refine.overall_SU_R_Cruickshank_DPI             ? 
_refine.overall_SU_R_free                        ? 
_refine.overall_SU_ML                            ? 
_refine.overall_SU_B                             ? 
_refine.pdbx_overall_ESU_R_Free                  ? 
_refine.pdbx_data_cutoff_high_rms_absF           ? 
_refine.pdbx_overall_ESU_R                       ? 
_refine.ls_wR_factor_R_free                      ? 
_refine.ls_wR_factor_R_work                      ? 
_refine.overall_FOM_free_R_set                   ? 
_refine.overall_FOM_work_R_set                   ? 
_refine.pdbx_overall_phase_error                 ? 
_refine.pdbx_refine_id                           'X-RAY DIFFRACTION' 
_refine.pdbx_diffrn_id                           1 
_refine.pdbx_TLS_residual_ADP_flag               ? 
_refine.pdbx_overall_SU_R_free_Cruickshank_DPI   ? 
_refine.pdbx_overall_SU_R_Blow_DPI               ? 
_refine.pdbx_overall_SU_R_free_Blow_DPI          ? 
# 
_refine_analyze.entry_id                        3C6W 
_refine_analyze.Luzzati_coordinate_error_obs    0.19 
_refine_analyze.Luzzati_sigma_a_obs             0.08 
_refine_analyze.Luzzati_d_res_low_obs           1.75 
_refine_analyze.Luzzati_coordinate_error_free   0.21 
_refine_analyze.Luzzati_sigma_a_free            0.15 
_refine_analyze.Luzzati_d_res_low_free          ? 
_refine_analyze.number_disordered_residues      ? 
_refine_analyze.occupancy_sum_non_hydrogen      ? 
_refine_analyze.occupancy_sum_hydrogen          ? 
_refine_analyze.pdbx_Luzzati_d_res_high_obs     ? 
_refine_analyze.pdbx_refine_id                  'X-RAY DIFFRACTION' 
# 
_refine_hist.pdbx_refine_id                   'X-RAY DIFFRACTION' 
_refine_hist.cycle_id                         LAST 
_refine_hist.pdbx_number_atoms_protein        975 
_refine_hist.pdbx_number_atoms_nucleic_acid   0 
_refine_hist.pdbx_number_atoms_ligand         4 
_refine_hist.number_atoms_solvent             137 
_refine_hist.number_atoms_total               1116 
_refine_hist.d_res_high                       1.75 
_refine_hist.d_res_low                        34 
# 
loop_
_refine_ls_restr.type 
_refine_ls_restr.dev_ideal 
_refine_ls_restr.dev_ideal_target 
_refine_ls_restr.weight 
_refine_ls_restr.number 
_refine_ls_restr.pdbx_refine_id 
_refine_ls_restr.pdbx_restraint_function 
c_bond_d           0.007403 ? ? ? 'X-RAY DIFFRACTION' ? 
c_angle_deg        1.33696  ? ? ? 'X-RAY DIFFRACTION' ? 
c_dihedral_angle_d 23.297   ? ? ? 'X-RAY DIFFRACTION' ? 
c_improper_angle_d 1.51967  ? ? ? 'X-RAY DIFFRACTION' ? 
# 
_refine_ls_shell.pdbx_total_number_of_bins_used   ? 
_refine_ls_shell.d_res_high                       1.75 
_refine_ls_shell.d_res_low                        1.81 
_refine_ls_shell.number_reflns_R_work             ? 
_refine_ls_shell.R_factor_R_work                  0.211 
_refine_ls_shell.percent_reflns_obs               ? 
_refine_ls_shell.R_factor_R_free                  0.246 
_refine_ls_shell.R_factor_R_free_error            ? 
_refine_ls_shell.percent_reflns_R_free            ? 
_refine_ls_shell.number_reflns_R_free             157 
_refine_ls_shell.number_reflns_all                ? 
_refine_ls_shell.R_factor_all                     ? 
_refine_ls_shell.number_reflns_obs                1971 
_refine_ls_shell.redundancy_reflns_obs            ? 
_refine_ls_shell.pdbx_refine_id                   'X-RAY DIFFRACTION' 
# 
_struct.entry_id                  3C6W 
_struct.title                     'Crystal structure of the ING5 PHD finger in complex with H3K4me3 peptide' 
_struct.pdbx_model_details        ? 
_struct.pdbx_CASP_flag            ? 
_struct.pdbx_model_type_details   ? 
# 
_struct_keywords.entry_id        3C6W 
_struct_keywords.pdbx_keywords   'METAL BINDING PROTEIN' 
_struct_keywords.text            
;Chromatin, PHD, ING, epigenetics, histone, Alternative splicing, Metal-binding, Phosphoprotein, Zinc, Zinc-finger, METAL BINDING PROTEIN
;
# 
loop_
_struct_asym.id 
_struct_asym.pdbx_blank_PDB_chainid_flag 
_struct_asym.pdbx_modified 
_struct_asym.entity_id 
_struct_asym.details 
A N N 1 ? 
B N N 2 ? 
C N N 1 ? 
D N N 2 ? 
E N N 3 ? 
F N N 3 ? 
G N N 3 ? 
H N N 3 ? 
I N N 4 ? 
J N N 4 ? 
K N N 4 ? 
L N N 4 ? 
# 
loop_
_struct_ref.id 
_struct_ref.db_name 
_struct_ref.db_code 
_struct_ref.pdbx_db_accession 
_struct_ref.entity_id 
_struct_ref.pdbx_seq_one_letter_code 
_struct_ref.pdbx_align_begin 
_struct_ref.pdbx_db_isoform 
1 UNP ING5_HUMAN Q8WYH8 1 NEPTYCLCHQVSYGEMIGCDNPDCPIEWFHFACVDLTTKPKGKWFCPRCVQEK 184 ? 
2 PDB 3C6W       3C6W   2 ?                                                     ?   ? 
# 
loop_
_struct_ref_seq.align_id 
_struct_ref_seq.ref_id 
_struct_ref_seq.pdbx_PDB_id_code 
_struct_ref_seq.pdbx_strand_id 
_struct_ref_seq.seq_align_beg 
_struct_ref_seq.pdbx_seq_align_beg_ins_code 
_struct_ref_seq.seq_align_end 
_struct_ref_seq.pdbx_seq_align_end_ins_code 
_struct_ref_seq.pdbx_db_accession 
_struct_ref_seq.db_align_beg 
_struct_ref_seq.pdbx_db_align_beg_ins_code 
_struct_ref_seq.db_align_end 
_struct_ref_seq.pdbx_db_align_end_ins_code 
_struct_ref_seq.pdbx_auth_seq_align_beg 
_struct_ref_seq.pdbx_auth_seq_align_end 
1 1 3C6W A 7 ? 59 ? Q8WYH8 184 ? 236 ? 184 236 
2 1 3C6W C 7 ? 59 ? Q8WYH8 184 ? 236 ? 184 236 
3 2 3C6W B 1 ? 12 ? 3C6W   1   ? 12  ? 1   12  
4 2 3C6W D 1 ? 12 ? 3C6W   1   ? 12  ? 1   12  
# 
loop_
_struct_ref_seq_dif.align_id 
_struct_ref_seq_dif.pdbx_pdb_id_code 
_struct_ref_seq_dif.mon_id 
_struct_ref_seq_dif.pdbx_pdb_strand_id 
_struct_ref_seq_dif.seq_num 
_struct_ref_seq_dif.pdbx_pdb_ins_code 
_struct_ref_seq_dif.pdbx_seq_db_name 
_struct_ref_seq_dif.pdbx_seq_db_accession_code 
_struct_ref_seq_dif.db_mon_id 
_struct_ref_seq_dif.pdbx_seq_db_seq_num 
_struct_ref_seq_dif.details 
_struct_ref_seq_dif.pdbx_auth_seq_num 
_struct_ref_seq_dif.pdbx_ordinal 
1 3C6W LEU A 1 ? UNP Q8WYH8 ? ? 'expression tag' 178 1  
1 3C6W VAL A 2 ? UNP Q8WYH8 ? ? 'expression tag' 179 2  
1 3C6W CYS A 3 ? UNP Q8WYH8 ? ? 'expression tag' 180 3  
1 3C6W ARG A 4 ? UNP Q8WYH8 ? ? 'expression tag' 181 4  
1 3C6W GLY A 5 ? UNP Q8WYH8 ? ? 'expression tag' 182 5  
1 3C6W SER A 6 ? UNP Q8WYH8 ? ? 'expression tag' 183 6  
2 3C6W LEU C 1 ? UNP Q8WYH8 ? ? 'expression tag' 178 7  
2 3C6W VAL C 2 ? UNP Q8WYH8 ? ? 'expression tag' 179 8  
2 3C6W CYS C 3 ? UNP Q8WYH8 ? ? 'expression tag' 180 9  
2 3C6W ARG C 4 ? UNP Q8WYH8 ? ? 'expression tag' 181 10 
2 3C6W GLY C 5 ? UNP Q8WYH8 ? ? 'expression tag' 182 11 
2 3C6W SER C 6 ? UNP Q8WYH8 ? ? 'expression tag' 183 12 
# 
loop_
_pdbx_struct_assembly.id 
_pdbx_struct_assembly.details 
_pdbx_struct_assembly.method_details 
_pdbx_struct_assembly.oligomeric_details 
_pdbx_struct_assembly.oligomeric_count 
1 author_and_software_defined_assembly PISA dimeric 2 
2 author_and_software_defined_assembly PISA dimeric 2 
# 
loop_
_pdbx_struct_assembly_prop.biol_id 
_pdbx_struct_assembly_prop.type 
_pdbx_struct_assembly_prop.value 
_pdbx_struct_assembly_prop.details 
1 'ABSA (A^2)' 1020 ? 
2 'ABSA (A^2)' 1340 ? 
# 
loop_
_pdbx_struct_assembly_gen.assembly_id 
_pdbx_struct_assembly_gen.oper_expression 
_pdbx_struct_assembly_gen.asym_id_list 
1 1 A,B,E,F,I,J 
2 1 C,D,G,H,K,L 
# 
_pdbx_struct_oper_list.id                   1 
_pdbx_struct_oper_list.type                 'identity operation' 
_pdbx_struct_oper_list.name                 1_555 
_pdbx_struct_oper_list.symmetry_operation   x,y,z 
_pdbx_struct_oper_list.matrix[1][1]         1.0000000000 
_pdbx_struct_oper_list.matrix[1][2]         0.0000000000 
_pdbx_struct_oper_list.matrix[1][3]         0.0000000000 
_pdbx_struct_oper_list.vector[1]            0.0000000000 
_pdbx_struct_oper_list.matrix[2][1]         0.0000000000 
_pdbx_struct_oper_list.matrix[2][2]         1.0000000000 
_pdbx_struct_oper_list.matrix[2][3]         0.0000000000 
_pdbx_struct_oper_list.vector[2]            0.0000000000 
_pdbx_struct_oper_list.matrix[3][1]         0.0000000000 
_pdbx_struct_oper_list.matrix[3][2]         0.0000000000 
_pdbx_struct_oper_list.matrix[3][3]         1.0000000000 
_pdbx_struct_oper_list.vector[3]            0.0000000000 
# 
_struct_biol.id        1 
_struct_biol.details   'The biomolecule is a monomer with a bound peptide' 
# 
loop_
_struct_conf.conf_type_id 
_struct_conf.id 
_struct_conf.pdbx_PDB_helix_id 
_struct_conf.beg_label_comp_id 
_struct_conf.beg_label_asym_id 
_struct_conf.beg_label_seq_id 
_struct_conf.pdbx_beg_PDB_ins_code 
_struct_conf.end_label_comp_id 
_struct_conf.end_label_asym_id 
_struct_conf.end_label_seq_id 
_struct_conf.pdbx_end_PDB_ins_code 
_struct_conf.beg_auth_comp_id 
_struct_conf.beg_auth_asym_id 
_struct_conf.beg_auth_seq_id 
_struct_conf.end_auth_comp_id 
_struct_conf.end_auth_asym_id 
_struct_conf.end_auth_seq_id 
_struct_conf.pdbx_PDB_helix_class 
_struct_conf.details 
_struct_conf.pdbx_PDB_helix_length 
HELX_P HELX_P1 1 ALA A 38 ? ASP A 41 ? ALA A 215 ASP A 218 5 ? 4 
HELX_P HELX_P2 2 CYS A 52 ? GLN A 57 ? CYS A 229 GLN A 234 1 ? 6 
HELX_P HELX_P3 3 ALA C 38 ? ASP C 41 ? ALA C 215 ASP C 218 5 ? 4 
HELX_P HELX_P4 4 CYS C 52 ? GLN C 57 ? CYS C 229 GLN C 234 1 ? 6 
# 
_struct_conf_type.id          HELX_P 
_struct_conf_type.criteria    ? 
_struct_conf_type.reference   ? 
# 
loop_
_struct_conn.id 
_struct_conn.conn_type_id 
_struct_conn.pdbx_leaving_atom_flag 
_struct_conn.pdbx_PDB_id 
_struct_conn.ptnr1_label_asym_id 
_struct_conn.ptnr1_label_comp_id 
_struct_conn.ptnr1_label_seq_id 
_struct_conn.ptnr1_label_atom_id 
_struct_conn.pdbx_ptnr1_label_alt_id 
_struct_conn.pdbx_ptnr1_PDB_ins_code 
_struct_conn.pdbx_ptnr1_standard_comp_id 
_struct_conn.ptnr1_symmetry 
_struct_conn.ptnr2_label_asym_id 
_struct_conn.ptnr2_label_comp_id 
_struct_conn.ptnr2_label_seq_id 
_struct_conn.ptnr2_label_atom_id 
_struct_conn.pdbx_ptnr2_label_alt_id 
_struct_conn.pdbx_ptnr2_PDB_ins_code 
_struct_conn.ptnr1_auth_asym_id 
_struct_conn.ptnr1_auth_comp_id 
_struct_conn.ptnr1_auth_seq_id 
_struct_conn.ptnr2_auth_asym_id 
_struct_conn.ptnr2_auth_comp_id 
_struct_conn.ptnr2_auth_seq_id 
_struct_conn.ptnr2_symmetry 
_struct_conn.pdbx_ptnr3_label_atom_id 
_struct_conn.pdbx_ptnr3_label_seq_id 
_struct_conn.pdbx_ptnr3_label_comp_id 
_struct_conn.pdbx_ptnr3_label_asym_id 
_struct_conn.pdbx_ptnr3_label_alt_id 
_struct_conn.pdbx_ptnr3_PDB_ins_code 
_struct_conn.details 
_struct_conn.pdbx_dist_value 
_struct_conn.pdbx_value_order 
_struct_conn.pdbx_role 
covale1  covale both ? B THR 3 C  ? ? ? 1_555 B M3L 4  N   ? ? B THR 3 B M3L 4   1_555 ? ? ? ? ? ? ? 1.326 ? ? 
covale2  covale both ? B M3L 4 C  ? ? ? 1_555 B GLN 5  N   ? ? B M3L 4 B GLN 5   1_555 ? ? ? ? ? ? ? 1.327 ? ? 
covale3  covale both ? D THR 3 C  ? ? ? 1_555 D M3L 4  N   ? ? D THR 3 D M3L 4   1_555 ? ? ? ? ? ? ? 1.325 ? ? 
covale4  covale both ? D M3L 4 C  ? ? ? 1_555 D GLN 5  N   ? ? D M3L 4 D GLN 5   1_555 ? ? ? ? ? ? ? 1.328 ? ? 
metalc1  metalc ?    ? E ZN  . ZN ? ? ? 1_555 A CYS 12 SG  ? ? A ZN  1 A CYS 189 1_555 ? ? ? ? ? ? ? 2.351 ? ? 
metalc2  metalc ?    ? E ZN  . ZN ? ? ? 1_555 A CYS 14 SG  ? ? A ZN  1 A CYS 191 1_555 ? ? ? ? ? ? ? 2.307 ? ? 
metalc3  metalc ?    ? E ZN  . ZN ? ? ? 1_555 A HIS 36 ND1 ? ? A ZN  1 A HIS 213 1_555 ? ? ? ? ? ? ? 2.802 ? ? 
metalc4  metalc ?    ? E ZN  . ZN ? ? ? 1_555 A CYS 39 SG  ? ? A ZN  1 A CYS 216 1_555 ? ? ? ? ? ? ? 2.251 ? ? 
metalc5  metalc ?    ? F ZN  . ZN ? ? ? 1_555 A CYS 25 SG  ? ? A ZN  2 A CYS 202 1_555 ? ? ? ? ? ? ? 2.329 ? ? 
metalc6  metalc ?    ? F ZN  . ZN ? ? ? 1_555 A CYS 30 SG  ? ? A ZN  2 A CYS 207 1_555 ? ? ? ? ? ? ? 2.299 ? ? 
metalc7  metalc ?    ? F ZN  . ZN ? ? ? 1_555 A CYS 52 SG  ? ? A ZN  2 A CYS 229 1_555 ? ? ? ? ? ? ? 2.311 ? ? 
metalc8  metalc ?    ? F ZN  . ZN ? ? ? 1_555 A CYS 55 SG  ? ? A ZN  2 A CYS 232 1_555 ? ? ? ? ? ? ? 2.316 ? ? 
metalc9  metalc ?    ? G ZN  . ZN ? ? ? 1_555 C CYS 12 SG  ? ? C ZN  3 C CYS 189 1_555 ? ? ? ? ? ? ? 2.304 ? ? 
metalc10 metalc ?    ? G ZN  . ZN ? ? ? 1_555 C CYS 14 SG  ? ? C ZN  3 C CYS 191 1_555 ? ? ? ? ? ? ? 2.320 ? ? 
metalc11 metalc ?    ? G ZN  . ZN ? ? ? 1_555 C CYS 39 SG  ? ? C ZN  3 C CYS 216 1_555 ? ? ? ? ? ? ? 2.264 ? ? 
metalc12 metalc ?    ? H ZN  . ZN ? ? ? 1_555 C CYS 25 SG  ? ? C ZN  4 C CYS 202 1_555 ? ? ? ? ? ? ? 2.336 ? ? 
metalc13 metalc ?    ? H ZN  . ZN ? ? ? 1_555 C CYS 30 SG  ? ? C ZN  4 C CYS 207 1_555 ? ? ? ? ? ? ? 2.284 ? ? 
metalc14 metalc ?    ? H ZN  . ZN ? ? ? 1_555 C CYS 52 SG  ? ? C ZN  4 C CYS 229 1_555 ? ? ? ? ? ? ? 2.320 ? ? 
metalc15 metalc ?    ? H ZN  . ZN ? ? ? 1_555 C CYS 55 SG  ? ? C ZN  4 C CYS 232 1_555 ? ? ? ? ? ? ? 2.304 ? ? 
# 
loop_
_struct_conn_type.id 
_struct_conn_type.criteria 
_struct_conn_type.reference 
covale ? ? 
metalc ? ? 
# 
loop_
_pdbx_struct_conn_angle.id 
_pdbx_struct_conn_angle.ptnr1_label_atom_id 
_pdbx_struct_conn_angle.ptnr1_label_alt_id 
_pdbx_struct_conn_angle.ptnr1_label_asym_id 
_pdbx_struct_conn_angle.ptnr1_label_comp_id 
_pdbx_struct_conn_angle.ptnr1_label_seq_id 
_pdbx_struct_conn_angle.ptnr1_auth_atom_id 
_pdbx_struct_conn_angle.ptnr1_auth_asym_id 
_pdbx_struct_conn_angle.ptnr1_auth_comp_id 
_pdbx_struct_conn_angle.ptnr1_auth_seq_id 
_pdbx_struct_conn_angle.ptnr1_PDB_ins_code 
_pdbx_struct_conn_angle.ptnr1_symmetry 
_pdbx_struct_conn_angle.ptnr2_label_atom_id 
_pdbx_struct_conn_angle.ptnr2_label_alt_id 
_pdbx_struct_conn_angle.ptnr2_label_asym_id 
_pdbx_struct_conn_angle.ptnr2_label_comp_id 
_pdbx_struct_conn_angle.ptnr2_label_seq_id 
_pdbx_struct_conn_angle.ptnr2_auth_atom_id 
_pdbx_struct_conn_angle.ptnr2_auth_asym_id 
_pdbx_struct_conn_angle.ptnr2_auth_comp_id 
_pdbx_struct_conn_angle.ptnr2_auth_seq_id 
_pdbx_struct_conn_angle.ptnr2_PDB_ins_code 
_pdbx_struct_conn_angle.ptnr2_symmetry 
_pdbx_struct_conn_angle.ptnr3_label_atom_id 
_pdbx_struct_conn_angle.ptnr3_label_alt_id 
_pdbx_struct_conn_angle.ptnr3_label_asym_id 
_pdbx_struct_conn_angle.ptnr3_label_comp_id 
_pdbx_struct_conn_angle.ptnr3_label_seq_id 
_pdbx_struct_conn_angle.ptnr3_auth_atom_id 
_pdbx_struct_conn_angle.ptnr3_auth_asym_id 
_pdbx_struct_conn_angle.ptnr3_auth_comp_id 
_pdbx_struct_conn_angle.ptnr3_auth_seq_id 
_pdbx_struct_conn_angle.ptnr3_PDB_ins_code 
_pdbx_struct_conn_angle.ptnr3_symmetry 
_pdbx_struct_conn_angle.value 
_pdbx_struct_conn_angle.value_esd 
1  SG  ? A CYS 12 ? A CYS 189 ? 1_555 ZN ? E ZN . ? A ZN 1 ? 1_555 SG  ? A CYS 14 ? A CYS 191 ? 1_555 115.8 ? 
2  SG  ? A CYS 12 ? A CYS 189 ? 1_555 ZN ? E ZN . ? A ZN 1 ? 1_555 ND1 ? A HIS 36 ? A HIS 213 ? 1_555 97.5  ? 
3  SG  ? A CYS 14 ? A CYS 191 ? 1_555 ZN ? E ZN . ? A ZN 1 ? 1_555 ND1 ? A HIS 36 ? A HIS 213 ? 1_555 92.5  ? 
4  SG  ? A CYS 12 ? A CYS 189 ? 1_555 ZN ? E ZN . ? A ZN 1 ? 1_555 SG  ? A CYS 39 ? A CYS 216 ? 1_555 108.4 ? 
5  SG  ? A CYS 14 ? A CYS 191 ? 1_555 ZN ? E ZN . ? A ZN 1 ? 1_555 SG  ? A CYS 39 ? A CYS 216 ? 1_555 116.9 ? 
6  ND1 ? A HIS 36 ? A HIS 213 ? 1_555 ZN ? E ZN . ? A ZN 1 ? 1_555 SG  ? A CYS 39 ? A CYS 216 ? 1_555 124.1 ? 
7  SG  ? A CYS 25 ? A CYS 202 ? 1_555 ZN ? F ZN . ? A ZN 2 ? 1_555 SG  ? A CYS 30 ? A CYS 207 ? 1_555 110.3 ? 
8  SG  ? A CYS 25 ? A CYS 202 ? 1_555 ZN ? F ZN . ? A ZN 2 ? 1_555 SG  ? A CYS 52 ? A CYS 229 ? 1_555 113.9 ? 
9  SG  ? A CYS 30 ? A CYS 207 ? 1_555 ZN ? F ZN . ? A ZN 2 ? 1_555 SG  ? A CYS 52 ? A CYS 229 ? 1_555 113.6 ? 
10 SG  ? A CYS 25 ? A CYS 202 ? 1_555 ZN ? F ZN . ? A ZN 2 ? 1_555 SG  ? A CYS 55 ? A CYS 232 ? 1_555 107.7 ? 
11 SG  ? A CYS 30 ? A CYS 207 ? 1_555 ZN ? F ZN . ? A ZN 2 ? 1_555 SG  ? A CYS 55 ? A CYS 232 ? 1_555 106.2 ? 
12 SG  ? A CYS 52 ? A CYS 229 ? 1_555 ZN ? F ZN . ? A ZN 2 ? 1_555 SG  ? A CYS 55 ? A CYS 232 ? 1_555 104.5 ? 
13 SG  ? C CYS 12 ? C CYS 189 ? 1_555 ZN ? G ZN . ? C ZN 3 ? 1_555 SG  ? C CYS 14 ? C CYS 191 ? 1_555 116.0 ? 
14 SG  ? C CYS 12 ? C CYS 189 ? 1_555 ZN ? G ZN . ? C ZN 3 ? 1_555 SG  ? C CYS 39 ? C CYS 216 ? 1_555 108.8 ? 
15 SG  ? C CYS 14 ? C CYS 191 ? 1_555 ZN ? G ZN . ? C ZN 3 ? 1_555 SG  ? C CYS 39 ? C CYS 216 ? 1_555 116.9 ? 
16 SG  ? C CYS 25 ? C CYS 202 ? 1_555 ZN ? H ZN . ? C ZN 4 ? 1_555 SG  ? C CYS 30 ? C CYS 207 ? 1_555 111.4 ? 
17 SG  ? C CYS 25 ? C CYS 202 ? 1_555 ZN ? H ZN . ? C ZN 4 ? 1_555 SG  ? C CYS 52 ? C CYS 229 ? 1_555 114.4 ? 
18 SG  ? C CYS 30 ? C CYS 207 ? 1_555 ZN ? H ZN . ? C ZN 4 ? 1_555 SG  ? C CYS 52 ? C CYS 229 ? 1_555 112.3 ? 
19 SG  ? C CYS 25 ? C CYS 202 ? 1_555 ZN ? H ZN . ? C ZN 4 ? 1_555 SG  ? C CYS 55 ? C CYS 232 ? 1_555 106.2 ? 
20 SG  ? C CYS 30 ? C CYS 207 ? 1_555 ZN ? H ZN . ? C ZN 4 ? 1_555 SG  ? C CYS 55 ? C CYS 232 ? 1_555 107.4 ? 
21 SG  ? C CYS 52 ? C CYS 229 ? 1_555 ZN ? H ZN . ? C ZN 4 ? 1_555 SG  ? C CYS 55 ? C CYS 232 ? 1_555 104.5 ? 
# 
loop_
_pdbx_modification_feature.ordinal 
_pdbx_modification_feature.label_comp_id 
_pdbx_modification_feature.label_asym_id 
_pdbx_modification_feature.label_seq_id 
_pdbx_modification_feature.label_alt_id 
_pdbx_modification_feature.modified_residue_label_comp_id 
_pdbx_modification_feature.modified_residue_label_asym_id 
_pdbx_modification_feature.modified_residue_label_seq_id 
_pdbx_modification_feature.modified_residue_label_alt_id 
_pdbx_modification_feature.auth_comp_id 
_pdbx_modification_feature.auth_asym_id 
_pdbx_modification_feature.auth_seq_id 
_pdbx_modification_feature.PDB_ins_code 
_pdbx_modification_feature.symmetry 
_pdbx_modification_feature.modified_residue_auth_comp_id 
_pdbx_modification_feature.modified_residue_auth_asym_id 
_pdbx_modification_feature.modified_residue_auth_seq_id 
_pdbx_modification_feature.modified_residue_PDB_ins_code 
_pdbx_modification_feature.modified_residue_symmetry 
_pdbx_modification_feature.comp_id_linking_atom 
_pdbx_modification_feature.modified_residue_id_linking_atom 
_pdbx_modification_feature.modified_residue_id 
_pdbx_modification_feature.ref_pcm_id 
_pdbx_modification_feature.ref_comp_id 
_pdbx_modification_feature.type 
_pdbx_modification_feature.category 
1 M3L B 4 ? . . . . M3L B 4 ? 1_555 . . . . . . . LYS 1 M3L Methylation 'Named protein modification' 
2 M3L D 4 ? . . . . M3L D 4 ? 1_555 . . . . . . . LYS 1 M3L Methylation 'Named protein modification' 
# 
loop_
_struct_sheet.id 
_struct_sheet.type 
_struct_sheet.number_strands 
_struct_sheet.details 
A ? 2 ? 
B ? 3 ? 
C ? 3 ? 
# 
loop_
_struct_sheet_order.sheet_id 
_struct_sheet_order.range_id_1 
_struct_sheet_order.range_id_2 
_struct_sheet_order.offset 
_struct_sheet_order.sense 
A 1 2 ? anti-parallel 
B 1 2 ? anti-parallel 
B 2 3 ? anti-parallel 
C 1 2 ? anti-parallel 
C 2 3 ? anti-parallel 
# 
loop_
_struct_sheet_range.sheet_id 
_struct_sheet_range.id 
_struct_sheet_range.beg_label_comp_id 
_struct_sheet_range.beg_label_asym_id 
_struct_sheet_range.beg_label_seq_id 
_struct_sheet_range.pdbx_beg_PDB_ins_code 
_struct_sheet_range.end_label_comp_id 
_struct_sheet_range.end_label_asym_id 
_struct_sheet_range.end_label_seq_id 
_struct_sheet_range.pdbx_end_PDB_ins_code 
_struct_sheet_range.beg_auth_comp_id 
_struct_sheet_range.beg_auth_asym_id 
_struct_sheet_range.beg_auth_seq_id 
_struct_sheet_range.end_auth_comp_id 
_struct_sheet_range.end_auth_asym_id 
_struct_sheet_range.end_auth_seq_id 
A 1 THR A 10 ? TYR A 11 ? THR A 187 TYR A 188 
A 2 GLN A 16 ? VAL A 17 ? GLN A 193 VAL A 194 
B 1 TRP A 34 ? HIS A 36 ? TRP A 211 HIS A 213 
B 2 GLU A 21 ? GLY A 24 ? GLU A 198 GLY A 201 
B 3 THR B 3  ? GLN B 5  ? THR B 3   GLN B 5   
C 1 TRP C 34 ? HIS C 36 ? TRP C 211 HIS C 213 
C 2 MET C 22 ? GLY C 24 ? MET C 199 GLY C 201 
C 3 ARG D 2  ? M3L D 4  ? ARG D 2   M3L D 4   
# 
loop_
_pdbx_struct_sheet_hbond.sheet_id 
_pdbx_struct_sheet_hbond.range_id_1 
_pdbx_struct_sheet_hbond.range_id_2 
_pdbx_struct_sheet_hbond.range_1_label_atom_id 
_pdbx_struct_sheet_hbond.range_1_label_comp_id 
_pdbx_struct_sheet_hbond.range_1_label_asym_id 
_pdbx_struct_sheet_hbond.range_1_label_seq_id 
_pdbx_struct_sheet_hbond.range_1_PDB_ins_code 
_pdbx_struct_sheet_hbond.range_1_auth_atom_id 
_pdbx_struct_sheet_hbond.range_1_auth_comp_id 
_pdbx_struct_sheet_hbond.range_1_auth_asym_id 
_pdbx_struct_sheet_hbond.range_1_auth_seq_id 
_pdbx_struct_sheet_hbond.range_2_label_atom_id 
_pdbx_struct_sheet_hbond.range_2_label_comp_id 
_pdbx_struct_sheet_hbond.range_2_label_asym_id 
_pdbx_struct_sheet_hbond.range_2_label_seq_id 
_pdbx_struct_sheet_hbond.range_2_PDB_ins_code 
_pdbx_struct_sheet_hbond.range_2_auth_atom_id 
_pdbx_struct_sheet_hbond.range_2_auth_comp_id 
_pdbx_struct_sheet_hbond.range_2_auth_asym_id 
_pdbx_struct_sheet_hbond.range_2_auth_seq_id 
A 1 2 N TYR A 11 ? N TYR A 188 O GLN A 16 ? O GLN A 193 
B 1 2 O PHE A 35 ? O PHE A 212 N ILE A 23 ? N ILE A 200 
B 2 3 N MET A 22 ? N MET A 199 O M3L B 4  ? O M3L B 4   
C 1 2 O PHE C 35 ? O PHE C 212 N ILE C 23 ? N ILE C 200 
C 2 3 N GLY C 24 ? N GLY C 201 O ARG D 2  ? O ARG D 2   
# 
loop_
_struct_site.id 
_struct_site.pdbx_evidence_code 
_struct_site.pdbx_auth_asym_id 
_struct_site.pdbx_auth_comp_id 
_struct_site.pdbx_auth_seq_id 
_struct_site.pdbx_auth_ins_code 
_struct_site.pdbx_num_residues 
_struct_site.details 
AC1 Software A ZN 1 ? 4 'BINDING SITE FOR RESIDUE ZN A 1' 
AC2 Software A ZN 2 ? 4 'BINDING SITE FOR RESIDUE ZN A 2' 
AC3 Software C ZN 3 ? 4 'BINDING SITE FOR RESIDUE ZN C 3' 
AC4 Software C ZN 4 ? 4 'BINDING SITE FOR RESIDUE ZN C 4' 
# 
loop_
_struct_site_gen.id 
_struct_site_gen.site_id 
_struct_site_gen.pdbx_num_res 
_struct_site_gen.label_comp_id 
_struct_site_gen.label_asym_id 
_struct_site_gen.label_seq_id 
_struct_site_gen.pdbx_auth_ins_code 
_struct_site_gen.auth_comp_id 
_struct_site_gen.auth_asym_id 
_struct_site_gen.auth_seq_id 
_struct_site_gen.label_atom_id 
_struct_site_gen.label_alt_id 
_struct_site_gen.symmetry 
_struct_site_gen.details 
1  AC1 4 CYS A 12 ? CYS A 189 . ? 1_555 ? 
2  AC1 4 CYS A 14 ? CYS A 191 . ? 1_555 ? 
3  AC1 4 HIS A 36 ? HIS A 213 . ? 1_555 ? 
4  AC1 4 CYS A 39 ? CYS A 216 . ? 1_555 ? 
5  AC2 4 CYS A 25 ? CYS A 202 . ? 1_555 ? 
6  AC2 4 CYS A 30 ? CYS A 207 . ? 1_555 ? 
7  AC2 4 CYS A 52 ? CYS A 229 . ? 1_555 ? 
8  AC2 4 CYS A 55 ? CYS A 232 . ? 1_555 ? 
9  AC3 4 CYS C 12 ? CYS C 189 . ? 1_555 ? 
10 AC3 4 CYS C 14 ? CYS C 191 . ? 1_555 ? 
11 AC3 4 HIS C 36 ? HIS C 213 . ? 1_555 ? 
12 AC3 4 CYS C 39 ? CYS C 216 . ? 1_555 ? 
13 AC4 4 CYS C 25 ? CYS C 202 . ? 1_555 ? 
14 AC4 4 CYS C 30 ? CYS C 207 . ? 1_555 ? 
15 AC4 4 CYS C 52 ? CYS C 229 . ? 1_555 ? 
16 AC4 4 CYS C 55 ? CYS C 232 . ? 1_555 ? 
# 
_pdbx_entry_details.entry_id                   3C6W 
_pdbx_entry_details.compound_details           ? 
_pdbx_entry_details.source_details             ? 
_pdbx_entry_details.nonpolymer_details         ? 
_pdbx_entry_details.sequence_details           ? 
_pdbx_entry_details.has_ligand_of_interest     ? 
_pdbx_entry_details.has_protein_modification   Y 
# 
loop_
_pdbx_validate_close_contact.id 
_pdbx_validate_close_contact.PDB_model_num 
_pdbx_validate_close_contact.auth_atom_id_1 
_pdbx_validate_close_contact.auth_asym_id_1 
_pdbx_validate_close_contact.auth_comp_id_1 
_pdbx_validate_close_contact.auth_seq_id_1 
_pdbx_validate_close_contact.PDB_ins_code_1 
_pdbx_validate_close_contact.label_alt_id_1 
_pdbx_validate_close_contact.auth_atom_id_2 
_pdbx_validate_close_contact.auth_asym_id_2 
_pdbx_validate_close_contact.auth_comp_id_2 
_pdbx_validate_close_contact.auth_seq_id_2 
_pdbx_validate_close_contact.PDB_ins_code_2 
_pdbx_validate_close_contact.label_alt_id_2 
_pdbx_validate_close_contact.dist 
1 1 NZ A LYS 226 ? ? O A HOH 267 ? ? 1.90 
2 1 O  A HOH 251 ? ? O A HOH 286 ? ? 2.06 
# 
_pdbx_validate_symm_contact.id                1 
_pdbx_validate_symm_contact.PDB_model_num     1 
_pdbx_validate_symm_contact.auth_atom_id_1    O 
_pdbx_validate_symm_contact.auth_asym_id_1    A 
_pdbx_validate_symm_contact.auth_comp_id_1    HOH 
_pdbx_validate_symm_contact.auth_seq_id_1     260 
_pdbx_validate_symm_contact.PDB_ins_code_1    ? 
_pdbx_validate_symm_contact.label_alt_id_1    ? 
_pdbx_validate_symm_contact.site_symmetry_1   1_555 
_pdbx_validate_symm_contact.auth_atom_id_2    O 
_pdbx_validate_symm_contact.auth_asym_id_2    A 
_pdbx_validate_symm_contact.auth_comp_id_2    HOH 
_pdbx_validate_symm_contact.auth_seq_id_2     288 
_pdbx_validate_symm_contact.PDB_ins_code_2    ? 
_pdbx_validate_symm_contact.label_alt_id_2    ? 
_pdbx_validate_symm_contact.site_symmetry_2   3_554 
_pdbx_validate_symm_contact.dist              0.13 
# 
_pdbx_validate_rmsd_angle.id                         1 
_pdbx_validate_rmsd_angle.PDB_model_num              1 
_pdbx_validate_rmsd_angle.auth_atom_id_1             O 
_pdbx_validate_rmsd_angle.auth_asym_id_1             C 
_pdbx_validate_rmsd_angle.auth_comp_id_1             ASN 
_pdbx_validate_rmsd_angle.auth_seq_id_1              184 
_pdbx_validate_rmsd_angle.PDB_ins_code_1             ? 
_pdbx_validate_rmsd_angle.label_alt_id_1             ? 
_pdbx_validate_rmsd_angle.auth_atom_id_2             C 
_pdbx_validate_rmsd_angle.auth_asym_id_2             C 
_pdbx_validate_rmsd_angle.auth_comp_id_2             ASN 
_pdbx_validate_rmsd_angle.auth_seq_id_2              184 
_pdbx_validate_rmsd_angle.PDB_ins_code_2             ? 
_pdbx_validate_rmsd_angle.label_alt_id_2             ? 
_pdbx_validate_rmsd_angle.auth_atom_id_3             N 
_pdbx_validate_rmsd_angle.auth_asym_id_3             C 
_pdbx_validate_rmsd_angle.auth_comp_id_3             GLU 
_pdbx_validate_rmsd_angle.auth_seq_id_3              185 
_pdbx_validate_rmsd_angle.PDB_ins_code_3             ? 
_pdbx_validate_rmsd_angle.label_alt_id_3             ? 
_pdbx_validate_rmsd_angle.angle_value                108.96 
_pdbx_validate_rmsd_angle.angle_target_value         122.70 
_pdbx_validate_rmsd_angle.angle_deviation            -13.74 
_pdbx_validate_rmsd_angle.angle_standard_deviation   1.60 
_pdbx_validate_rmsd_angle.linker_flag                Y 
# 
loop_
_pdbx_validate_torsion.id 
_pdbx_validate_torsion.PDB_model_num 
_pdbx_validate_torsion.auth_comp_id 
_pdbx_validate_torsion.auth_asym_id 
_pdbx_validate_torsion.auth_seq_id 
_pdbx_validate_torsion.PDB_ins_code 
_pdbx_validate_torsion.label_alt_id 
_pdbx_validate_torsion.phi 
_pdbx_validate_torsion.psi 
1 1 PRO A 186 ? ? -43.89 150.81  
2 1 CYS A 189 ? ? 65.99  -176.99 
3 1 GLU A 210 ? ? 74.37  -49.43  
4 1 CYS C 189 ? ? 67.64  -178.95 
5 1 GLU C 210 ? ? 70.64  -54.98  
# 
_pdbx_validate_main_chain_plane.id                       1 
_pdbx_validate_main_chain_plane.PDB_model_num            1 
_pdbx_validate_main_chain_plane.auth_comp_id             ASN 
_pdbx_validate_main_chain_plane.auth_asym_id             C 
_pdbx_validate_main_chain_plane.auth_seq_id              184 
_pdbx_validate_main_chain_plane.PDB_ins_code             ? 
_pdbx_validate_main_chain_plane.label_alt_id             ? 
_pdbx_validate_main_chain_plane.improper_torsion_angle   -24.23 
# 
loop_
_pdbx_struct_mod_residue.id 
_pdbx_struct_mod_residue.label_asym_id 
_pdbx_struct_mod_residue.label_comp_id 
_pdbx_struct_mod_residue.label_seq_id 
_pdbx_struct_mod_residue.auth_asym_id 
_pdbx_struct_mod_residue.auth_comp_id 
_pdbx_struct_mod_residue.auth_seq_id 
_pdbx_struct_mod_residue.PDB_ins_code 
_pdbx_struct_mod_residue.parent_comp_id 
_pdbx_struct_mod_residue.details 
1 B M3L 4 B M3L 4 ? LYS N-TRIMETHYLLYSINE 
2 D M3L 4 D M3L 4 ? LYS N-TRIMETHYLLYSINE 
# 
loop_
_pdbx_unobs_or_zero_occ_residues.id 
_pdbx_unobs_or_zero_occ_residues.PDB_model_num 
_pdbx_unobs_or_zero_occ_residues.polymer_flag 
_pdbx_unobs_or_zero_occ_residues.occupancy_flag 
_pdbx_unobs_or_zero_occ_residues.auth_asym_id 
_pdbx_unobs_or_zero_occ_residues.auth_comp_id 
_pdbx_unobs_or_zero_occ_residues.auth_seq_id 
_pdbx_unobs_or_zero_occ_residues.PDB_ins_code 
_pdbx_unobs_or_zero_occ_residues.label_asym_id 
_pdbx_unobs_or_zero_occ_residues.label_comp_id 
_pdbx_unobs_or_zero_occ_residues.label_seq_id 
1  1 Y 1 A LEU 178 ? A LEU 1  
2  1 Y 1 A VAL 179 ? A VAL 2  
3  1 Y 1 A CYS 180 ? A CYS 3  
4  1 Y 1 A ARG 181 ? A ARG 4  
5  1 Y 1 A GLY 182 ? A GLY 5  
6  1 Y 1 A SER 183 ? A SER 6  
7  1 Y 1 A ASN 184 ? A ASN 7  
8  1 Y 1 A LYS 236 ? A LYS 59 
9  1 Y 1 B ARG 8   ? B ARG 8  
10 1 Y 1 B LYS 9   ? B LYS 9  
11 1 Y 1 B SER 10  ? B SER 10 
12 1 Y 1 B THR 11  ? B THR 11 
13 1 Y 1 B GLY 12  ? B GLY 12 
14 1 Y 1 C LEU 178 ? C LEU 1  
15 1 Y 1 C VAL 179 ? C VAL 2  
16 1 Y 1 C CYS 180 ? C CYS 3  
17 1 Y 1 C ARG 181 ? C ARG 4  
18 1 Y 1 C GLY 182 ? C GLY 5  
19 1 Y 1 C SER 183 ? C SER 6  
20 1 Y 1 C LYS 236 ? C LYS 59 
21 1 Y 1 D GLY 12  ? D GLY 12 
# 
loop_
_chem_comp_atom.comp_id 
_chem_comp_atom.atom_id 
_chem_comp_atom.type_symbol 
_chem_comp_atom.pdbx_aromatic_flag 
_chem_comp_atom.pdbx_stereo_config 
_chem_comp_atom.pdbx_ordinal 
ALA N    N  N N 1   
ALA CA   C  N S 2   
ALA C    C  N N 3   
ALA O    O  N N 4   
ALA CB   C  N N 5   
ALA OXT  O  N N 6   
ALA H    H  N N 7   
ALA H2   H  N N 8   
ALA HA   H  N N 9   
ALA HB1  H  N N 10  
ALA HB2  H  N N 11  
ALA HB3  H  N N 12  
ALA HXT  H  N N 13  
ARG N    N  N N 14  
ARG CA   C  N S 15  
ARG C    C  N N 16  
ARG O    O  N N 17  
ARG CB   C  N N 18  
ARG CG   C  N N 19  
ARG CD   C  N N 20  
ARG NE   N  N N 21  
ARG CZ   C  N N 22  
ARG NH1  N  N N 23  
ARG NH2  N  N N 24  
ARG OXT  O  N N 25  
ARG H    H  N N 26  
ARG H2   H  N N 27  
ARG HA   H  N N 28  
ARG HB2  H  N N 29  
ARG HB3  H  N N 30  
ARG HG2  H  N N 31  
ARG HG3  H  N N 32  
ARG HD2  H  N N 33  
ARG HD3  H  N N 34  
ARG HE   H  N N 35  
ARG HH11 H  N N 36  
ARG HH12 H  N N 37  
ARG HH21 H  N N 38  
ARG HH22 H  N N 39  
ARG HXT  H  N N 40  
ASN N    N  N N 41  
ASN CA   C  N S 42  
ASN C    C  N N 43  
ASN O    O  N N 44  
ASN CB   C  N N 45  
ASN CG   C  N N 46  
ASN OD1  O  N N 47  
ASN ND2  N  N N 48  
ASN OXT  O  N N 49  
ASN H    H  N N 50  
ASN H2   H  N N 51  
ASN HA   H  N N 52  
ASN HB2  H  N N 53  
ASN HB3  H  N N 54  
ASN HD21 H  N N 55  
ASN HD22 H  N N 56  
ASN HXT  H  N N 57  
ASP N    N  N N 58  
ASP CA   C  N S 59  
ASP C    C  N N 60  
ASP O    O  N N 61  
ASP CB   C  N N 62  
ASP CG   C  N N 63  
ASP OD1  O  N N 64  
ASP OD2  O  N N 65  
ASP OXT  O  N N 66  
ASP H    H  N N 67  
ASP H2   H  N N 68  
ASP HA   H  N N 69  
ASP HB2  H  N N 70  
ASP HB3  H  N N 71  
ASP HD2  H  N N 72  
ASP HXT  H  N N 73  
CYS N    N  N N 74  
CYS CA   C  N R 75  
CYS C    C  N N 76  
CYS O    O  N N 77  
CYS CB   C  N N 78  
CYS SG   S  N N 79  
CYS OXT  O  N N 80  
CYS H    H  N N 81  
CYS H2   H  N N 82  
CYS HA   H  N N 83  
CYS HB2  H  N N 84  
CYS HB3  H  N N 85  
CYS HG   H  N N 86  
CYS HXT  H  N N 87  
GLN N    N  N N 88  
GLN CA   C  N S 89  
GLN C    C  N N 90  
GLN O    O  N N 91  
GLN CB   C  N N 92  
GLN CG   C  N N 93  
GLN CD   C  N N 94  
GLN OE1  O  N N 95  
GLN NE2  N  N N 96  
GLN OXT  O  N N 97  
GLN H    H  N N 98  
GLN H2   H  N N 99  
GLN HA   H  N N 100 
GLN HB2  H  N N 101 
GLN HB3  H  N N 102 
GLN HG2  H  N N 103 
GLN HG3  H  N N 104 
GLN HE21 H  N N 105 
GLN HE22 H  N N 106 
GLN HXT  H  N N 107 
GLU N    N  N N 108 
GLU CA   C  N S 109 
GLU C    C  N N 110 
GLU O    O  N N 111 
GLU CB   C  N N 112 
GLU CG   C  N N 113 
GLU CD   C  N N 114 
GLU OE1  O  N N 115 
GLU OE2  O  N N 116 
GLU OXT  O  N N 117 
GLU H    H  N N 118 
GLU H2   H  N N 119 
GLU HA   H  N N 120 
GLU HB2  H  N N 121 
GLU HB3  H  N N 122 
GLU HG2  H  N N 123 
GLU HG3  H  N N 124 
GLU HE2  H  N N 125 
GLU HXT  H  N N 126 
GLY N    N  N N 127 
GLY CA   C  N N 128 
GLY C    C  N N 129 
GLY O    O  N N 130 
GLY OXT  O  N N 131 
GLY H    H  N N 132 
GLY H2   H  N N 133 
GLY HA2  H  N N 134 
GLY HA3  H  N N 135 
GLY HXT  H  N N 136 
HIS N    N  N N 137 
HIS CA   C  N S 138 
HIS C    C  N N 139 
HIS O    O  N N 140 
HIS CB   C  N N 141 
HIS CG   C  Y N 142 
HIS ND1  N  Y N 143 
HIS CD2  C  Y N 144 
HIS CE1  C  Y N 145 
HIS NE2  N  Y N 146 
HIS OXT  O  N N 147 
HIS H    H  N N 148 
HIS H2   H  N N 149 
HIS HA   H  N N 150 
HIS HB2  H  N N 151 
HIS HB3  H  N N 152 
HIS HD1  H  N N 153 
HIS HD2  H  N N 154 
HIS HE1  H  N N 155 
HIS HE2  H  N N 156 
HIS HXT  H  N N 157 
HOH O    O  N N 158 
HOH H1   H  N N 159 
HOH H2   H  N N 160 
ILE N    N  N N 161 
ILE CA   C  N S 162 
ILE C    C  N N 163 
ILE O    O  N N 164 
ILE CB   C  N S 165 
ILE CG1  C  N N 166 
ILE CG2  C  N N 167 
ILE CD1  C  N N 168 
ILE OXT  O  N N 169 
ILE H    H  N N 170 
ILE H2   H  N N 171 
ILE HA   H  N N 172 
ILE HB   H  N N 173 
ILE HG12 H  N N 174 
ILE HG13 H  N N 175 
ILE HG21 H  N N 176 
ILE HG22 H  N N 177 
ILE HG23 H  N N 178 
ILE HD11 H  N N 179 
ILE HD12 H  N N 180 
ILE HD13 H  N N 181 
ILE HXT  H  N N 182 
LEU N    N  N N 183 
LEU CA   C  N S 184 
LEU C    C  N N 185 
LEU O    O  N N 186 
LEU CB   C  N N 187 
LEU CG   C  N N 188 
LEU CD1  C  N N 189 
LEU CD2  C  N N 190 
LEU OXT  O  N N 191 
LEU H    H  N N 192 
LEU H2   H  N N 193 
LEU HA   H  N N 194 
LEU HB2  H  N N 195 
LEU HB3  H  N N 196 
LEU HG   H  N N 197 
LEU HD11 H  N N 198 
LEU HD12 H  N N 199 
LEU HD13 H  N N 200 
LEU HD21 H  N N 201 
LEU HD22 H  N N 202 
LEU HD23 H  N N 203 
LEU HXT  H  N N 204 
LYS N    N  N N 205 
LYS CA   C  N S 206 
LYS C    C  N N 207 
LYS O    O  N N 208 
LYS CB   C  N N 209 
LYS CG   C  N N 210 
LYS CD   C  N N 211 
LYS CE   C  N N 212 
LYS NZ   N  N N 213 
LYS OXT  O  N N 214 
LYS H    H  N N 215 
LYS H2   H  N N 216 
LYS HA   H  N N 217 
LYS HB2  H  N N 218 
LYS HB3  H  N N 219 
LYS HG2  H  N N 220 
LYS HG3  H  N N 221 
LYS HD2  H  N N 222 
LYS HD3  H  N N 223 
LYS HE2  H  N N 224 
LYS HE3  H  N N 225 
LYS HZ1  H  N N 226 
LYS HZ2  H  N N 227 
LYS HZ3  H  N N 228 
LYS HXT  H  N N 229 
M3L N    N  N N 230 
M3L CA   C  N S 231 
M3L CB   C  N N 232 
M3L CG   C  N N 233 
M3L CD   C  N N 234 
M3L CE   C  N N 235 
M3L NZ   N  N N 236 
M3L C    C  N N 237 
M3L O    O  N N 238 
M3L OXT  O  N N 239 
M3L CM1  C  N N 240 
M3L CM2  C  N N 241 
M3L CM3  C  N N 242 
M3L H    H  N N 243 
M3L H2   H  N N 244 
M3L HA   H  N N 245 
M3L HB2  H  N N 246 
M3L HB3  H  N N 247 
M3L HG2  H  N N 248 
M3L HG3  H  N N 249 
M3L HD2  H  N N 250 
M3L HD3  H  N N 251 
M3L HE2  H  N N 252 
M3L HE3  H  N N 253 
M3L HXT  H  N N 254 
M3L HM11 H  N N 255 
M3L HM12 H  N N 256 
M3L HM13 H  N N 257 
M3L HM21 H  N N 258 
M3L HM22 H  N N 259 
M3L HM23 H  N N 260 
M3L HM31 H  N N 261 
M3L HM32 H  N N 262 
M3L HM33 H  N N 263 
MET N    N  N N 264 
MET CA   C  N S 265 
MET C    C  N N 266 
MET O    O  N N 267 
MET CB   C  N N 268 
MET CG   C  N N 269 
MET SD   S  N N 270 
MET CE   C  N N 271 
MET OXT  O  N N 272 
MET H    H  N N 273 
MET H2   H  N N 274 
MET HA   H  N N 275 
MET HB2  H  N N 276 
MET HB3  H  N N 277 
MET HG2  H  N N 278 
MET HG3  H  N N 279 
MET HE1  H  N N 280 
MET HE2  H  N N 281 
MET HE3  H  N N 282 
MET HXT  H  N N 283 
PHE N    N  N N 284 
PHE CA   C  N S 285 
PHE C    C  N N 286 
PHE O    O  N N 287 
PHE CB   C  N N 288 
PHE CG   C  Y N 289 
PHE CD1  C  Y N 290 
PHE CD2  C  Y N 291 
PHE CE1  C  Y N 292 
PHE CE2  C  Y N 293 
PHE CZ   C  Y N 294 
PHE OXT  O  N N 295 
PHE H    H  N N 296 
PHE H2   H  N N 297 
PHE HA   H  N N 298 
PHE HB2  H  N N 299 
PHE HB3  H  N N 300 
PHE HD1  H  N N 301 
PHE HD2  H  N N 302 
PHE HE1  H  N N 303 
PHE HE2  H  N N 304 
PHE HZ   H  N N 305 
PHE HXT  H  N N 306 
PRO N    N  N N 307 
PRO CA   C  N S 308 
PRO C    C  N N 309 
PRO O    O  N N 310 
PRO CB   C  N N 311 
PRO CG   C  N N 312 
PRO CD   C  N N 313 
PRO OXT  O  N N 314 
PRO H    H  N N 315 
PRO HA   H  N N 316 
PRO HB2  H  N N 317 
PRO HB3  H  N N 318 
PRO HG2  H  N N 319 
PRO HG3  H  N N 320 
PRO HD2  H  N N 321 
PRO HD3  H  N N 322 
PRO HXT  H  N N 323 
SER N    N  N N 324 
SER CA   C  N S 325 
SER C    C  N N 326 
SER O    O  N N 327 
SER CB   C  N N 328 
SER OG   O  N N 329 
SER OXT  O  N N 330 
SER H    H  N N 331 
SER H2   H  N N 332 
SER HA   H  N N 333 
SER HB2  H  N N 334 
SER HB3  H  N N 335 
SER HG   H  N N 336 
SER HXT  H  N N 337 
THR N    N  N N 338 
THR CA   C  N S 339 
THR C    C  N N 340 
THR O    O  N N 341 
THR CB   C  N R 342 
THR OG1  O  N N 343 
THR CG2  C  N N 344 
THR OXT  O  N N 345 
THR H    H  N N 346 
THR H2   H  N N 347 
THR HA   H  N N 348 
THR HB   H  N N 349 
THR HG1  H  N N 350 
THR HG21 H  N N 351 
THR HG22 H  N N 352 
THR HG23 H  N N 353 
THR HXT  H  N N 354 
TRP N    N  N N 355 
TRP CA   C  N S 356 
TRP C    C  N N 357 
TRP O    O  N N 358 
TRP CB   C  N N 359 
TRP CG   C  Y N 360 
TRP CD1  C  Y N 361 
TRP CD2  C  Y N 362 
TRP NE1  N  Y N 363 
TRP CE2  C  Y N 364 
TRP CE3  C  Y N 365 
TRP CZ2  C  Y N 366 
TRP CZ3  C  Y N 367 
TRP CH2  C  Y N 368 
TRP OXT  O  N N 369 
TRP H    H  N N 370 
TRP H2   H  N N 371 
TRP HA   H  N N 372 
TRP HB2  H  N N 373 
TRP HB3  H  N N 374 
TRP HD1  H  N N 375 
TRP HE1  H  N N 376 
TRP HE3  H  N N 377 
TRP HZ2  H  N N 378 
TRP HZ3  H  N N 379 
TRP HH2  H  N N 380 
TRP HXT  H  N N 381 
TYR N    N  N N 382 
TYR CA   C  N S 383 
TYR C    C  N N 384 
TYR O    O  N N 385 
TYR CB   C  N N 386 
TYR CG   C  Y N 387 
TYR CD1  C  Y N 388 
TYR CD2  C  Y N 389 
TYR CE1  C  Y N 390 
TYR CE2  C  Y N 391 
TYR CZ   C  Y N 392 
TYR OH   O  N N 393 
TYR OXT  O  N N 394 
TYR H    H  N N 395 
TYR H2   H  N N 396 
TYR HA   H  N N 397 
TYR HB2  H  N N 398 
TYR HB3  H  N N 399 
TYR HD1  H  N N 400 
TYR HD2  H  N N 401 
TYR HE1  H  N N 402 
TYR HE2  H  N N 403 
TYR HH   H  N N 404 
TYR HXT  H  N N 405 
VAL N    N  N N 406 
VAL CA   C  N S 407 
VAL C    C  N N 408 
VAL O    O  N N 409 
VAL CB   C  N N 410 
VAL CG1  C  N N 411 
VAL CG2  C  N N 412 
VAL OXT  O  N N 413 
VAL H    H  N N 414 
VAL H2   H  N N 415 
VAL HA   H  N N 416 
VAL HB   H  N N 417 
VAL HG11 H  N N 418 
VAL HG12 H  N N 419 
VAL HG13 H  N N 420 
VAL HG21 H  N N 421 
VAL HG22 H  N N 422 
VAL HG23 H  N N 423 
VAL HXT  H  N N 424 
ZN  ZN   ZN N N 425 
# 
loop_
_chem_comp_bond.comp_id 
_chem_comp_bond.atom_id_1 
_chem_comp_bond.atom_id_2 
_chem_comp_bond.value_order 
_chem_comp_bond.pdbx_aromatic_flag 
_chem_comp_bond.pdbx_stereo_config 
_chem_comp_bond.pdbx_ordinal 
ALA N   CA   sing N N 1   
ALA N   H    sing N N 2   
ALA N   H2   sing N N 3   
ALA CA  C    sing N N 4   
ALA CA  CB   sing N N 5   
ALA CA  HA   sing N N 6   
ALA C   O    doub N N 7   
ALA C   OXT  sing N N 8   
ALA CB  HB1  sing N N 9   
ALA CB  HB2  sing N N 10  
ALA CB  HB3  sing N N 11  
ALA OXT HXT  sing N N 12  
ARG N   CA   sing N N 13  
ARG N   H    sing N N 14  
ARG N   H2   sing N N 15  
ARG CA  C    sing N N 16  
ARG CA  CB   sing N N 17  
ARG CA  HA   sing N N 18  
ARG C   O    doub N N 19  
ARG C   OXT  sing N N 20  
ARG CB  CG   sing N N 21  
ARG CB  HB2  sing N N 22  
ARG CB  HB3  sing N N 23  
ARG CG  CD   sing N N 24  
ARG CG  HG2  sing N N 25  
ARG CG  HG3  sing N N 26  
ARG CD  NE   sing N N 27  
ARG CD  HD2  sing N N 28  
ARG CD  HD3  sing N N 29  
ARG NE  CZ   sing N N 30  
ARG NE  HE   sing N N 31  
ARG CZ  NH1  sing N N 32  
ARG CZ  NH2  doub N N 33  
ARG NH1 HH11 sing N N 34  
ARG NH1 HH12 sing N N 35  
ARG NH2 HH21 sing N N 36  
ARG NH2 HH22 sing N N 37  
ARG OXT HXT  sing N N 38  
ASN N   CA   sing N N 39  
ASN N   H    sing N N 40  
ASN N   H2   sing N N 41  
ASN CA  C    sing N N 42  
ASN CA  CB   sing N N 43  
ASN CA  HA   sing N N 44  
ASN C   O    doub N N 45  
ASN C   OXT  sing N N 46  
ASN CB  CG   sing N N 47  
ASN CB  HB2  sing N N 48  
ASN CB  HB3  sing N N 49  
ASN CG  OD1  doub N N 50  
ASN CG  ND2  sing N N 51  
ASN ND2 HD21 sing N N 52  
ASN ND2 HD22 sing N N 53  
ASN OXT HXT  sing N N 54  
ASP N   CA   sing N N 55  
ASP N   H    sing N N 56  
ASP N   H2   sing N N 57  
ASP CA  C    sing N N 58  
ASP CA  CB   sing N N 59  
ASP CA  HA   sing N N 60  
ASP C   O    doub N N 61  
ASP C   OXT  sing N N 62  
ASP CB  CG   sing N N 63  
ASP CB  HB2  sing N N 64  
ASP CB  HB3  sing N N 65  
ASP CG  OD1  doub N N 66  
ASP CG  OD2  sing N N 67  
ASP OD2 HD2  sing N N 68  
ASP OXT HXT  sing N N 69  
CYS N   CA   sing N N 70  
CYS N   H    sing N N 71  
CYS N   H2   sing N N 72  
CYS CA  C    sing N N 73  
CYS CA  CB   sing N N 74  
CYS CA  HA   sing N N 75  
CYS C   O    doub N N 76  
CYS C   OXT  sing N N 77  
CYS CB  SG   sing N N 78  
CYS CB  HB2  sing N N 79  
CYS CB  HB3  sing N N 80  
CYS SG  HG   sing N N 81  
CYS OXT HXT  sing N N 82  
GLN N   CA   sing N N 83  
GLN N   H    sing N N 84  
GLN N   H2   sing N N 85  
GLN CA  C    sing N N 86  
GLN CA  CB   sing N N 87  
GLN CA  HA   sing N N 88  
GLN C   O    doub N N 89  
GLN C   OXT  sing N N 90  
GLN CB  CG   sing N N 91  
GLN CB  HB2  sing N N 92  
GLN CB  HB3  sing N N 93  
GLN CG  CD   sing N N 94  
GLN CG  HG2  sing N N 95  
GLN CG  HG3  sing N N 96  
GLN CD  OE1  doub N N 97  
GLN CD  NE2  sing N N 98  
GLN NE2 HE21 sing N N 99  
GLN NE2 HE22 sing N N 100 
GLN OXT HXT  sing N N 101 
GLU N   CA   sing N N 102 
GLU N   H    sing N N 103 
GLU N   H2   sing N N 104 
GLU CA  C    sing N N 105 
GLU CA  CB   sing N N 106 
GLU CA  HA   sing N N 107 
GLU C   O    doub N N 108 
GLU C   OXT  sing N N 109 
GLU CB  CG   sing N N 110 
GLU CB  HB2  sing N N 111 
GLU CB  HB3  sing N N 112 
GLU CG  CD   sing N N 113 
GLU CG  HG2  sing N N 114 
GLU CG  HG3  sing N N 115 
GLU CD  OE1  doub N N 116 
GLU CD  OE2  sing N N 117 
GLU OE2 HE2  sing N N 118 
GLU OXT HXT  sing N N 119 
GLY N   CA   sing N N 120 
GLY N   H    sing N N 121 
GLY N   H2   sing N N 122 
GLY CA  C    sing N N 123 
GLY CA  HA2  sing N N 124 
GLY CA  HA3  sing N N 125 
GLY C   O    doub N N 126 
GLY C   OXT  sing N N 127 
GLY OXT HXT  sing N N 128 
HIS N   CA   sing N N 129 
HIS N   H    sing N N 130 
HIS N   H2   sing N N 131 
HIS CA  C    sing N N 132 
HIS CA  CB   sing N N 133 
HIS CA  HA   sing N N 134 
HIS C   O    doub N N 135 
HIS C   OXT  sing N N 136 
HIS CB  CG   sing N N 137 
HIS CB  HB2  sing N N 138 
HIS CB  HB3  sing N N 139 
HIS CG  ND1  sing Y N 140 
HIS CG  CD2  doub Y N 141 
HIS ND1 CE1  doub Y N 142 
HIS ND1 HD1  sing N N 143 
HIS CD2 NE2  sing Y N 144 
HIS CD2 HD2  sing N N 145 
HIS CE1 NE2  sing Y N 146 
HIS CE1 HE1  sing N N 147 
HIS NE2 HE2  sing N N 148 
HIS OXT HXT  sing N N 149 
HOH O   H1   sing N N 150 
HOH O   H2   sing N N 151 
ILE N   CA   sing N N 152 
ILE N   H    sing N N 153 
ILE N   H2   sing N N 154 
ILE CA  C    sing N N 155 
ILE CA  CB   sing N N 156 
ILE CA  HA   sing N N 157 
ILE C   O    doub N N 158 
ILE C   OXT  sing N N 159 
ILE CB  CG1  sing N N 160 
ILE CB  CG2  sing N N 161 
ILE CB  HB   sing N N 162 
ILE CG1 CD1  sing N N 163 
ILE CG1 HG12 sing N N 164 
ILE CG1 HG13 sing N N 165 
ILE CG2 HG21 sing N N 166 
ILE CG2 HG22 sing N N 167 
ILE CG2 HG23 sing N N 168 
ILE CD1 HD11 sing N N 169 
ILE CD1 HD12 sing N N 170 
ILE CD1 HD13 sing N N 171 
ILE OXT HXT  sing N N 172 
LEU N   CA   sing N N 173 
LEU N   H    sing N N 174 
LEU N   H2   sing N N 175 
LEU CA  C    sing N N 176 
LEU CA  CB   sing N N 177 
LEU CA  HA   sing N N 178 
LEU C   O    doub N N 179 
LEU C   OXT  sing N N 180 
LEU CB  CG   sing N N 181 
LEU CB  HB2  sing N N 182 
LEU CB  HB3  sing N N 183 
LEU CG  CD1  sing N N 184 
LEU CG  CD2  sing N N 185 
LEU CG  HG   sing N N 186 
LEU CD1 HD11 sing N N 187 
LEU CD1 HD12 sing N N 188 
LEU CD1 HD13 sing N N 189 
LEU CD2 HD21 sing N N 190 
LEU CD2 HD22 sing N N 191 
LEU CD2 HD23 sing N N 192 
LEU OXT HXT  sing N N 193 
LYS N   CA   sing N N 194 
LYS N   H    sing N N 195 
LYS N   H2   sing N N 196 
LYS CA  C    sing N N 197 
LYS CA  CB   sing N N 198 
LYS CA  HA   sing N N 199 
LYS C   O    doub N N 200 
LYS C   OXT  sing N N 201 
LYS CB  CG   sing N N 202 
LYS CB  HB2  sing N N 203 
LYS CB  HB3  sing N N 204 
LYS CG  CD   sing N N 205 
LYS CG  HG2  sing N N 206 
LYS CG  HG3  sing N N 207 
LYS CD  CE   sing N N 208 
LYS CD  HD2  sing N N 209 
LYS CD  HD3  sing N N 210 
LYS CE  NZ   sing N N 211 
LYS CE  HE2  sing N N 212 
LYS CE  HE3  sing N N 213 
LYS NZ  HZ1  sing N N 214 
LYS NZ  HZ2  sing N N 215 
LYS NZ  HZ3  sing N N 216 
LYS OXT HXT  sing N N 217 
M3L N   CA   sing N N 218 
M3L N   H    sing N N 219 
M3L N   H2   sing N N 220 
M3L CA  CB   sing N N 221 
M3L CA  C    sing N N 222 
M3L CA  HA   sing N N 223 
M3L CB  CG   sing N N 224 
M3L CB  HB2  sing N N 225 
M3L CB  HB3  sing N N 226 
M3L CG  CD   sing N N 227 
M3L CG  HG2  sing N N 228 
M3L CG  HG3  sing N N 229 
M3L CD  CE   sing N N 230 
M3L CD  HD2  sing N N 231 
M3L CD  HD3  sing N N 232 
M3L CE  NZ   sing N N 233 
M3L CE  HE2  sing N N 234 
M3L CE  HE3  sing N N 235 
M3L NZ  CM1  sing N N 236 
M3L NZ  CM2  sing N N 237 
M3L NZ  CM3  sing N N 238 
M3L C   O    doub N N 239 
M3L C   OXT  sing N N 240 
M3L OXT HXT  sing N N 241 
M3L CM1 HM11 sing N N 242 
M3L CM1 HM12 sing N N 243 
M3L CM1 HM13 sing N N 244 
M3L CM2 HM21 sing N N 245 
M3L CM2 HM22 sing N N 246 
M3L CM2 HM23 sing N N 247 
M3L CM3 HM31 sing N N 248 
M3L CM3 HM32 sing N N 249 
M3L CM3 HM33 sing N N 250 
MET N   CA   sing N N 251 
MET N   H    sing N N 252 
MET N   H2   sing N N 253 
MET CA  C    sing N N 254 
MET CA  CB   sing N N 255 
MET CA  HA   sing N N 256 
MET C   O    doub N N 257 
MET C   OXT  sing N N 258 
MET CB  CG   sing N N 259 
MET CB  HB2  sing N N 260 
MET CB  HB3  sing N N 261 
MET CG  SD   sing N N 262 
MET CG  HG2  sing N N 263 
MET CG  HG3  sing N N 264 
MET SD  CE   sing N N 265 
MET CE  HE1  sing N N 266 
MET CE  HE2  sing N N 267 
MET CE  HE3  sing N N 268 
MET OXT HXT  sing N N 269 
PHE N   CA   sing N N 270 
PHE N   H    sing N N 271 
PHE N   H2   sing N N 272 
PHE CA  C    sing N N 273 
PHE CA  CB   sing N N 274 
PHE CA  HA   sing N N 275 
PHE C   O    doub N N 276 
PHE C   OXT  sing N N 277 
PHE CB  CG   sing N N 278 
PHE CB  HB2  sing N N 279 
PHE CB  HB3  sing N N 280 
PHE CG  CD1  doub Y N 281 
PHE CG  CD2  sing Y N 282 
PHE CD1 CE1  sing Y N 283 
PHE CD1 HD1  sing N N 284 
PHE CD2 CE2  doub Y N 285 
PHE CD2 HD2  sing N N 286 
PHE CE1 CZ   doub Y N 287 
PHE CE1 HE1  sing N N 288 
PHE CE2 CZ   sing Y N 289 
PHE CE2 HE2  sing N N 290 
PHE CZ  HZ   sing N N 291 
PHE OXT HXT  sing N N 292 
PRO N   CA   sing N N 293 
PRO N   CD   sing N N 294 
PRO N   H    sing N N 295 
PRO CA  C    sing N N 296 
PRO CA  CB   sing N N 297 
PRO CA  HA   sing N N 298 
PRO C   O    doub N N 299 
PRO C   OXT  sing N N 300 
PRO CB  CG   sing N N 301 
PRO CB  HB2  sing N N 302 
PRO CB  HB3  sing N N 303 
PRO CG  CD   sing N N 304 
PRO CG  HG2  sing N N 305 
PRO CG  HG3  sing N N 306 
PRO CD  HD2  sing N N 307 
PRO CD  HD3  sing N N 308 
PRO OXT HXT  sing N N 309 
SER N   CA   sing N N 310 
SER N   H    sing N N 311 
SER N   H2   sing N N 312 
SER CA  C    sing N N 313 
SER CA  CB   sing N N 314 
SER CA  HA   sing N N 315 
SER C   O    doub N N 316 
SER C   OXT  sing N N 317 
SER CB  OG   sing N N 318 
SER CB  HB2  sing N N 319 
SER CB  HB3  sing N N 320 
SER OG  HG   sing N N 321 
SER OXT HXT  sing N N 322 
THR N   CA   sing N N 323 
THR N   H    sing N N 324 
THR N   H2   sing N N 325 
THR CA  C    sing N N 326 
THR CA  CB   sing N N 327 
THR CA  HA   sing N N 328 
THR C   O    doub N N 329 
THR C   OXT  sing N N 330 
THR CB  OG1  sing N N 331 
THR CB  CG2  sing N N 332 
THR CB  HB   sing N N 333 
THR OG1 HG1  sing N N 334 
THR CG2 HG21 sing N N 335 
THR CG2 HG22 sing N N 336 
THR CG2 HG23 sing N N 337 
THR OXT HXT  sing N N 338 
TRP N   CA   sing N N 339 
TRP N   H    sing N N 340 
TRP N   H2   sing N N 341 
TRP CA  C    sing N N 342 
TRP CA  CB   sing N N 343 
TRP CA  HA   sing N N 344 
TRP C   O    doub N N 345 
TRP C   OXT  sing N N 346 
TRP CB  CG   sing N N 347 
TRP CB  HB2  sing N N 348 
TRP CB  HB3  sing N N 349 
TRP CG  CD1  doub Y N 350 
TRP CG  CD2  sing Y N 351 
TRP CD1 NE1  sing Y N 352 
TRP CD1 HD1  sing N N 353 
TRP CD2 CE2  doub Y N 354 
TRP CD2 CE3  sing Y N 355 
TRP NE1 CE2  sing Y N 356 
TRP NE1 HE1  sing N N 357 
TRP CE2 CZ2  sing Y N 358 
TRP CE3 CZ3  doub Y N 359 
TRP CE3 HE3  sing N N 360 
TRP CZ2 CH2  doub Y N 361 
TRP CZ2 HZ2  sing N N 362 
TRP CZ3 CH2  sing Y N 363 
TRP CZ3 HZ3  sing N N 364 
TRP CH2 HH2  sing N N 365 
TRP OXT HXT  sing N N 366 
TYR N   CA   sing N N 367 
TYR N   H    sing N N 368 
TYR N   H2   sing N N 369 
TYR CA  C    sing N N 370 
TYR CA  CB   sing N N 371 
TYR CA  HA   sing N N 372 
TYR C   O    doub N N 373 
TYR C   OXT  sing N N 374 
TYR CB  CG   sing N N 375 
TYR CB  HB2  sing N N 376 
TYR CB  HB3  sing N N 377 
TYR CG  CD1  doub Y N 378 
TYR CG  CD2  sing Y N 379 
TYR CD1 CE1  sing Y N 380 
TYR CD1 HD1  sing N N 381 
TYR CD2 CE2  doub Y N 382 
TYR CD2 HD2  sing N N 383 
TYR CE1 CZ   doub Y N 384 
TYR CE1 HE1  sing N N 385 
TYR CE2 CZ   sing Y N 386 
TYR CE2 HE2  sing N N 387 
TYR CZ  OH   sing N N 388 
TYR OH  HH   sing N N 389 
TYR OXT HXT  sing N N 390 
VAL N   CA   sing N N 391 
VAL N   H    sing N N 392 
VAL N   H2   sing N N 393 
VAL CA  C    sing N N 394 
VAL CA  CB   sing N N 395 
VAL CA  HA   sing N N 396 
VAL C   O    doub N N 397 
VAL C   OXT  sing N N 398 
VAL CB  CG1  sing N N 399 
VAL CB  CG2  sing N N 400 
VAL CB  HB   sing N N 401 
VAL CG1 HG11 sing N N 402 
VAL CG1 HG12 sing N N 403 
VAL CG1 HG13 sing N N 404 
VAL CG2 HG21 sing N N 405 
VAL CG2 HG22 sing N N 406 
VAL CG2 HG23 sing N N 407 
VAL OXT HXT  sing N N 408 
# 
_atom_sites.entry_id                    3C6W 
_atom_sites.fract_transf_matrix[1][1]   -0.00546275 
_atom_sites.fract_transf_matrix[1][2]   0.00875294 
_atom_sites.fract_transf_matrix[1][3]   0.01043693 
_atom_sites.fract_transf_matrix[2][1]   -0.01358616 
_atom_sites.fract_transf_matrix[2][2]   -0.00430985 
_atom_sites.fract_transf_matrix[2][3]   -0.00349662 
_atom_sites.fract_transf_matrix[3][1]   0.00236266 
_atom_sites.fract_transf_matrix[3][2]   -0.02644335 
_atom_sites.fract_transf_matrix[3][3]   0.02341336 
_atom_sites.fract_transf_vector[1]      0.151822 
_atom_sites.fract_transf_vector[2]      0.283229 
_atom_sites.fract_transf_vector[3]      0.377681 
# 
loop_
_atom_type.symbol 
C  
N  
O  
S  
ZN 
# 
loop_
_atom_site.group_PDB 
_atom_site.id 
_atom_site.type_symbol 
_atom_site.label_atom_id 
_atom_site.label_alt_id 
_atom_site.label_comp_id 
_atom_site.label_asym_id 
_atom_site.label_entity_id 
_atom_site.label_seq_id 
_atom_site.pdbx_PDB_ins_code 
_atom_site.Cartn_x 
_atom_site.Cartn_y 
_atom_site.Cartn_z 
_atom_site.occupancy 
_atom_site.B_iso_or_equiv 
_atom_site.pdbx_formal_charge 
_atom_site.auth_seq_id 
_atom_site.auth_comp_id 
_atom_site.auth_asym_id 
_atom_site.auth_atom_id 
_atom_site.pdbx_PDB_model_num 
ATOM   1    N  N   . GLU A 1 8  ? -0.429  -3.240  -22.817 1.00 39.19 ? 185 GLU A N   1 
ATOM   2    C  CA  . GLU A 1 8  ? 0.923   -3.122  -23.322 1.00 37.15 ? 185 GLU A CA  1 
ATOM   3    C  C   . GLU A 1 8  ? 1.911   -2.509  -22.293 1.00 34.26 ? 185 GLU A C   1 
ATOM   4    O  O   . GLU A 1 8  ? 3.125   -2.499  -22.561 1.00 35.23 ? 185 GLU A O   1 
ATOM   5    C  CB  . GLU A 1 8  ? 0.954   -2.294  -24.627 1.00 40.31 ? 185 GLU A CB  1 
ATOM   6    C  CG  . GLU A 1 8  ? 0.675   -0.837  -24.381 1.00 44.48 ? 185 GLU A CG  1 
ATOM   7    C  CD  . GLU A 1 8  ? 0.514   -0.044  -25.663 1.00 47.44 ? 185 GLU A CD  1 
ATOM   8    O  OE1 . GLU A 1 8  ? 0.675   -0.636  -26.752 1.00 48.64 ? 185 GLU A OE1 1 
ATOM   9    O  OE2 . GLU A 1 8  ? 0.227   1.169   -25.580 1.00 49.50 ? 185 GLU A OE2 1 
ATOM   10   N  N   . PRO A 1 9  ? 1.477   -2.008  -21.072 1.00 30.13 ? 186 PRO A N   1 
ATOM   11   C  CA  . PRO A 1 9  ? 2.393   -1.370  -20.068 1.00 26.52 ? 186 PRO A CA  1 
ATOM   12   C  C   . PRO A 1 9  ? 3.739   -2.140  -19.852 1.00 22.26 ? 186 PRO A C   1 
ATOM   13   O  O   . PRO A 1 9  ? 3.786   -3.360  -19.993 1.00 21.45 ? 186 PRO A O   1 
ATOM   14   C  CB  . PRO A 1 9  ? 1.599   -1.350  -18.771 1.00 27.27 ? 186 PRO A CB  1 
ATOM   15   C  CG  . PRO A 1 9  ? 0.184   -1.524  -19.191 1.00 28.90 ? 186 PRO A CG  1 
ATOM   16   C  CD  . PRO A 1 9  ? 0.217   -2.390  -20.411 1.00 30.04 ? 186 PRO A CD  1 
ATOM   17   N  N   . THR A 1 10 ? 4.792   -1.414  -19.496 1.00 19.27 ? 187 THR A N   1 
ATOM   18   C  CA  . THR A 1 10 ? 6.094   -2.037  -19.251 1.00 16.35 ? 187 THR A CA  1 
ATOM   19   C  C   . THR A 1 10 ? 6.444   -1.777  -17.787 1.00 15.46 ? 187 THR A C   1 
ATOM   20   O  O   . THR A 1 10 ? 5.927   -0.838  -17.179 1.00 14.90 ? 187 THR A O   1 
ATOM   21   C  CB  . THR A 1 10 ? 7.197   -1.463  -20.172 1.00 15.14 ? 187 THR A CB  1 
ATOM   22   O  OG1 . THR A 1 10 ? 7.251   -0.039  -20.043 1.00 16.66 ? 187 THR A OG1 1 
ATOM   23   C  CG2 . THR A 1 10 ? 6.916   -1.830  -21.623 1.00 16.31 ? 187 THR A CG2 1 
ATOM   24   N  N   . TYR A 1 11 ? 7.307   -2.611  -17.218 1.00 12.15 ? 188 TYR A N   1 
ATOM   25   C  CA  . TYR A 1 11 ? 7.672   -2.454  -15.811 1.00 12.26 ? 188 TYR A CA  1 
ATOM   26   C  C   . TYR A 1 11 ? 9.127   -2.844  -15.612 1.00 10.56 ? 188 TYR A C   1 
ATOM   27   O  O   . TYR A 1 11 ? 9.869   -3.075  -16.565 1.00 9.73  ? 188 TYR A O   1 
ATOM   28   C  CB  . TYR A 1 11 ? 6.830   -3.384  -14.930 1.00 16.37 ? 188 TYR A CB  1 
ATOM   29   C  CG  . TYR A 1 11 ? 5.335   -3.255  -15.088 1.00 19.07 ? 188 TYR A CG  1 
ATOM   30   C  CD1 . TYR A 1 11 ? 4.662   -3.906  -16.122 1.00 21.02 ? 188 TYR A CD1 1 
ATOM   31   C  CD2 . TYR A 1 11 ? 4.592   -2.476  -14.205 1.00 21.11 ? 188 TYR A CD2 1 
ATOM   32   C  CE1 . TYR A 1 11 ? 3.282   -3.783  -16.270 1.00 23.81 ? 188 TYR A CE1 1 
ATOM   33   C  CE2 . TYR A 1 11 ? 3.213   -2.345  -14.343 1.00 24.77 ? 188 TYR A CE2 1 
ATOM   34   C  CZ  . TYR A 1 11 ? 2.566   -3.000  -15.377 1.00 24.40 ? 188 TYR A CZ  1 
ATOM   35   O  OH  . TYR A 1 11 ? 1.204   -2.868  -15.515 1.00 30.32 ? 188 TYR A OH  1 
ATOM   36   N  N   . CYS A 1 12 ? 9.514   -2.885  -14.341 1.00 9.80  ? 189 CYS A N   1 
ATOM   37   C  CA  . CYS A 1 12 ? 10.838  -3.329  -13.923 1.00 8.94  ? 189 CYS A CA  1 
ATOM   38   C  C   . CYS A 1 12 ? 11.957  -2.396  -14.392 1.00 9.95  ? 189 CYS A C   1 
ATOM   39   O  O   . CYS A 1 12 ? 11.721  -1.349  -14.995 1.00 10.69 ? 189 CYS A O   1 
ATOM   40   C  CB  . CYS A 1 12 ? 11.055  -4.746  -14.459 1.00 10.26 ? 189 CYS A CB  1 
ATOM   41   S  SG  . CYS A 1 12 ? 12.343  -5.696  -13.653 1.00 8.51  ? 189 CYS A SG  1 
ATOM   42   N  N   . LEU A 1 13 ? 13.186  -2.799  -14.084 1.00 9.96  ? 190 LEU A N   1 
ATOM   43   C  CA  . LEU A 1 13 ? 14.379  -2.049  -14.464 1.00 10.81 ? 190 LEU A CA  1 
ATOM   44   C  C   . LEU A 1 13 ? 14.734  -2.388  -15.914 1.00 10.86 ? 190 LEU A C   1 
ATOM   45   O  O   . LEU A 1 13 ? 15.551  -1.708  -16.529 1.00 11.28 ? 190 LEU A O   1 
ATOM   46   C  CB  . LEU A 1 13 ? 15.549  -2.422  -13.548 1.00 12.42 ? 190 LEU A CB  1 
ATOM   47   C  CG  . LEU A 1 13 ? 15.440  -2.013  -12.077 1.00 14.93 ? 190 LEU A CG  1 
ATOM   48   C  CD1 . LEU A 1 13 ? 16.639  -2.547  -11.305 1.00 17.20 ? 190 LEU A CD1 1 
ATOM   49   C  CD2 . LEU A 1 13 ? 15.377  -0.496  -11.977 1.00 18.83 ? 190 LEU A CD2 1 
ATOM   50   N  N   . CYS A 1 14 ? 14.112  -3.436  -16.453 1.00 9.38  ? 191 CYS A N   1 
ATOM   51   C  CA  . CYS A 1 14 ? 14.376  -3.871  -17.836 1.00 9.79  ? 191 CYS A CA  1 
ATOM   52   C  C   . CYS A 1 14 ? 13.376  -3.212  -18.795 1.00 9.80  ? 191 CYS A C   1 
ATOM   53   O  O   . CYS A 1 14 ? 13.541  -3.287  -20.008 1.00 9.57  ? 191 CYS A O   1 
ATOM   54   C  CB  . CYS A 1 14 ? 14.264  -5.392  -17.951 1.00 8.76  ? 191 CYS A CB  1 
ATOM   55   S  SG  . CYS A 1 14 ? 12.613  -6.016  -17.577 1.00 8.09  ? 191 CYS A SG  1 
ATOM   56   N  N   . HIS A 1 15 ? 12.333  -2.601  -18.243 1.00 9.94  ? 192 HIS A N   1 
ATOM   57   C  CA  . HIS A 1 15 ? 11.325  -1.887  -19.044 1.00 11.08 ? 192 HIS A CA  1 
ATOM   58   C  C   . HIS A 1 15 ? 10.637  -2.801  -20.063 1.00 11.90 ? 192 HIS A C   1 
ATOM   59   O  O   . HIS A 1 15 ? 10.385  -2.390  -21.198 1.00 10.95 ? 192 HIS A O   1 
ATOM   60   C  CB  . HIS A 1 15 ? 11.991  -0.715  -19.764 1.00 13.77 ? 192 HIS A CB  1 
ATOM   61   C  CG  . HIS A 1 15 ? 12.671  0.241   -18.836 1.00 14.82 ? 192 HIS A CG  1 
ATOM   62   N  ND1 . HIS A 1 15 ? 11.983  1.191   -18.113 1.00 17.29 ? 192 HIS A ND1 1 
ATOM   63   C  CD2 . HIS A 1 15 ? 13.968  0.351   -18.464 1.00 15.53 ? 192 HIS A CD2 1 
ATOM   64   C  CE1 . HIS A 1 15 ? 12.827  1.843   -17.332 1.00 17.46 ? 192 HIS A CE1 1 
ATOM   65   N  NE2 . HIS A 1 15 ? 14.037  1.352   -17.525 1.00 17.87 ? 192 HIS A NE2 1 
ATOM   66   N  N   . GLN A 1 16 ? 10.319  -4.026  -19.661 1.00 9.33  ? 193 GLN A N   1 
ATOM   67   C  CA  . GLN A 1 16 ? 9.638   -4.956  -20.567 1.00 11.02 ? 193 GLN A CA  1 
ATOM   68   C  C   . GLN A 1 16 ? 8.241   -5.220  -20.021 1.00 11.60 ? 193 GLN A C   1 
ATOM   69   O  O   . GLN A 1 16 ? 7.940   -4.878  -18.879 1.00 11.33 ? 193 GLN A O   1 
ATOM   70   C  CB  . GLN A 1 16 ? 10.411  -6.270  -20.677 1.00 9.41  ? 193 GLN A CB  1 
ATOM   71   C  CG  . GLN A 1 16 ? 11.822  -6.109  -21.224 1.00 9.47  ? 193 GLN A CG  1 
ATOM   72   C  CD  . GLN A 1 16 ? 11.854  -5.404  -22.566 1.00 11.98 ? 193 GLN A CD  1 
ATOM   73   O  OE1 . GLN A 1 16 ? 11.253  -5.864  -23.538 1.00 13.21 ? 193 GLN A OE1 1 
ATOM   74   N  NE2 . GLN A 1 16 ? 12.558  -4.280  -22.627 1.00 10.48 ? 193 GLN A NE2 1 
ATOM   75   N  N   . VAL A 1 17 ? 7.395   -5.830  -20.843 1.00 11.23 ? 194 VAL A N   1 
ATOM   76   C  CA  . VAL A 1 17 ? 6.024   -6.135  -20.438 1.00 12.89 ? 194 VAL A CA  1 
ATOM   77   C  C   . VAL A 1 17 ? 6.058   -7.122  -19.278 1.00 12.97 ? 194 VAL A C   1 
ATOM   78   O  O   . VAL A 1 17 ? 7.076   -7.763  -19.016 1.00 13.19 ? 194 VAL A O   1 
ATOM   79   C  CB  . VAL A 1 17 ? 5.219   -6.758  -21.599 1.00 13.47 ? 194 VAL A CB  1 
ATOM   80   C  CG1 . VAL A 1 17 ? 5.107   -5.766  -22.747 1.00 15.26 ? 194 VAL A CG1 1 
ATOM   81   C  CG2 . VAL A 1 17 ? 5.888   -8.044  -22.068 1.00 13.00 ? 194 VAL A CG2 1 
ATOM   82   N  N   . SER A 1 18 ? 4.937   -7.229  -18.578 1.00 14.32 ? 195 SER A N   1 
ATOM   83   C  CA  . SER A 1 18 ? 4.819   -8.144  -17.452 1.00 16.12 ? 195 SER A CA  1 
ATOM   84   C  C   . SER A 1 18 ? 4.889   -9.579  -17.982 1.00 16.46 ? 195 SER A C   1 
ATOM   85   O  O   . SER A 1 18 ? 4.408   -9.871  -19.075 1.00 17.38 ? 195 SER A O   1 
ATOM   86   C  CB  . SER A 1 18 ? 3.481   -7.922  -16.739 1.00 18.70 ? 195 SER A CB  1 
ATOM   87   O  OG  . SER A 1 18 ? 3.282   -8.877  -15.713 1.00 23.16 ? 195 SER A OG  1 
ATOM   88   N  N   . TYR A 1 19 ? 5.509   -10.461 -17.206 1.00 16.31 ? 196 TYR A N   1 
ATOM   89   C  CA  . TYR A 1 19 ? 5.617   -11.875 -17.564 1.00 15.73 ? 196 TYR A CA  1 
ATOM   90   C  C   . TYR A 1 19 ? 6.127   -12.630 -16.344 1.00 15.73 ? 196 TYR A C   1 
ATOM   91   O  O   . TYR A 1 19 ? 6.840   -12.069 -15.514 1.00 15.09 ? 196 TYR A O   1 
ATOM   92   C  CB  . TYR A 1 19 ? 6.554   -12.080 -18.772 1.00 16.19 ? 196 TYR A CB  1 
ATOM   93   C  CG  . TYR A 1 19 ? 8.022   -11.772 -18.542 1.00 14.28 ? 196 TYR A CG  1 
ATOM   94   C  CD1 . TYR A 1 19 ? 8.831   -12.624 -17.788 1.00 15.94 ? 196 TYR A CD1 1 
ATOM   95   C  CD2 . TYR A 1 19 ? 8.606   -10.634 -19.096 1.00 15.06 ? 196 TYR A CD2 1 
ATOM   96   C  CE1 . TYR A 1 19 ? 10.187  -12.351 -17.594 1.00 14.07 ? 196 TYR A CE1 1 
ATOM   97   C  CE2 . TYR A 1 19 ? 9.958   -10.350 -18.908 1.00 14.24 ? 196 TYR A CE2 1 
ATOM   98   C  CZ  . TYR A 1 19 ? 10.742  -11.210 -18.157 1.00 14.93 ? 196 TYR A CZ  1 
ATOM   99   O  OH  . TYR A 1 19 ? 12.075  -10.929 -17.970 1.00 14.76 ? 196 TYR A OH  1 
ATOM   100  N  N   . GLY A 1 20 ? 5.741   -13.897 -16.234 1.00 14.96 ? 197 GLY A N   1 
ATOM   101  C  CA  . GLY A 1 20 ? 6.169   -14.707 -15.107 1.00 14.53 ? 197 GLY A CA  1 
ATOM   102  C  C   . GLY A 1 20 ? 5.731   -14.125 -13.777 1.00 14.71 ? 197 GLY A C   1 
ATOM   103  O  O   . GLY A 1 20 ? 4.755   -13.382 -13.712 1.00 15.39 ? 197 GLY A O   1 
ATOM   104  N  N   . GLU A 1 21 ? 6.455   -14.466 -12.716 1.00 14.58 ? 198 GLU A N   1 
ATOM   105  C  CA  . GLU A 1 21 ? 6.142   -13.967 -11.376 1.00 15.42 ? 198 GLU A CA  1 
ATOM   106  C  C   . GLU A 1 21 ? 6.759   -12.586 -11.211 1.00 12.63 ? 198 GLU A C   1 
ATOM   107  O  O   . GLU A 1 21 ? 7.910   -12.359 -11.578 1.00 11.83 ? 198 GLU A O   1 
ATOM   108  C  CB  . GLU A 1 21 ? 6.623   -14.955 -10.312 1.00 19.19 ? 198 GLU A CB  1 
ATOM   109  C  CG  . GLU A 1 21 ? 5.538   -15.405 -9.347  1.00 28.44 ? 198 GLU A CG  1 
ATOM   110  C  CD  . GLU A 1 21 ? 6.051   -16.382 -8.307  1.00 31.41 ? 198 GLU A CD  1 
ATOM   111  O  OE1 . GLU A 1 21 ? 6.998   -17.135 -8.616  1.00 34.00 ? 198 GLU A OE1 1 
ATOM   112  O  OE2 . GLU A 1 21 ? 5.505   -16.395 -7.184  1.00 35.85 ? 198 GLU A OE2 1 
ATOM   113  N  N   . MET A 1 22 ? 5.992   -11.665 -10.645 1.00 12.61 ? 199 MET A N   1 
ATOM   114  C  CA  . MET A 1 22 ? 6.491   -10.317 -10.440 1.00 12.71 ? 199 MET A CA  1 
ATOM   115  C  C   . MET A 1 22 ? 6.278   -9.918  -8.985  1.00 12.79 ? 199 MET A C   1 
ATOM   116  O  O   . MET A 1 22 ? 5.323   -10.353 -8.337  1.00 12.86 ? 199 MET A O   1 
ATOM   117  C  CB  . MET A 1 22 ? 5.794   -9.360  -11.402 1.00 13.68 ? 199 MET A CB  1 
ATOM   118  C  CG  . MET A 1 22 ? 6.190   -9.642  -12.853 1.00 16.10 ? 199 MET A CG  1 
ATOM   119  S  SD  . MET A 1 22 ? 5.578   -8.441  -14.002 1.00 27.22 ? 199 MET A SD  1 
ATOM   120  C  CE  . MET A 1 22 ? 6.784   -7.127  -13.783 1.00 17.51 ? 199 MET A CE  1 
ATOM   121  N  N   . ILE A 1 23 ? 7.188   -9.098  -8.472  1.00 10.93 ? 200 ILE A N   1 
ATOM   122  C  CA  . ILE A 1 23 ? 7.127   -8.665  -7.083  1.00 10.14 ? 200 ILE A CA  1 
ATOM   123  C  C   . ILE A 1 23 ? 6.929   -7.151  -7.038  1.00 10.59 ? 200 ILE A C   1 
ATOM   124  O  O   . ILE A 1 23 ? 7.460   -6.415  -7.872  1.00 8.98  ? 200 ILE A O   1 
ATOM   125  C  CB  . ILE A 1 23 ? 8.423   -9.076  -6.333  1.00 11.67 ? 200 ILE A CB  1 
ATOM   126  C  CG1 . ILE A 1 23 ? 8.333   -8.673  -4.862  1.00 12.19 ? 200 ILE A CG1 1 
ATOM   127  C  CG2 . ILE A 1 23 ? 9.644   -8.463  -7.011  1.00 9.46  ? 200 ILE A CG2 1 
ATOM   128  C  CD1 . ILE A 1 23 ? 9.445   -9.254  -4.008  1.00 13.59 ? 200 ILE A CD1 1 
ATOM   129  N  N   . GLY A 1 24 ? 6.152   -6.698  -6.061  1.00 10.48 ? 201 GLY A N   1 
ATOM   130  C  CA  . GLY A 1 24 ? 5.880   -5.278  -5.936  1.00 10.41 ? 201 GLY A CA  1 
ATOM   131  C  C   . GLY A 1 24 ? 6.733   -4.586  -4.895  1.00 9.88  ? 201 GLY A C   1 
ATOM   132  O  O   . GLY A 1 24 ? 6.993   -5.137  -3.824  1.00 11.15 ? 201 GLY A O   1 
ATOM   133  N  N   . CYS A 1 25 ? 7.180   -3.376  -5.216  1.00 8.55  ? 202 CYS A N   1 
ATOM   134  C  CA  . CYS A 1 25 ? 7.997   -2.585  -4.296  1.00 8.81  ? 202 CYS A CA  1 
ATOM   135  C  C   . CYS A 1 25 ? 7.044   -1.991  -3.256  1.00 9.47  ? 202 CYS A C   1 
ATOM   136  O  O   . CYS A 1 25 ? 5.976   -1.489  -3.603  1.00 10.62 ? 202 CYS A O   1 
ATOM   137  C  CB  . CYS A 1 25 ? 8.715   -1.468  -5.051  1.00 8.24  ? 202 CYS A CB  1 
ATOM   138  S  SG  . CYS A 1 25 ? 9.744   -0.451  -3.987  1.00 8.15  ? 202 CYS A SG  1 
ATOM   139  N  N   . ASP A 1 26 ? 7.435   -2.031  -1.986  1.00 9.55  ? 203 ASP A N   1 
ATOM   140  C  CA  . ASP A 1 26 ? 6.557   -1.539  -0.930  1.00 9.38  ? 203 ASP A CA  1 
ATOM   141  C  C   . ASP A 1 26 ? 6.678   -0.035  -0.672  1.00 9.89  ? 203 ASP A C   1 
ATOM   142  O  O   . ASP A 1 26 ? 6.075   0.484   0.270   1.00 9.45  ? 203 ASP A O   1 
ATOM   143  C  CB  . ASP A 1 26 ? 6.763   -2.370  0.337   1.00 11.24 ? 203 ASP A CB  1 
ATOM   144  C  CG  . ASP A 1 26 ? 6.040   -3.706  0.257   1.00 12.06 ? 203 ASP A CG  1 
ATOM   145  O  OD1 . ASP A 1 26 ? 6.587   -4.729  0.717   1.00 14.01 ? 203 ASP A OD1 1 
ATOM   146  O  OD2 . ASP A 1 26 ? 4.908   -3.720  -0.275  1.00 14.22 ? 203 ASP A OD2 1 
ATOM   147  N  N   . ASN A 1 27 ? 7.452   0.670   -1.492  1.00 9.51  ? 204 ASN A N   1 
ATOM   148  C  CA  . ASN A 1 27 ? 7.524   2.124   -1.356  1.00 9.71  ? 204 ASN A CA  1 
ATOM   149  C  C   . ASN A 1 27 ? 6.392   2.632   -2.253  1.00 9.89  ? 204 ASN A C   1 
ATOM   150  O  O   . ASN A 1 27 ? 6.438   2.469   -3.472  1.00 10.37 ? 204 ASN A O   1 
ATOM   151  C  CB  . ASN A 1 27 ? 8.862   2.681   -1.854  1.00 9.27  ? 204 ASN A CB  1 
ATOM   152  C  CG  . ASN A 1 27 ? 8.846   4.198   -1.981  1.00 10.56 ? 204 ASN A CG  1 
ATOM   153  O  OD1 . ASN A 1 27 ? 7.969   4.867   -1.430  1.00 10.12 ? 204 ASN A OD1 1 
ATOM   154  N  ND2 . ASN A 1 27 ? 9.819   4.747   -2.702  1.00 9.43  ? 204 ASN A ND2 1 
ATOM   155  N  N   . PRO A 1 28 ? 5.353   3.236   -1.660  1.00 10.56 ? 205 PRO A N   1 
ATOM   156  C  CA  . PRO A 1 28 ? 4.239   3.732   -2.472  1.00 11.74 ? 205 PRO A CA  1 
ATOM   157  C  C   . PRO A 1 28 ? 4.616   4.794   -3.502  1.00 12.58 ? 205 PRO A C   1 
ATOM   158  O  O   . PRO A 1 28 ? 3.868   5.028   -4.447  1.00 13.14 ? 205 PRO A O   1 
ATOM   159  C  CB  . PRO A 1 28 ? 3.250   4.243   -1.424  1.00 13.65 ? 205 PRO A CB  1 
ATOM   160  C  CG  . PRO A 1 28 ? 4.138   4.689   -0.314  1.00 13.16 ? 205 PRO A CG  1 
ATOM   161  C  CD  . PRO A 1 28 ? 5.162   3.576   -0.239  1.00 10.92 ? 205 PRO A CD  1 
ATOM   162  N  N   . ASP A 1 29 ? 5.773   5.426   -3.322  1.00 11.84 ? 206 ASP A N   1 
ATOM   163  C  CA  . ASP A 1 29 ? 6.215   6.467   -4.257  1.00 12.24 ? 206 ASP A CA  1 
ATOM   164  C  C   . ASP A 1 29 ? 7.163   5.879   -5.304  1.00 12.25 ? 206 ASP A C   1 
ATOM   165  O  O   . ASP A 1 29 ? 7.757   6.619   -6.083  1.00 11.80 ? 206 ASP A O   1 
ATOM   166  C  CB  . ASP A 1 29 ? 6.934   7.600   -3.517  1.00 13.43 ? 206 ASP A CB  1 
ATOM   167  C  CG  . ASP A 1 29 ? 6.036   8.319   -2.529  1.00 15.40 ? 206 ASP A CG  1 
ATOM   168  O  OD1 . ASP A 1 29 ? 4.798   8.223   -2.667  1.00 17.71 ? 206 ASP A OD1 1 
ATOM   169  O  OD2 . ASP A 1 29 ? 6.572   8.991   -1.624  1.00 17.09 ? 206 ASP A OD2 1 
ATOM   170  N  N   . CYS A 1 30 ? 7.306   4.558   -5.328  1.00 11.38 ? 207 CYS A N   1 
ATOM   171  C  CA  . CYS A 1 30 ? 8.202   3.928   -6.303  1.00 10.95 ? 207 CYS A CA  1 
ATOM   172  C  C   . CYS A 1 30 ? 7.676   4.208   -7.710  1.00 11.19 ? 207 CYS A C   1 
ATOM   173  O  O   . CYS A 1 30 ? 6.495   4.029   -7.988  1.00 12.05 ? 207 CYS A O   1 
ATOM   174  C  CB  . CYS A 1 30 ? 8.268   2.416   -6.080  1.00 10.21 ? 207 CYS A CB  1 
ATOM   175  S  SG  . CYS A 1 30 ? 9.436   1.581   -7.182  1.00 10.58 ? 207 CYS A SG  1 
ATOM   176  N  N   . PRO A 1 31 ? 8.555   4.656   -8.617  1.00 12.67 ? 208 PRO A N   1 
ATOM   177  C  CA  . PRO A 1 31 ? 8.116   4.941   -9.985  1.00 13.47 ? 208 PRO A CA  1 
ATOM   178  C  C   . PRO A 1 31 ? 7.962   3.686   -10.856 1.00 14.10 ? 208 PRO A C   1 
ATOM   179  O  O   . PRO A 1 31 ? 7.275   3.718   -11.876 1.00 15.69 ? 208 PRO A O   1 
ATOM   180  C  CB  . PRO A 1 31 ? 9.208   5.874   -10.502 1.00 13.42 ? 208 PRO A CB  1 
ATOM   181  C  CG  . PRO A 1 31 ? 10.430  5.357   -9.817  1.00 15.20 ? 208 PRO A CG  1 
ATOM   182  C  CD  . PRO A 1 31 ? 9.938   5.116   -8.400  1.00 13.22 ? 208 PRO A CD  1 
ATOM   183  N  N   . ILE A 1 32 ? 8.593   2.589   -10.440 1.00 12.78 ? 209 ILE A N   1 
ATOM   184  C  CA  . ILE A 1 32 ? 8.560   1.323   -11.194 1.00 12.12 ? 209 ILE A CA  1 
ATOM   185  C  C   . ILE A 1 32 ? 7.414   0.428   -10.689 1.00 11.66 ? 209 ILE A C   1 
ATOM   186  O  O   . ILE A 1 32 ? 6.668   -0.131  -11.488 1.00 11.06 ? 209 ILE A O   1 
ATOM   187  C  CB  . ILE A 1 32 ? 9.906   0.600   -11.072 1.00 12.84 ? 209 ILE A CB  1 
ATOM   188  C  CG1 . ILE A 1 32 ? 11.023  1.543   -11.537 1.00 15.85 ? 209 ILE A CG1 1 
ATOM   189  C  CG2 . ILE A 1 32 ? 9.900   -0.668  -11.916 1.00 13.08 ? 209 ILE A CG2 1 
ATOM   190  C  CD1 . ILE A 1 32 ? 12.421  1.022   -11.289 1.00 17.06 ? 209 ILE A CD1 1 
ATOM   191  N  N   . GLU A 1 33 ? 7.316   0.271   -9.370  1.00 11.58 ? 210 GLU A N   1 
ATOM   192  C  CA  . GLU A 1 33 ? 6.226   -0.487  -8.714  1.00 11.43 ? 210 GLU A CA  1 
ATOM   193  C  C   . GLU A 1 33 ? 6.313   -2.014  -8.830  1.00 11.85 ? 210 GLU A C   1 
ATOM   194  O  O   . GLU A 1 33 ? 6.159   -2.703  -7.820  1.00 12.12 ? 210 GLU A O   1 
ATOM   195  C  CB  . GLU A 1 33 ? 4.870   -0.024  -9.247  1.00 14.81 ? 210 GLU A CB  1 
ATOM   196  C  CG  . GLU A 1 33 ? 4.655   1.477   -9.148  1.00 19.21 ? 210 GLU A CG  1 
ATOM   197  C  CD  . GLU A 1 33 ? 3.272   1.894   -9.611  1.00 24.49 ? 210 GLU A CD  1 
ATOM   198  O  OE1 . GLU A 1 33 ? 2.295   1.630   -8.882  1.00 26.77 ? 210 GLU A OE1 1 
ATOM   199  O  OE2 . GLU A 1 33 ? 3.166   2.478   -10.708 1.00 28.38 ? 210 GLU A OE2 1 
ATOM   200  N  N   . TRP A 1 34 ? 6.518   -2.547  -10.031 1.00 9.79  ? 211 TRP A N   1 
ATOM   201  C  CA  . TRP A 1 34 ? 6.569   -4.010  -10.202 1.00 10.41 ? 211 TRP A CA  1 
ATOM   202  C  C   . TRP A 1 34 ? 7.840   -4.435  -10.940 1.00 10.77 ? 211 TRP A C   1 
ATOM   203  O  O   . TRP A 1 34 ? 8.290   -3.761  -11.863 1.00 9.21  ? 211 TRP A O   1 
ATOM   204  C  CB  . TRP A 1 34 ? 5.331   -4.500  -10.957 1.00 11.06 ? 211 TRP A CB  1 
ATOM   205  C  CG  . TRP A 1 34 ? 4.076   -4.359  -10.157 1.00 11.60 ? 211 TRP A CG  1 
ATOM   206  C  CD1 . TRP A 1 34 ? 3.213   -3.301  -10.158 1.00 13.53 ? 211 TRP A CD1 1 
ATOM   207  C  CD2 . TRP A 1 34 ? 3.580   -5.283  -9.183  1.00 12.42 ? 211 TRP A CD2 1 
ATOM   208  N  NE1 . TRP A 1 34 ? 2.206   -3.509  -9.241  1.00 12.85 ? 211 TRP A NE1 1 
ATOM   209  C  CE2 . TRP A 1 34 ? 2.409   -4.719  -8.629  1.00 12.44 ? 211 TRP A CE2 1 
ATOM   210  C  CE3 . TRP A 1 34 ? 4.012   -6.535  -8.722  1.00 11.41 ? 211 TRP A CE3 1 
ATOM   211  C  CZ2 . TRP A 1 34 ? 1.662   -5.364  -7.637  1.00 13.41 ? 211 TRP A CZ2 1 
ATOM   212  C  CZ3 . TRP A 1 34 ? 3.269   -7.175  -7.733  1.00 12.46 ? 211 TRP A CZ3 1 
ATOM   213  C  CH2 . TRP A 1 34 ? 2.107   -6.586  -7.203  1.00 12.93 ? 211 TRP A CH2 1 
ATOM   214  N  N   . PHE A 1 35 ? 8.395   -5.577  -10.530 1.00 11.04 ? 212 PHE A N   1 
ATOM   215  C  CA  . PHE A 1 35 ? 9.640   -6.098  -11.113 1.00 9.96  ? 212 PHE A CA  1 
ATOM   216  C  C   . PHE A 1 35 ? 9.523   -7.606  -11.377 1.00 10.49 ? 212 PHE A C   1 
ATOM   217  O  O   . PHE A 1 35 ? 8.821   -8.317  -10.664 1.00 9.90  ? 212 PHE A O   1 
ATOM   218  C  CB  . PHE A 1 35 ? 10.804  -5.876  -10.142 1.00 10.67 ? 212 PHE A CB  1 
ATOM   219  C  CG  . PHE A 1 35 ? 11.010  -4.440  -9.754  1.00 11.02 ? 212 PHE A CG  1 
ATOM   220  C  CD1 . PHE A 1 35 ? 10.086  -3.778  -8.947  1.00 10.05 ? 212 PHE A CD1 1 
ATOM   221  C  CD2 . PHE A 1 35 ? 12.114  -3.738  -10.223 1.00 11.66 ? 212 PHE A CD2 1 
ATOM   222  C  CE1 . PHE A 1 35 ? 10.260  -2.433  -8.616  1.00 11.80 ? 212 PHE A CE1 1 
ATOM   223  C  CE2 . PHE A 1 35 ? 12.297  -2.396  -9.897  1.00 12.65 ? 212 PHE A CE2 1 
ATOM   224  C  CZ  . PHE A 1 35 ? 11.369  -1.745  -9.094  1.00 11.06 ? 212 PHE A CZ  1 
ATOM   225  N  N   . HIS A 1 36 ? 10.233  -8.081  -12.398 1.00 9.57  ? 213 HIS A N   1 
ATOM   226  C  CA  . HIS A 1 36 ? 10.251  -9.515  -12.722 1.00 10.25 ? 213 HIS A CA  1 
ATOM   227  C  C   . HIS A 1 36 ? 11.164  -10.168 -11.677 1.00 10.67 ? 213 HIS A C   1 
ATOM   228  O  O   . HIS A 1 36 ? 12.212  -9.621  -11.341 1.00 10.43 ? 213 HIS A O   1 
ATOM   229  C  CB  . HIS A 1 36 ? 10.630  -9.728  -14.189 1.00 9.86  ? 213 HIS A CB  1 
ATOM   230  C  CG  . HIS A 1 36 ? 9.656   -9.058  -15.190 1.00 10.80 ? 213 HIS A CG  1 
ATOM   231  N  ND1 . HIS A 1 36 ? 9.928   -7.853  -15.800 1.00 10.53 ? 213 HIS A ND1 1 
ATOM   232  C  CD2 . HIS A 1 36 ? 8.446   -9.452  -15.651 1.00 5.84  ? 213 HIS A CD2 1 
ATOM   233  C  CE1 . HIS A 1 36 ? 8.924   -7.530  -16.596 1.00 7.91  ? 213 HIS A CE1 1 
ATOM   234  N  NE2 . HIS A 1 36 ? 8.012   -8.483  -16.524 1.00 11.90 ? 213 HIS A NE2 1 
ATOM   235  N  N   . PHE A 1 37 ? 10.774  -11.337 -11.177 1.00 11.09 ? 214 PHE A N   1 
ATOM   236  C  CA  . PHE A 1 37 ? 11.560  -12.045 -10.154 1.00 13.02 ? 214 PHE A CA  1 
ATOM   237  C  C   . PHE A 1 37 ? 13.049  -12.144 -10.522 1.00 13.34 ? 214 PHE A C   1 
ATOM   238  O  O   . PHE A 1 37 ? 13.908  -11.752 -9.736  1.00 13.40 ? 214 PHE A O   1 
ATOM   239  C  CB  . PHE A 1 37 ? 11.018  -13.464 -9.935  1.00 14.27 ? 214 PHE A CB  1 
ATOM   240  C  CG  . PHE A 1 37 ? 10.006  -13.574 -8.825  1.00 15.32 ? 214 PHE A CG  1 
ATOM   241  C  CD1 . PHE A 1 37 ? 9.803   -14.791 -8.182  1.00 17.59 ? 214 PHE A CD1 1 
ATOM   242  C  CD2 . PHE A 1 37 ? 9.249   -12.475 -8.429  1.00 15.08 ? 214 PHE A CD2 1 
ATOM   243  C  CE1 . PHE A 1 37 ? 8.864   -14.914 -7.158  1.00 16.70 ? 214 PHE A CE1 1 
ATOM   244  C  CE2 . PHE A 1 37 ? 8.307   -12.588 -7.406  1.00 16.33 ? 214 PHE A CE2 1 
ATOM   245  C  CZ  . PHE A 1 37 ? 8.116   -13.812 -6.771  1.00 17.91 ? 214 PHE A CZ  1 
ATOM   246  N  N   . ALA A 1 38 ? 13.347  -12.671 -11.707 1.00 14.97 ? 215 ALA A N   1 
ATOM   247  C  CA  . ALA A 1 38 ? 14.744  -12.869 -12.140 1.00 16.20 ? 215 ALA A CA  1 
ATOM   248  C  C   . ALA A 1 38 ? 15.525  -11.555 -12.190 1.00 16.96 ? 215 ALA A C   1 
ATOM   249  O  O   . ALA A 1 38 ? 16.708  -11.520 -11.843 1.00 17.31 ? 215 ALA A O   1 
ATOM   250  C  CB  . ALA A 1 38 ? 14.781  -13.547 -13.506 1.00 16.34 ? 215 ALA A CB  1 
ATOM   251  N  N   . CYS A 1 39 ? 14.877  -10.479 -12.617 1.00 16.10 ? 216 CYS A N   1 
ATOM   252  C  CA  . CYS A 1 39 ? 15.559  -9.191  -12.717 1.00 14.74 ? 216 CYS A CA  1 
ATOM   253  C  C   . CYS A 1 39 ? 16.030  -8.718  -11.333 1.00 15.07 ? 216 CYS A C   1 
ATOM   254  O  O   . CYS A 1 39 ? 16.961  -7.919  -11.237 1.00 14.42 ? 216 CYS A O   1 
ATOM   255  C  CB  . CYS A 1 39 ? 14.639  -8.158  -13.375 1.00 13.76 ? 216 CYS A CB  1 
ATOM   256  S  SG  . CYS A 1 39 ? 14.299  -8.514  -15.128 1.00 10.97 ? 216 CYS A SG  1 
ATOM   257  N  N   . VAL A 1 40 ? 15.399  -9.206  -10.267 1.00 15.12 ? 217 VAL A N   1 
ATOM   258  C  CA  . VAL A 1 40 ? 15.812  -8.810  -8.915  1.00 16.26 ? 217 VAL A CA  1 
ATOM   259  C  C   . VAL A 1 40 ? 16.401  -10.023 -8.177  1.00 18.73 ? 217 VAL A C   1 
ATOM   260  O  O   . VAL A 1 40 ? 16.423  -10.070 -6.948  1.00 19.08 ? 217 VAL A O   1 
ATOM   261  C  CB  . VAL A 1 40 ? 14.639  -8.205  -8.100  1.00 16.23 ? 217 VAL A CB  1 
ATOM   262  C  CG1 . VAL A 1 40 ? 14.272  -6.842  -8.669  1.00 17.28 ? 217 VAL A CG1 1 
ATOM   263  C  CG2 . VAL A 1 40 ? 13.438  -9.129  -8.130  1.00 16.66 ? 217 VAL A CG2 1 
ATOM   264  N  N   . ASP A 1 41 ? 16.869  -10.995 -8.956  1.00 20.29 ? 218 ASP A N   1 
ATOM   265  C  CA  . ASP A 1 41 ? 17.520  -12.214 -8.446  1.00 22.99 ? 218 ASP A CA  1 
ATOM   266  C  C   . ASP A 1 41 ? 16.660  -12.969 -7.429  1.00 23.84 ? 218 ASP A C   1 
ATOM   267  O  O   . ASP A 1 41 ? 17.172  -13.428 -6.406  1.00 24.35 ? 218 ASP A O   1 
ATOM   268  C  CB  . ASP A 1 41 ? 18.863  -11.853 -7.809  1.00 25.81 ? 218 ASP A CB  1 
ATOM   269  C  CG  . ASP A 1 41 ? 19.727  -11.014 -8.725  1.00 29.05 ? 218 ASP A CG  1 
ATOM   270  O  OD1 . ASP A 1 41 ? 19.731  -11.285 -9.945  1.00 31.61 ? 218 ASP A OD1 1 
ATOM   271  O  OD2 . ASP A 1 41 ? 20.398  -10.084 -8.229  1.00 31.80 ? 218 ASP A OD2 1 
ATOM   272  N  N   . LEU A 1 42 ? 15.373  -13.118 -7.711  1.00 21.95 ? 219 LEU A N   1 
ATOM   273  C  CA  . LEU A 1 42 ? 14.493  -13.845 -6.799  1.00 21.52 ? 219 LEU A CA  1 
ATOM   274  C  C   . LEU A 1 42 ? 14.032  -15.131 -7.470  1.00 21.57 ? 219 LEU A C   1 
ATOM   275  O  O   . LEU A 1 42 ? 13.681  -15.138 -8.648  1.00 21.02 ? 219 LEU A O   1 
ATOM   276  C  CB  . LEU A 1 42 ? 13.268  -13.004 -6.432  1.00 18.89 ? 219 LEU A CB  1 
ATOM   277  C  CG  . LEU A 1 42 ? 13.515  -11.752 -5.594  1.00 21.17 ? 219 LEU A CG  1 
ATOM   278  C  CD1 . LEU A 1 42 ? 12.192  -11.039 -5.355  1.00 20.81 ? 219 LEU A CD1 1 
ATOM   279  C  CD2 . LEU A 1 42 ? 14.167  -12.134 -4.273  1.00 21.99 ? 219 LEU A CD2 1 
ATOM   280  N  N   . THR A 1 43 ? 14.049  -16.221 -6.709  1.00 21.67 ? 220 THR A N   1 
ATOM   281  C  CA  . THR A 1 43 ? 13.598  -17.517 -7.210  1.00 22.21 ? 220 THR A CA  1 
ATOM   282  C  C   . THR A 1 43 ? 12.269  -17.810 -6.518  1.00 21.62 ? 220 THR A C   1 
ATOM   283  O  O   . THR A 1 43 ? 11.355  -18.370 -7.111  1.00 22.87 ? 220 THR A O   1 
ATOM   284  C  CB  . THR A 1 43 ? 14.601  -18.638 -6.875  1.00 23.06 ? 220 THR A CB  1 
ATOM   285  O  OG1 . THR A 1 43 ? 15.863  -18.353 -7.493  1.00 25.13 ? 220 THR A OG1 1 
ATOM   286  C  CG2 . THR A 1 43 ? 14.088  -19.975 -7.384  1.00 24.35 ? 220 THR A CG2 1 
ATOM   287  N  N   . THR A 1 44 ? 12.186  -17.417 -5.251  1.00 23.54 ? 221 THR A N   1 
ATOM   288  C  CA  . THR A 1 44 ? 10.975  -17.599 -4.445  1.00 25.13 ? 221 THR A CA  1 
ATOM   289  C  C   . THR A 1 44 ? 10.662  -16.248 -3.809  1.00 26.81 ? 221 THR A C   1 
ATOM   290  O  O   . THR A 1 44 ? 11.572  -15.481 -3.502  1.00 27.30 ? 221 THR A O   1 
ATOM   291  C  CB  . THR A 1 44 ? 11.183  -18.639 -3.326  1.00 24.56 ? 221 THR A CB  1 
ATOM   292  O  OG1 . THR A 1 44 ? 12.268  -18.230 -2.483  1.00 23.45 ? 221 THR A OG1 1 
ATOM   293  C  CG2 . THR A 1 44 ? 11.491  -20.000 -3.917  1.00 24.20 ? 221 THR A CG2 1 
ATOM   294  N  N   . LYS A 1 45 ? 9.382   -15.956 -3.610  1.00 29.70 ? 222 LYS A N   1 
ATOM   295  C  CA  . LYS A 1 45 ? 9.002   -14.674 -3.024  1.00 31.69 ? 222 LYS A CA  1 
ATOM   296  C  C   . LYS A 1 45 ? 9.589   -14.568 -1.621  1.00 31.95 ? 222 LYS A C   1 
ATOM   297  O  O   . LYS A 1 45 ? 9.528   -15.512 -0.832  1.00 31.36 ? 222 LYS A O   1 
ATOM   298  C  CB  . LYS A 1 45 ? 7.479   -14.525 -2.960  1.00 34.50 ? 222 LYS A CB  1 
ATOM   299  C  CG  . LYS A 1 45 ? 6.797   -15.348 -1.885  1.00 37.75 ? 222 LYS A CG  1 
ATOM   300  C  CD  . LYS A 1 45 ? 5.330   -14.961 -1.769  1.00 41.03 ? 222 LYS A CD  1 
ATOM   301  C  CE  . LYS A 1 45 ? 4.642   -15.706 -0.637  1.00 42.56 ? 222 LYS A CE  1 
ATOM   302  N  NZ  . LYS A 1 45 ? 3.219   -15.285 -0.490  1.00 45.00 ? 222 LYS A NZ  1 
ATOM   303  N  N   . PRO A 1 46 ? 10.183  -13.412 -1.300  1.00 32.03 ? 223 PRO A N   1 
ATOM   304  C  CA  . PRO A 1 46 ? 10.778  -13.198 0.020   1.00 31.83 ? 223 PRO A CA  1 
ATOM   305  C  C   . PRO A 1 46 ? 9.693   -13.043 1.086   1.00 31.67 ? 223 PRO A C   1 
ATOM   306  O  O   . PRO A 1 46 ? 8.514   -12.893 0.766   1.00 29.68 ? 223 PRO A O   1 
ATOM   307  C  CB  . PRO A 1 46 ? 11.591  -11.922 -0.177  1.00 32.79 ? 223 PRO A CB  1 
ATOM   308  C  CG  . PRO A 1 46 ? 10.776  -11.170 -1.181  1.00 33.22 ? 223 PRO A CG  1 
ATOM   309  C  CD  . PRO A 1 46 ? 10.403  -12.245 -2.173  1.00 32.20 ? 223 PRO A CD  1 
ATOM   310  N  N   . LYS A 1 47 ? 10.099  -13.086 2.349   1.00 31.80 ? 224 LYS A N   1 
ATOM   311  C  CA  . LYS A 1 47 ? 9.158   -12.949 3.455   1.00 32.47 ? 224 LYS A CA  1 
ATOM   312  C  C   . LYS A 1 47 ? 9.208   -11.500 3.936   1.00 31.43 ? 224 LYS A C   1 
ATOM   313  O  O   . LYS A 1 47 ? 10.276  -10.895 3.997   1.00 33.59 ? 224 LYS A O   1 
ATOM   314  C  CB  . LYS A 1 47 ? 9.548   -13.888 4.602   1.00 35.33 ? 224 LYS A CB  1 
ATOM   315  C  CG  . LYS A 1 47 ? 9.782   -15.336 4.184   1.00 37.59 ? 224 LYS A CG  1 
ATOM   316  C  CD  . LYS A 1 47 ? 8.535   -15.966 3.582   1.00 40.08 ? 224 LYS A CD  1 
ATOM   317  C  CE  . LYS A 1 47 ? 8.789   -17.413 3.186   1.00 41.32 ? 224 LYS A CE  1 
ATOM   318  N  NZ  . LYS A 1 47 ? 7.591   -18.039 2.560   1.00 42.99 ? 224 LYS A NZ  1 
ATOM   319  N  N   . GLY A 1 48 ? 8.048   -10.946 4.269   1.00 28.86 ? 225 GLY A N   1 
ATOM   320  C  CA  . GLY A 1 48 ? 8.002   -9.576  4.744   1.00 26.88 ? 225 GLY A CA  1 
ATOM   321  C  C   . GLY A 1 48 ? 8.031   -8.540  3.636   1.00 25.65 ? 225 GLY A C   1 
ATOM   322  O  O   . GLY A 1 48 ? 7.976   -8.877  2.454   1.00 23.14 ? 225 GLY A O   1 
ATOM   323  N  N   . LYS A 1 49 ? 8.119   -7.273  4.030   1.00 24.69 ? 226 LYS A N   1 
ATOM   324  C  CA  . LYS A 1 49 ? 8.148   -6.151  3.085   1.00 23.30 ? 226 LYS A CA  1 
ATOM   325  C  C   . LYS A 1 49 ? 9.350   -6.295  2.161   1.00 21.48 ? 226 LYS A C   1 
ATOM   326  O  O   . LYS A 1 49 ? 10.353  -6.906  2.516   1.00 22.70 ? 226 LYS A O   1 
ATOM   327  C  CB  . LYS A 1 49 ? 8.263   -4.826  3.839   1.00 25.81 ? 226 LYS A CB  1 
ATOM   328  C  CG  . LYS A 1 49 ? 7.021   -4.416  4.597   1.00 30.21 ? 226 LYS A CG  1 
ATOM   329  C  CD  . LYS A 1 49 ? 5.884   -4.053  3.668   1.00 35.14 ? 226 LYS A CD  1 
ATOM   330  C  CE  . LYS A 1 49 ? 4.698   -3.534  4.460   1.00 37.16 ? 226 LYS A CE  1 
ATOM   331  N  NZ  . LYS A 1 49 ? 3.552   -3.190  3.582   1.00 42.29 ? 226 LYS A NZ  1 
ATOM   332  N  N   . TRP A 1 50 ? 9.242   -5.713  0.970   1.00 17.90 ? 227 TRP A N   1 
ATOM   333  C  CA  . TRP A 1 50 ? 10.328  -5.762  -0.008  1.00 15.19 ? 227 TRP A CA  1 
ATOM   334  C  C   . TRP A 1 50 ? 10.407  -4.410  -0.700  1.00 13.72 ? 227 TRP A C   1 
ATOM   335  O  O   . TRP A 1 50 ? 9.390   -3.864  -1.122  1.00 11.84 ? 227 TRP A O   1 
ATOM   336  C  CB  . TRP A 1 50 ? 10.066  -6.833  -1.066  1.00 14.92 ? 227 TRP A CB  1 
ATOM   337  C  CG  . TRP A 1 50 ? 11.166  -6.939  -2.090  1.00 14.43 ? 227 TRP A CG  1 
ATOM   338  C  CD1 . TRP A 1 50 ? 12.348  -7.606  -1.955  1.00 16.54 ? 227 TRP A CD1 1 
ATOM   339  C  CD2 . TRP A 1 50 ? 11.192  -6.335  -3.391  1.00 14.46 ? 227 TRP A CD2 1 
ATOM   340  N  NE1 . TRP A 1 50 ? 13.110  -7.458  -3.091  1.00 18.06 ? 227 TRP A NE1 1 
ATOM   341  C  CE2 . TRP A 1 50 ? 12.425  -6.682  -3.988  1.00 15.40 ? 227 TRP A CE2 1 
ATOM   342  C  CE3 . TRP A 1 50 ? 10.295  -5.534  -4.110  1.00 12.73 ? 227 TRP A CE3 1 
ATOM   343  C  CZ2 . TRP A 1 50 ? 12.784  -6.255  -5.271  1.00 14.55 ? 227 TRP A CZ2 1 
ATOM   344  C  CZ3 . TRP A 1 50 ? 10.651  -5.109  -5.388  1.00 13.34 ? 227 TRP A CZ3 1 
ATOM   345  C  CH2 . TRP A 1 50 ? 11.887  -5.471  -5.954  1.00 13.91 ? 227 TRP A CH2 1 
ATOM   346  N  N   . PHE A 1 51 ? 11.619  -3.874  -0.805  1.00 12.33 ? 228 PHE A N   1 
ATOM   347  C  CA  . PHE A 1 51 ? 11.845  -2.599  -1.484  1.00 10.83 ? 228 PHE A CA  1 
ATOM   348  C  C   . PHE A 1 51 ? 12.852  -2.871  -2.599  1.00 11.24 ? 228 PHE A C   1 
ATOM   349  O  O   . PHE A 1 51 ? 13.838  -3.586  -2.397  1.00 10.40 ? 228 PHE A O   1 
ATOM   350  C  CB  . PHE A 1 51 ? 12.369  -1.541  -0.509  1.00 11.17 ? 228 PHE A CB  1 
ATOM   351  C  CG  . PHE A 1 51 ? 11.377  -1.164  0.557   1.00 10.88 ? 228 PHE A CG  1 
ATOM   352  C  CD1 . PHE A 1 51 ? 11.287  -1.899  1.736   1.00 12.02 ? 228 PHE A CD1 1 
ATOM   353  C  CD2 . PHE A 1 51 ? 10.506  -0.096  0.365   1.00 11.49 ? 228 PHE A CD2 1 
ATOM   354  C  CE1 . PHE A 1 51 ? 10.343  -1.574  2.709   1.00 12.14 ? 228 PHE A CE1 1 
ATOM   355  C  CE2 . PHE A 1 51 ? 9.556   0.239   1.332   1.00 12.13 ? 228 PHE A CE2 1 
ATOM   356  C  CZ  . PHE A 1 51 ? 9.476   -0.503  2.507   1.00 12.09 ? 228 PHE A CZ  1 
ATOM   357  N  N   . CYS A 1 52 ? 12.592  -2.301  -3.770  1.00 10.21 ? 229 CYS A N   1 
ATOM   358  C  CA  . CYS A 1 52 ? 13.431  -2.510  -4.952  1.00 10.87 ? 229 CYS A CA  1 
ATOM   359  C  C   . CYS A 1 52 ? 14.806  -1.844  -4.793  1.00 11.65 ? 229 CYS A C   1 
ATOM   360  O  O   . CYS A 1 52 ? 15.021  -1.022  -3.902  1.00 10.37 ? 229 CYS A O   1 
ATOM   361  C  CB  . CYS A 1 52 ? 12.725  -1.970  -6.196  1.00 9.26  ? 229 CYS A CB  1 
ATOM   362  S  SG  . CYS A 1 52 ? 12.781  -0.176  -6.400  1.00 9.84  ? 229 CYS A SG  1 
ATOM   363  N  N   . PRO A 1 53 ? 15.754  -2.199  -5.674  1.00 12.17 ? 230 PRO A N   1 
ATOM   364  C  CA  . PRO A 1 53 ? 17.115  -1.651  -5.647  1.00 12.99 ? 230 PRO A CA  1 
ATOM   365  C  C   . PRO A 1 53 ? 17.160  -0.128  -5.736  1.00 13.81 ? 230 PRO A C   1 
ATOM   366  O  O   . PRO A 1 53 ? 17.977  0.520   -5.087  1.00 15.08 ? 230 PRO A O   1 
ATOM   367  C  CB  . PRO A 1 53 ? 17.774  -2.308  -6.860  1.00 14.51 ? 230 PRO A CB  1 
ATOM   368  C  CG  . PRO A 1 53 ? 17.067  -3.628  -6.951  1.00 14.02 ? 230 PRO A CG  1 
ATOM   369  C  CD  . PRO A 1 53 ? 15.628  -3.226  -6.726  1.00 12.82 ? 230 PRO A CD  1 
ATOM   370  N  N   . ARG A 1 54 ? 16.271  0.431   -6.546  1.00 13.38 ? 231 ARG A N   1 
ATOM   371  C  CA  . ARG A 1 54 ? 16.211  1.872   -6.753  1.00 14.05 ? 231 ARG A CA  1 
ATOM   372  C  C   . ARG A 1 54 ? 15.791  2.580   -5.458  1.00 13.21 ? 231 ARG A C   1 
ATOM   373  O  O   . ARG A 1 54 ? 16.396  3.576   -5.065  1.00 13.99 ? 231 ARG A O   1 
ATOM   374  C  CB  . ARG A 1 54 ? 15.229  2.173   -7.893  1.00 15.37 ? 231 ARG A CB  1 
ATOM   375  C  CG  . ARG A 1 54 ? 14.995  3.640   -8.197  1.00 20.06 ? 231 ARG A CG  1 
ATOM   376  C  CD  . ARG A 1 54 ? 13.962  4.222   -7.262  1.00 24.33 ? 231 ARG A CD  1 
ATOM   377  N  NE  . ARG A 1 54 ? 13.595  5.586   -7.622  1.00 26.31 ? 231 ARG A NE  1 
ATOM   378  C  CZ  . ARG A 1 54 ? 12.808  6.356   -6.879  1.00 27.20 ? 231 ARG A CZ  1 
ATOM   379  N  NH1 . ARG A 1 54 ? 12.314  5.890   -5.740  1.00 23.80 ? 231 ARG A NH1 1 
ATOM   380  N  NH2 . ARG A 1 54 ? 12.517  7.588   -7.275  1.00 28.39 ? 231 ARG A NH2 1 
ATOM   381  N  N   . CYS A 1 55 ? 14.776  2.051   -4.784  1.00 10.54 ? 232 CYS A N   1 
ATOM   382  C  CA  . CYS A 1 55 ? 14.275  2.680   -3.564  1.00 11.74 ? 232 CYS A CA  1 
ATOM   383  C  C   . CYS A 1 55 ? 15.213  2.470   -2.378  1.00 13.00 ? 232 CYS A C   1 
ATOM   384  O  O   . CYS A 1 55 ? 15.269  3.312   -1.486  1.00 14.24 ? 232 CYS A O   1 
ATOM   385  C  CB  . CYS A 1 55 ? 12.872  2.162   -3.251  1.00 11.05 ? 232 CYS A CB  1 
ATOM   386  S  SG  . CYS A 1 55 ? 11.669  2.729   -4.478  1.00 10.53 ? 232 CYS A SG  1 
ATOM   387  N  N   . VAL A 1 56 ? 15.948  1.366   -2.358  1.00 12.39 ? 233 VAL A N   1 
ATOM   388  C  CA  . VAL A 1 56 ? 16.871  1.115   -1.249  1.00 16.76 ? 233 VAL A CA  1 
ATOM   389  C  C   . VAL A 1 56 ? 18.085  2.048   -1.368  1.00 20.17 ? 233 VAL A C   1 
ATOM   390  O  O   . VAL A 1 56 ? 18.623  2.503   -0.361  1.00 21.34 ? 233 VAL A O   1 
ATOM   391  C  CB  . VAL A 1 56 ? 17.373  -0.349  -1.246  1.00 15.38 ? 233 VAL A CB  1 
ATOM   392  C  CG1 . VAL A 1 56 ? 18.476  -0.519  -0.210  1.00 15.84 ? 233 VAL A CG1 1 
ATOM   393  C  CG2 . VAL A 1 56 ? 16.222  -1.293  -0.936  1.00 15.69 ? 233 VAL A CG2 1 
ATOM   394  N  N   . GLN A 1 57 ? 18.497  2.340   -2.598  1.00 22.99 ? 234 GLN A N   1 
ATOM   395  C  CA  . GLN A 1 57 ? 19.676  3.187   -2.839  1.00 28.06 ? 234 GLN A CA  1 
ATOM   396  C  C   . GLN A 1 57 ? 19.271  4.603   -3.258  1.00 31.08 ? 234 GLN A C   1 
ATOM   397  O  O   . GLN A 1 57 ? 20.129  5.401   -3.638  1.00 31.89 ? 234 GLN A O   1 
ATOM   398  C  CB  . GLN A 1 57 ? 20.532  2.566   -3.942  1.00 30.09 ? 234 GLN A CB  1 
ATOM   399  C  CG  . GLN A 1 57 ? 20.944  1.130   -3.670  1.00 35.41 ? 234 GLN A CG  1 
ATOM   400  C  CD  . GLN A 1 57 ? 21.345  0.391   -4.934  1.00 38.14 ? 234 GLN A CD  1 
ATOM   401  O  OE1 . GLN A 1 57 ? 22.249  0.812   -5.658  1.00 40.42 ? 234 GLN A OE1 1 
ATOM   402  N  NE2 . GLN A 1 57 ? 20.669  -0.722  -5.206  1.00 38.52 ? 234 GLN A NE2 1 
ATOM   403  N  N   . GLU A 1 58 ? 17.981  4.915   -3.188  1.00 32.87 ? 235 GLU A N   1 
ATOM   404  C  CA  . GLU A 1 58 ? 17.486  6.241   -3.585  1.00 36.31 ? 235 GLU A CA  1 
ATOM   405  C  C   . GLU A 1 58 ? 18.364  7.331   -2.963  1.00 37.09 ? 235 GLU A C   1 
ATOM   406  O  O   . GLU A 1 58 ? 18.915  8.146   -3.733  1.00 37.63 ? 235 GLU A O   1 
ATOM   407  C  CB  . GLU A 1 58 ? 16.033  6.427   -3.138  1.00 37.56 ? 235 GLU A CB  1 
ATOM   408  C  CG  . GLU A 1 58 ? 15.413  7.743   -3.588  1.00 42.14 ? 235 GLU A CG  1 
ATOM   409  C  CD  . GLU A 1 58 ? 13.973  7.896   -3.132  1.00 43.42 ? 235 GLU A CD  1 
ATOM   410  O  OE1 . GLU A 1 58 ? 13.143  7.030   -3.479  1.00 44.69 ? 235 GLU A OE1 1 
ATOM   411  O  OE2 . GLU A 1 58 ? 13.671  8.883   -2.429  1.00 45.95 ? 235 GLU A OE2 1 
ATOM   412  N  N   . ALA B 2 1  ? 6.260   -10.488 1.156   1.00 18.30 ? 1   ALA B N   1 
ATOM   413  C  CA  . ALA B 2 1  ? 6.290   -9.614  -0.052  1.00 17.46 ? 1   ALA B CA  1 
ATOM   414  C  C   . ALA B 2 1  ? 5.060   -9.860  -0.918  1.00 17.62 ? 1   ALA B C   1 
ATOM   415  O  O   . ALA B 2 1  ? 4.485   -10.948 -0.897  1.00 17.56 ? 1   ALA B O   1 
ATOM   416  C  CB  . ALA B 2 1  ? 7.557   -9.886  -0.855  1.00 17.70 ? 1   ALA B CB  1 
ATOM   417  N  N   . ARG B 2 2  ? 4.661   -8.844  -1.678  1.00 15.51 ? 2   ARG B N   1 
ATOM   418  C  CA  . ARG B 2 2  ? 3.497   -8.954  -2.558  1.00 15.21 ? 2   ARG B CA  1 
ATOM   419  C  C   . ARG B 2 2  ? 3.970   -9.393  -3.937  1.00 15.95 ? 2   ARG B C   1 
ATOM   420  O  O   . ARG B 2 2  ? 4.881   -8.794  -4.514  1.00 13.76 ? 2   ARG B O   1 
ATOM   421  C  CB  . ARG B 2 2  ? 2.785   -7.607  -2.664  1.00 14.78 ? 2   ARG B CB  1 
ATOM   422  C  CG  . ARG B 2 2  ? 2.214   -7.110  -1.348  1.00 15.87 ? 2   ARG B CG  1 
ATOM   423  C  CD  . ARG B 2 2  ? 1.714   -5.682  -1.468  1.00 15.10 ? 2   ARG B CD  1 
ATOM   424  N  NE  . ARG B 2 2  ? 2.795   -4.772  -1.836  1.00 15.16 ? 2   ARG B NE  1 
ATOM   425  C  CZ  . ARG B 2 2  ? 2.949   -4.234  -3.041  1.00 15.52 ? 2   ARG B CZ  1 
ATOM   426  N  NH1 . ARG B 2 2  ? 2.084   -4.501  -4.013  1.00 14.84 ? 2   ARG B NH1 1 
ATOM   427  N  NH2 . ARG B 2 2  ? 3.978   -3.435  -3.280  1.00 14.46 ? 2   ARG B NH2 1 
ATOM   428  N  N   . THR B 2 3  ? 3.342   -10.434 -4.472  1.00 14.96 ? 3   THR B N   1 
ATOM   429  C  CA  . THR B 2 3  ? 3.719   -10.940 -5.788  1.00 16.32 ? 3   THR B CA  1 
ATOM   430  C  C   . THR B 2 3  ? 2.457   -11.243 -6.579  1.00 17.26 ? 3   THR B C   1 
ATOM   431  O  O   . THR B 2 3  ? 1.362   -11.317 -6.024  1.00 16.56 ? 3   THR B O   1 
ATOM   432  C  CB  . THR B 2 3  ? 4.538   -12.237 -5.675  1.00 18.01 ? 3   THR B CB  1 
ATOM   433  O  OG1 . THR B 2 3  ? 3.727   -13.263 -5.089  1.00 19.99 ? 3   THR B OG1 1 
ATOM   434  C  CG2 . THR B 2 3  ? 5.765   -12.015 -4.803  1.00 17.59 ? 3   THR B CG2 1 
HETATM 435  N  N   . M3L B 2 4  ? 2.617   -11.417 -7.884  1.00 16.70 ? 4   M3L B N   1 
HETATM 436  C  CA  . M3L B 2 4  ? 1.485   -11.729 -8.744  1.00 19.72 ? 4   M3L B CA  1 
HETATM 437  C  CB  . M3L B 2 4  ? 0.771   -10.468 -9.238  1.00 19.71 ? 4   M3L B CB  1 
HETATM 438  C  CG  . M3L B 2 4  ? 1.600   -9.652  -10.235 1.00 19.98 ? 4   M3L B CG  1 
HETATM 439  C  CD  . M3L B 2 4  ? 0.900   -8.391  -10.741 1.00 22.34 ? 4   M3L B CD  1 
HETATM 440  C  CE  . M3L B 2 4  ? 1.857   -7.486  -11.526 1.00 24.04 ? 4   M3L B CE  1 
HETATM 441  N  NZ  . M3L B 2 4  ? 1.178   -6.576  -12.544 1.00 25.12 ? 4   M3L B NZ  1 
HETATM 442  C  C   . M3L B 2 4  ? 1.984   -12.547 -9.925  1.00 21.74 ? 4   M3L B C   1 
HETATM 443  O  O   . M3L B 2 4  ? 3.138   -12.424 -10.338 1.00 20.60 ? 4   M3L B O   1 
HETATM 444  C  CM1 . M3L B 2 4  ? 0.300   -5.578  -11.861 1.00 24.50 ? 4   M3L B CM1 1 
HETATM 445  C  CM2 . M3L B 2 4  ? 0.271   -7.214  -13.552 1.00 25.80 ? 4   M3L B CM2 1 
HETATM 446  C  CM3 . M3L B 2 4  ? 2.219   -5.822  -13.299 1.00 26.28 ? 4   M3L B CM3 1 
ATOM   447  N  N   . GLN B 2 5  ? 1.110   -13.396 -10.450 1.00 24.05 ? 5   GLN B N   1 
ATOM   448  C  CA  . GLN B 2 5  ? 1.442   -14.227 -11.598 1.00 28.21 ? 5   GLN B CA  1 
ATOM   449  C  C   . GLN B 2 5  ? 0.820   -13.551 -12.815 1.00 29.12 ? 5   GLN B C   1 
ATOM   450  O  O   . GLN B 2 5  ? -0.380  -13.287 -12.836 1.00 29.82 ? 5   GLN B O   1 
ATOM   451  C  CB  . GLN B 2 5  ? 0.864   -15.632 -11.421 1.00 30.49 ? 5   GLN B CB  1 
ATOM   452  C  CG  . GLN B 2 5  ? 1.228   -16.602 -12.534 1.00 35.34 ? 5   GLN B CG  1 
ATOM   453  C  CD  . GLN B 2 5  ? 2.726   -16.802 -12.666 1.00 37.96 ? 5   GLN B CD  1 
ATOM   454  O  OE1 . GLN B 2 5  ? 3.400   -17.175 -11.705 1.00 38.53 ? 5   GLN B OE1 1 
ATOM   455  N  NE2 . GLN B 2 5  ? 3.253   -16.557 -13.862 1.00 38.23 ? 5   GLN B NE2 1 
ATOM   456  N  N   . THR B 2 6  ? 1.641   -13.262 -13.817 1.00 30.36 ? 6   THR B N   1 
ATOM   457  C  CA  . THR B 2 6  ? 1.159   -12.604 -15.031 1.00 31.86 ? 6   THR B CA  1 
ATOM   458  C  C   . THR B 2 6  ? 0.084   -13.480 -15.673 1.00 34.18 ? 6   THR B C   1 
ATOM   459  O  O   . THR B 2 6  ? 0.305   -14.663 -15.925 1.00 34.15 ? 6   THR B O   1 
ATOM   460  C  CB  . THR B 2 6  ? 2.303   -12.393 -16.038 1.00 31.02 ? 6   THR B CB  1 
ATOM   461  O  OG1 . THR B 2 6  ? 3.340   -11.614 -15.425 1.00 29.22 ? 6   THR B OG1 1 
ATOM   462  C  CG2 . THR B 2 6  ? 1.794   -11.664 -17.276 1.00 30.36 ? 6   THR B CG2 1 
ATOM   463  N  N   . ALA B 2 7  ? -1.077  -12.888 -15.935 1.00 36.08 ? 7   ALA B N   1 
ATOM   464  C  CA  . ALA B 2 7  ? -2.189  -13.618 -16.547 1.00 38.72 ? 7   ALA B CA  1 
ATOM   465  C  C   . ALA B 2 7  ? -2.134  -13.424 -18.064 1.00 39.81 ? 7   ALA B C   1 
ATOM   466  O  O   . ALA B 2 7  ? -1.322  -12.593 -18.524 1.00 40.64 ? 7   ALA B O   1 
ATOM   467  C  CB  . ALA B 2 7  ? -3.515  -13.107 -16.000 1.00 39.02 ? 7   ALA B CB  1 
ATOM   468  N  N   . ASN C 1 7  ? 1.022   -11.973 12.712  1.00 42.83 ? 184 ASN C N   1 
ATOM   469  C  CA  . ASN C 1 7  ? 0.728   -11.437 11.352  1.00 41.43 ? 184 ASN C CA  1 
ATOM   470  C  C   . ASN C 1 7  ? 1.133   -9.975  11.207  1.00 39.01 ? 184 ASN C C   1 
ATOM   471  O  O   . ASN C 1 7  ? 1.079   -9.198  12.159  1.00 39.05 ? 184 ASN C O   1 
ATOM   472  C  CB  . ASN C 1 7  ? -0.764  -11.576 11.037  1.00 44.23 ? 184 ASN C CB  1 
ATOM   473  C  CG  . ASN C 1 7  ? -1.117  -12.934 10.471  1.00 46.66 ? 184 ASN C CG  1 
ATOM   474  O  OD1 . ASN C 1 7  ? -0.298  -13.580 9.819   1.00 48.69 ? 184 ASN C OD1 1 
ATOM   475  N  ND2 . ASN C 1 7  ? -2.346  -13.375 10.715  1.00 48.36 ? 184 ASN C ND2 1 
ATOM   476  N  N   . GLU C 1 8  ? 0.577   -9.373  10.111  1.00 35.17 ? 185 GLU C N   1 
ATOM   477  C  CA  . GLU C 1 8  ? 0.593   -7.930  9.888   1.00 31.78 ? 185 GLU C CA  1 
ATOM   478  C  C   . GLU C 1 8  ? -0.579  -7.299  10.651  1.00 27.78 ? 185 GLU C C   1 
ATOM   479  O  O   . GLU C 1 8  ? -1.675  -7.856  10.699  1.00 27.19 ? 185 GLU C O   1 
ATOM   480  C  CB  . GLU C 1 8  ? 0.477   -7.650  8.386   1.00 32.83 ? 185 GLU C CB  1 
ATOM   481  C  CG  . GLU C 1 8  ? 0.181   -6.210  8.022   1.00 34.31 ? 185 GLU C CG  1 
ATOM   482  C  CD  . GLU C 1 8  ? 0.288   -5.961  6.530   1.00 34.48 ? 185 GLU C CD  1 
ATOM   483  O  OE1 . GLU C 1 8  ? 0.415   -6.943  5.769   1.00 35.04 ? 185 GLU C OE1 1 
ATOM   484  O  OE2 . GLU C 1 8  ? 0.237   -4.785  6.119   1.00 35.83 ? 185 GLU C OE2 1 
ATOM   485  N  N   . PRO C 1 9  ? -0.354  -6.127  11.262  1.00 25.28 ? 186 PRO C N   1 
ATOM   486  C  CA  . PRO C 1 9  ? -1.408  -5.443  12.016  1.00 22.77 ? 186 PRO C CA  1 
ATOM   487  C  C   . PRO C 1 9  ? -2.590  -5.043  11.133  1.00 20.00 ? 186 PRO C C   1 
ATOM   488  O  O   . PRO C 1 9  ? -2.447  -4.888  9.923   1.00 18.45 ? 186 PRO C O   1 
ATOM   489  C  CB  . PRO C 1 9  ? -0.683  -4.237  12.606  1.00 23.07 ? 186 PRO C CB  1 
ATOM   490  C  CG  . PRO C 1 9  ? 0.366   -3.949  11.583  1.00 25.72 ? 186 PRO C CG  1 
ATOM   491  C  CD  . PRO C 1 9  ? 0.882   -5.324  11.252  1.00 24.89 ? 186 PRO C CD  1 
ATOM   492  N  N   . THR C 1 10 ? -3.755  -4.888  11.752  1.00 18.14 ? 187 THR C N   1 
ATOM   493  C  CA  . THR C 1 10 ? -4.960  -4.505  11.025  1.00 16.73 ? 187 THR C CA  1 
ATOM   494  C  C   . THR C 1 10 ? -5.447  -3.171  11.578  1.00 17.38 ? 187 THR C C   1 
ATOM   495  O  O   . THR C 1 10 ? -5.090  -2.784  12.690  1.00 16.98 ? 187 THR C O   1 
ATOM   496  C  CB  . THR C 1 10 ? -6.065  -5.563  11.182  1.00 17.23 ? 187 THR C CB  1 
ATOM   497  O  OG1 . THR C 1 10 ? -6.359  -5.750  12.570  1.00 17.34 ? 187 THR C OG1 1 
ATOM   498  C  CG2 . THR C 1 10 ? -5.614  -6.887  10.578  1.00 16.65 ? 187 THR C CG2 1 
ATOM   499  N  N   . TYR C 1 11 ? -6.262  -2.470  10.798  1.00 15.48 ? 188 TYR C N   1 
ATOM   500  C  CA  . TYR C 1 11 ? -6.768  -1.162  11.218  1.00 14.20 ? 188 TYR C CA  1 
ATOM   501  C  C   . TYR C 1 11 ? -8.185  -0.990  10.700  1.00 13.00 ? 188 TYR C C   1 
ATOM   502  O  O   . TYR C 1 11 ? -8.788  -1.916  10.164  1.00 12.40 ? 188 TYR C O   1 
ATOM   503  C  CB  . TYR C 1 11 ? -5.921  -0.038  10.612  1.00 16.02 ? 188 TYR C CB  1 
ATOM   504  C  CG  . TYR C 1 11 ? -4.433  -0.170  10.817  1.00 15.72 ? 188 TYR C CG  1 
ATOM   505  C  CD1 . TYR C 1 11 ? -3.669  -1.031  10.028  1.00 16.94 ? 188 TYR C CD1 1 
ATOM   506  C  CD2 . TYR C 1 11 ? -3.788  0.550   11.819  1.00 16.36 ? 188 TYR C CD2 1 
ATOM   507  C  CE1 . TYR C 1 11 ? -2.297  -1.171  10.236  1.00 17.79 ? 188 TYR C CE1 1 
ATOM   508  C  CE2 . TYR C 1 11 ? -2.425  0.420   12.034  1.00 17.52 ? 188 TYR C CE2 1 
ATOM   509  C  CZ  . TYR C 1 11 ? -1.684  -0.440  11.242  1.00 19.37 ? 188 TYR C CZ  1 
ATOM   510  O  OH  . TYR C 1 11 ? -0.333  -0.562  11.462  1.00 22.57 ? 188 TYR C OH  1 
ATOM   511  N  N   . CYS C 1 12 ? -8.706  0.217   10.897  1.00 12.19 ? 189 CYS C N   1 
ATOM   512  C  CA  . CYS C 1 12 ? -10.016 0.605   10.385  1.00 11.35 ? 189 CYS C CA  1 
ATOM   513  C  C   . CYS C 1 12 ? -11.163 -0.146  11.068  1.00 12.55 ? 189 CYS C C   1 
ATOM   514  O  O   . CYS C 1 12 ? -10.961 -0.964  11.965  1.00 13.43 ? 189 CYS C O   1 
ATOM   515  C  CB  . CYS C 1 12 ? -10.035 0.355   8.876   1.00 9.98  ? 189 CYS C CB  1 
ATOM   516  S  SG  . CYS C 1 12 ? -11.339 1.176   7.955   1.00 9.38  ? 189 CYS C SG  1 
ATOM   517  N  N   . LEU C 1 13 ? -12.375 0.162   10.617  1.00 13.50 ? 190 LEU C N   1 
ATOM   518  C  CA  . LEU C 1 13 ? -13.595 -0.458  11.133  1.00 13.74 ? 190 LEU C CA  1 
ATOM   519  C  C   . LEU C 1 13 ? -13.740 -1.850  10.516  1.00 13.73 ? 190 LEU C C   1 
ATOM   520  O  O   . LEU C 1 13 ? -14.521 -2.666  11.000  1.00 13.93 ? 190 LEU C O   1 
ATOM   521  C  CB  . LEU C 1 13 ? -14.810 0.392   10.758  1.00 14.54 ? 190 LEU C CB  1 
ATOM   522  C  CG  . LEU C 1 13 ? -14.887 1.801   11.346  1.00 16.77 ? 190 LEU C CG  1 
ATOM   523  C  CD1 . LEU C 1 13 ? -16.005 2.583   10.683  1.00 18.64 ? 190 LEU C CD1 1 
ATOM   524  C  CD2 . LEU C 1 13 ? -15.107 1.709   12.845  1.00 18.72 ? 190 LEU C CD2 1 
ATOM   525  N  N   . CYS C 1 14 ? -12.982 -2.113  9.454   1.00 12.82 ? 191 CYS C N   1 
ATOM   526  C  CA  . CYS C 1 14 ? -13.051 -3.406  8.757   1.00 13.23 ? 191 CYS C CA  1 
ATOM   527  C  C   . CYS C 1 14 ? -12.014 -4.385  9.322   1.00 14.06 ? 191 CYS C C   1 
ATOM   528  O  O   . CYS C 1 14 ? -12.043 -5.572  9.003   1.00 14.28 ? 191 CYS C O   1 
ATOM   529  C  CB  . CYS C 1 14 ? -12.813 -3.213  7.260   1.00 12.40 ? 191 CYS C CB  1 
ATOM   530  S  SG  . CYS C 1 14 ? -11.165 -2.586  6.860   1.00 9.93  ? 191 CYS C SG  1 
ATOM   531  N  N   . HIS C 1 15 ? -11.092 -3.876  10.133  1.00 13.06 ? 192 HIS C N   1 
ATOM   532  C  CA  . HIS C 1 15 ? -10.055 -4.702  10.769  1.00 13.46 ? 192 HIS C CA  1 
ATOM   533  C  C   . HIS C 1 15 ? -9.231  -5.471  9.730   1.00 15.03 ? 192 HIS C C   1 
ATOM   534  O  O   . HIS C 1 15 ? -8.890  -6.637  9.941   1.00 14.74 ? 192 HIS C O   1 
ATOM   535  C  CB  . HIS C 1 15 ? -10.710 -5.674  11.752  1.00 16.20 ? 192 HIS C CB  1 
ATOM   536  C  CG  . HIS C 1 15 ? -11.474 -4.991  12.841  1.00 17.08 ? 192 HIS C CG  1 
ATOM   537  N  ND1 . HIS C 1 15 ? -10.859 -4.412  13.930  1.00 19.03 ? 192 HIS C ND1 1 
ATOM   538  C  CD2 . HIS C 1 15 ? -12.797 -4.735  12.976  1.00 16.88 ? 192 HIS C CD2 1 
ATOM   539  C  CE1 . HIS C 1 15 ? -11.769 -3.824  14.686  1.00 18.44 ? 192 HIS C CE1 1 
ATOM   540  N  NE2 . HIS C 1 15 ? -12.952 -4.005  14.130  1.00 17.77 ? 192 HIS C NE2 1 
ATOM   541  N  N   . GLN C 1 16 ? -8.904  -4.816  8.620   1.00 12.83 ? 193 GLN C N   1 
ATOM   542  C  CA  . GLN C 1 16 ? -8.100  -5.451  7.576   1.00 12.92 ? 193 GLN C CA  1 
ATOM   543  C  C   . GLN C 1 16 ? -6.731  -4.773  7.560   1.00 13.64 ? 193 GLN C C   1 
ATOM   544  O  O   . GLN C 1 16 ? -6.545  -3.721  8.171   1.00 12.70 ? 193 GLN C O   1 
ATOM   545  C  CB  . GLN C 1 16 ? -8.770  -5.296  6.210   1.00 13.70 ? 193 GLN C CB  1 
ATOM   546  C  CG  . GLN C 1 16 ? -10.126 -5.969  6.114   1.00 15.70 ? 193 GLN C CG  1 
ATOM   547  C  CD  . GLN C 1 16 ? -10.068 -7.440  6.473   1.00 18.40 ? 193 GLN C CD  1 
ATOM   548  O  OE1 . GLN C 1 16 ? -9.358  -8.218  5.837   1.00 19.40 ? 193 GLN C OE1 1 
ATOM   549  N  NE2 . GLN C 1 16 ? -10.815 -7.830  7.498   1.00 16.08 ? 193 GLN C NE2 1 
ATOM   550  N  N   . VAL C 1 17 ? -5.780  -5.383  6.862   1.00 13.45 ? 194 VAL C N   1 
ATOM   551  C  CA  . VAL C 1 17 ? -4.429  -4.833  6.767   1.00 14.27 ? 194 VAL C CA  1 
ATOM   552  C  C   . VAL C 1 17 ? -4.483  -3.532  5.973   1.00 13.53 ? 194 VAL C C   1 
ATOM   553  O  O   . VAL C 1 17 ? -5.471  -3.241  5.298   1.00 13.01 ? 194 VAL C O   1 
ATOM   554  C  CB  . VAL C 1 17 ? -3.470  -5.809  6.055   1.00 13.95 ? 194 VAL C CB  1 
ATOM   555  C  CG1 . VAL C 1 17 ? -3.405  -7.121  6.821   1.00 16.35 ? 194 VAL C CG1 1 
ATOM   556  C  CG2 . VAL C 1 17 ? -3.928  -6.038  4.621   1.00 15.02 ? 194 VAL C CG2 1 
ATOM   557  N  N   . SER C 1 18 ? -3.402  -2.762  6.051   1.00 13.73 ? 195 SER C N   1 
ATOM   558  C  CA  . SER C 1 18 ? -3.304  -1.483  5.348   1.00 13.80 ? 195 SER C CA  1 
ATOM   559  C  C   . SER C 1 18 ? -3.284  -1.717  3.838   1.00 13.95 ? 195 SER C C   1 
ATOM   560  O  O   . SER C 1 18 ? -2.712  -2.693  3.352   1.00 13.94 ? 195 SER C O   1 
ATOM   561  C  CB  . SER C 1 18 ? -2.012  -0.756  5.742   1.00 14.85 ? 195 SER C CB  1 
ATOM   562  O  OG  . SER C 1 18 ? -1.892  -0.634  7.144   1.00 19.07 ? 195 SER C OG  1 
ATOM   563  N  N   . TYR C 1 19 ? -3.922  -0.814  3.106   1.00 11.84 ? 196 TYR C N   1 
ATOM   564  C  CA  . TYR C 1 19 ? -3.933  -0.876  1.647   1.00 12.39 ? 196 TYR C CA  1 
ATOM   565  C  C   . TYR C 1 19 ? -4.506  0.431   1.131   1.00 12.04 ? 196 TYR C C   1 
ATOM   566  O  O   . TYR C 1 19 ? -5.302  1.081   1.812   1.00 11.34 ? 196 TYR C O   1 
ATOM   567  C  CB  . TYR C 1 19 ? -4.743  -2.080  1.132   1.00 12.73 ? 196 TYR C CB  1 
ATOM   568  C  CG  . TYR C 1 19 ? -6.239  -2.034  1.366   1.00 13.52 ? 196 TYR C CG  1 
ATOM   569  C  CD1 . TYR C 1 19 ? -7.059  -1.178  0.630   1.00 15.58 ? 196 TYR C CD1 1 
ATOM   570  C  CD2 . TYR C 1 19 ? -6.837  -2.865  2.313   1.00 13.29 ? 196 TYR C CD2 1 
ATOM   571  C  CE1 . TYR C 1 19 ? -8.441  -1.152  0.830   1.00 15.55 ? 196 TYR C CE1 1 
ATOM   572  C  CE2 . TYR C 1 19 ? -8.214  -2.847  2.522   1.00 14.89 ? 196 TYR C CE2 1 
ATOM   573  C  CZ  . TYR C 1 19 ? -9.009  -1.989  1.777   1.00 16.28 ? 196 TYR C CZ  1 
ATOM   574  O  OH  . TYR C 1 19 ? -10.372 -1.970  1.986   1.00 17.24 ? 196 TYR C OH  1 
ATOM   575  N  N   . GLY C 1 20 ? -4.069  0.823   -0.061  1.00 10.72 ? 197 GLY C N   1 
ATOM   576  C  CA  . GLY C 1 20 ? -4.544  2.054   -0.663  1.00 11.46 ? 197 GLY C CA  1 
ATOM   577  C  C   . GLY C 1 20 ? -4.266  3.272   0.193   1.00 11.33 ? 197 GLY C C   1 
ATOM   578  O  O   . GLY C 1 20 ? -3.331  3.284   0.991   1.00 11.47 ? 197 GLY C O   1 
ATOM   579  N  N   . GLU C 1 21 ? -5.088  4.303   0.025   1.00 10.21 ? 198 GLU C N   1 
ATOM   580  C  CA  . GLU C 1 21 ? -4.932  5.537   0.788   1.00 10.85 ? 198 GLU C CA  1 
ATOM   581  C  C   . GLU C 1 21 ? -5.682  5.390   2.104   1.00 10.41 ? 198 GLU C C   1 
ATOM   582  O  O   . GLU C 1 21 ? -6.805  4.878   2.141   1.00 8.25  ? 198 GLU C O   1 
ATOM   583  C  CB  . GLU C 1 21 ? -5.494  6.720   0.006   1.00 13.57 ? 198 GLU C CB  1 
ATOM   584  C  CG  . GLU C 1 21 ? -4.698  7.078   -1.229  1.00 21.49 ? 198 GLU C CG  1 
ATOM   585  C  CD  . GLU C 1 21 ? -5.254  8.299   -1.931  1.00 25.69 ? 198 GLU C CD  1 
ATOM   586  O  OE1 . GLU C 1 21 ? -6.322  8.182   -2.569  1.00 30.22 ? 198 GLU C OE1 1 
ATOM   587  O  OE2 . GLU C 1 21 ? -4.630  9.375   -1.831  1.00 28.76 ? 198 GLU C OE2 1 
ATOM   588  N  N   . MET C 1 22 ? -5.057  5.846   3.184   1.00 9.32  ? 199 MET C N   1 
ATOM   589  C  CA  . MET C 1 22 ? -5.666  5.753   4.501   1.00 9.37  ? 199 MET C CA  1 
ATOM   590  C  C   . MET C 1 22 ? -5.564  7.110   5.184   1.00 10.49 ? 199 MET C C   1 
ATOM   591  O  O   . MET C 1 22 ? -4.633  7.879   4.937   1.00 10.12 ? 199 MET C O   1 
ATOM   592  C  CB  . MET C 1 22 ? -4.969  4.662   5.317   1.00 10.00 ? 199 MET C CB  1 
ATOM   593  C  CG  . MET C 1 22 ? -5.087  3.283   4.662   1.00 8.70  ? 199 MET C CG  1 
ATOM   594  S  SD  . MET C 1 22 ? -4.388  1.945   5.635   1.00 12.83 ? 199 MET C SD  1 
ATOM   595  C  CE  . MET C 1 22 ? -5.625  1.794   6.926   1.00 10.96 ? 199 MET C CE  1 
ATOM   596  N  N   . ILE C 1 23 ? -6.537  7.399   6.040   1.00 9.90  ? 200 ILE C N   1 
ATOM   597  C  CA  . ILE C 1 23 ? -6.585  8.676   6.736   1.00 10.94 ? 200 ILE C CA  1 
ATOM   598  C  C   . ILE C 1 23 ? -6.565  8.432   8.247   1.00 11.32 ? 200 ILE C C   1 
ATOM   599  O  O   . ILE C 1 23 ? -7.085  7.426   8.738   1.00 9.95  ? 200 ILE C O   1 
ATOM   600  C  CB  . ILE C 1 23 ? -7.860  9.449   6.329   1.00 12.32 ? 200 ILE C CB  1 
ATOM   601  C  CG1 . ILE C 1 23 ? -7.875  10.832  6.978   1.00 12.25 ? 200 ILE C CG1 1 
ATOM   602  C  CG2 . ILE C 1 23 ? -9.099  8.642   6.702   1.00 12.43 ? 200 ILE C CG2 1 
ATOM   603  C  CD1 . ILE C 1 23 ? -8.968  11.730  6.442   1.00 15.38 ? 200 ILE C CD1 1 
ATOM   604  N  N   . GLY C 1 24 ? -5.948  9.360   8.974   1.00 11.01 ? 201 GLY C N   1 
ATOM   605  C  CA  . GLY C 1 24 ? -5.863  9.242   10.416  1.00 11.90 ? 201 GLY C CA  1 
ATOM   606  C  C   . GLY C 1 24 ? -6.862  10.140  11.119  1.00 12.45 ? 201 GLY C C   1 
ATOM   607  O  O   . GLY C 1 24 ? -7.043  11.296  10.740  1.00 12.16 ? 201 GLY C O   1 
ATOM   608  N  N   . CYS C 1 25 ? -7.514  9.606   12.145  1.00 11.58 ? 202 CYS C N   1 
ATOM   609  C  CA  . CYS C 1 25 ? -8.501  10.367  12.910  1.00 11.67 ? 202 CYS C CA  1 
ATOM   610  C  C   . CYS C 1 25 ? -7.761  11.432  13.723  1.00 12.01 ? 202 CYS C C   1 
ATOM   611  O  O   . CYS C 1 25 ? -6.740  11.148  14.345  1.00 12.13 ? 202 CYS C O   1 
ATOM   612  C  CB  . CYS C 1 25 ? -9.270  9.430   13.842  1.00 11.40 ? 202 CYS C CB  1 
ATOM   613  S  SG  . CYS C 1 25 ? -10.576 10.247  14.765  1.00 10.37 ? 202 CYS C SG  1 
ATOM   614  N  N   . ASP C 1 26 ? -8.290  12.651  13.733  1.00 11.90 ? 203 ASP C N   1 
ATOM   615  C  CA  . ASP C 1 26 ? -7.632  13.735  14.452  1.00 12.75 ? 203 ASP C CA  1 
ATOM   616  C  C   . ASP C 1 26 ? -7.972  13.753  15.942  1.00 12.97 ? 203 ASP C C   1 
ATOM   617  O  O   . ASP C 1 26 ? -7.634  14.705  16.645  1.00 14.50 ? 203 ASP C O   1 
ATOM   618  C  CB  . ASP C 1 26 ? -7.928  15.077  13.785  1.00 12.20 ? 203 ASP C CB  1 
ATOM   619  C  CG  . ASP C 1 26 ? -7.056  15.304  12.563  1.00 14.91 ? 203 ASP C CG  1 
ATOM   620  O  OD1 . ASP C 1 26 ? -5.830  15.095  12.683  1.00 17.40 ? 203 ASP C OD1 1 
ATOM   621  O  OD2 . ASP C 1 26 ? -7.577  15.678  11.497  1.00 15.33 ? 203 ASP C OD2 1 
ATOM   622  N  N   . ASN C 1 27 ? -8.648  12.716  16.424  1.00 12.16 ? 204 ASN C N   1 
ATOM   623  C  CA  . ASN C 1 27 ? -8.915  12.620  17.860  1.00 13.02 ? 204 ASN C CA  1 
ATOM   624  C  C   . ASN C 1 27 ? -7.761  11.781  18.407  1.00 13.25 ? 204 ASN C C   1 
ATOM   625  O  O   . ASN C 1 27 ? -7.682  10.582  18.147  1.00 13.45 ? 204 ASN C O   1 
ATOM   626  C  CB  . ASN C 1 27 ? -10.237 11.908  18.152  1.00 12.76 ? 204 ASN C CB  1 
ATOM   627  C  CG  . ASN C 1 27 ? -10.409 11.599  19.628  1.00 14.49 ? 204 ASN C CG  1 
ATOM   628  O  OD1 . ASN C 1 27 ? -9.669  12.113  20.466  1.00 13.06 ? 204 ASN C OD1 1 
ATOM   629  N  ND2 . ASN C 1 27 ? -11.389 10.762  19.957  1.00 13.74 ? 204 ASN C ND2 1 
ATOM   630  N  N   . PRO C 1 28 ? -6.844  12.405  19.157  1.00 15.00 ? 205 PRO C N   1 
ATOM   631  C  CA  . PRO C 1 28 ? -5.696  11.690  19.721  1.00 16.31 ? 205 PRO C CA  1 
ATOM   632  C  C   . PRO C 1 28 ? -6.060  10.447  20.533  1.00 16.46 ? 205 PRO C C   1 
ATOM   633  O  O   . PRO C 1 28 ? -5.258  9.521   20.649  1.00 17.50 ? 205 PRO C O   1 
ATOM   634  C  CB  . PRO C 1 28 ? -5.017  12.753  20.583  1.00 17.03 ? 205 PRO C CB  1 
ATOM   635  C  CG  . PRO C 1 28 ? -5.355  14.027  19.877  1.00 18.22 ? 205 PRO C CG  1 
ATOM   636  C  CD  . PRO C 1 28 ? -6.813  13.825  19.550  1.00 14.97 ? 205 PRO C CD  1 
ATOM   637  N  N   . ASP C 1 29 ? -7.271  10.424  21.083  1.00 15.40 ? 206 ASP C N   1 
ATOM   638  C  CA  . ASP C 1 29 ? -7.703  9.295   21.907  1.00 16.27 ? 206 ASP C CA  1 
ATOM   639  C  C   . ASP C 1 29 ? -8.450  8.248   21.076  1.00 15.89 ? 206 ASP C C   1 
ATOM   640  O  O   . ASP C 1 29 ? -8.977  7.289   21.636  1.00 14.36 ? 206 ASP C O   1 
ATOM   641  C  CB  . ASP C 1 29 ? -8.609  9.777   23.047  1.00 16.37 ? 206 ASP C CB  1 
ATOM   642  C  CG  . ASP C 1 29 ? -7.924  10.785  23.951  1.00 18.48 ? 206 ASP C CG  1 
ATOM   643  O  OD1 . ASP C 1 29 ? -6.687  10.703  24.105  1.00 18.62 ? 206 ASP C OD1 1 
ATOM   644  O  OD2 . ASP C 1 29 ? -8.626  11.647  24.522  1.00 17.94 ? 206 ASP C OD2 1 
ATOM   645  N  N   . CYS C 1 30 ? -8.493  8.415   19.758  1.00 14.99 ? 207 CYS C N   1 
ATOM   646  C  CA  . CYS C 1 30 ? -9.208  7.454   18.908  1.00 15.06 ? 207 CYS C CA  1 
ATOM   647  C  C   . CYS C 1 30 ? -8.564  6.073   19.048  1.00 15.88 ? 207 CYS C C   1 
ATOM   648  O  O   . CYS C 1 30 ? -7.349  5.931   18.951  1.00 17.13 ? 207 CYS C O   1 
ATOM   649  C  CB  . CYS C 1 30 ? -9.169  7.885   17.442  1.00 13.80 ? 207 CYS C CB  1 
ATOM   650  S  SG  . CYS C 1 30 ? -10.136 6.807   16.361  1.00 11.29 ? 207 CYS C SG  1 
ATOM   651  N  N   . PRO C 1 31 ? -9.384  5.037   19.271  1.00 17.30 ? 208 PRO C N   1 
ATOM   652  C  CA  . PRO C 1 31 ? -8.865  3.675   19.421  1.00 18.17 ? 208 PRO C CA  1 
ATOM   653  C  C   . PRO C 1 31 ? -8.535  2.973   18.094  1.00 18.51 ? 208 PRO C C   1 
ATOM   654  O  O   . PRO C 1 31 ? -7.797  1.993   18.080  1.00 20.97 ? 208 PRO C O   1 
ATOM   655  C  CB  . PRO C 1 31 ? -9.982  2.974   20.186  1.00 18.42 ? 208 PRO C CB  1 
ATOM   656  C  CG  . PRO C 1 31 ? -11.207 3.619   19.624  1.00 19.06 ? 208 PRO C CG  1 
ATOM   657  C  CD  . PRO C 1 31 ? -10.824 5.088   19.584  1.00 18.18 ? 208 PRO C CD  1 
ATOM   658  N  N   . ILE C 1 32 ? -9.076  3.479   16.989  1.00 16.47 ? 209 ILE C N   1 
ATOM   659  C  CA  . ILE C 1 32 ? -8.831  2.870   15.672  1.00 15.41 ? 209 ILE C CA  1 
ATOM   660  C  C   . ILE C 1 32 ? -7.682  3.617   14.979  1.00 14.57 ? 209 ILE C C   1 
ATOM   661  O  O   . ILE C 1 32 ? -6.774  3.001   14.427  1.00 13.44 ? 209 ILE C O   1 
ATOM   662  C  CB  . ILE C 1 32 ? -10.094 2.933   14.803  1.00 15.99 ? 209 ILE C CB  1 
ATOM   663  C  CG1 . ILE C 1 32 ? -11.255 2.269   15.547  1.00 19.38 ? 209 ILE C CG1 1 
ATOM   664  C  CG2 . ILE C 1 32 ? -9.849  2.226   13.475  1.00 16.46 ? 209 ILE C CG2 1 
ATOM   665  C  CD1 . ILE C 1 32 ? -12.589 2.420   14.860  1.00 23.94 ? 209 ILE C CD1 1 
ATOM   666  N  N   . GLU C 1 33 ? -7.759  4.945   15.003  1.00 13.59 ? 210 GLU C N   1 
ATOM   667  C  CA  . GLU C 1 33 ? -6.739  5.851   14.447  1.00 14.77 ? 210 GLU C CA  1 
ATOM   668  C  C   . GLU C 1 33 ? -6.645  5.880   12.912  1.00 13.29 ? 210 GLU C C   1 
ATOM   669  O  O   . GLU C 1 33 ? -6.725  6.957   12.325  1.00 14.75 ? 210 GLU C O   1 
ATOM   670  C  CB  . GLU C 1 33 ? -5.357  5.538   15.029  1.00 18.90 ? 210 GLU C CB  1 
ATOM   671  C  CG  . GLU C 1 33 ? -4.316  6.581   14.653  1.00 27.42 ? 210 GLU C CG  1 
ATOM   672  C  CD  . GLU C 1 33 ? -2.980  6.374   15.340  1.00 30.97 ? 210 GLU C CD  1 
ATOM   673  O  OE1 . GLU C 1 33 ? -2.087  7.228   15.157  1.00 35.36 ? 210 GLU C OE1 1 
ATOM   674  O  OE2 . GLU C 1 33 ? -2.822  5.363   16.060  1.00 33.30 ? 210 GLU C OE2 1 
ATOM   675  N  N   . TRP C 1 34 ? -6.458  4.738   12.257  1.00 10.59 ? 211 TRP C N   1 
ATOM   676  C  CA  . TRP C 1 34 ? -6.312  4.752   10.785  1.00 10.10 ? 211 TRP C CA  1 
ATOM   677  C  C   . TRP C 1 34 ? -7.462  4.028   10.094  1.00 9.70  ? 211 TRP C C   1 
ATOM   678  O  O   . TRP C 1 34 ? -7.904  2.973   10.540  1.00 10.12 ? 211 TRP C O   1 
ATOM   679  C  CB  . TRP C 1 34 ? -4.973  4.133   10.380  1.00 10.57 ? 211 TRP C CB  1 
ATOM   680  C  CG  . TRP C 1 34 ? -3.800  4.964   10.801  1.00 11.00 ? 211 TRP C CG  1 
ATOM   681  C  CD1 . TRP C 1 34 ? -3.066  4.835   11.945  1.00 13.21 ? 211 TRP C CD1 1 
ATOM   682  C  CD2 . TRP C 1 34 ? -3.254  6.081   10.095  1.00 11.30 ? 211 TRP C CD2 1 
ATOM   683  N  NE1 . TRP C 1 34 ? -2.092  5.806   11.994  1.00 12.79 ? 211 TRP C NE1 1 
ATOM   684  C  CE2 . TRP C 1 34 ? -2.186  6.584   10.870  1.00 13.09 ? 211 TRP C CE2 1 
ATOM   685  C  CE3 . TRP C 1 34 ? -3.563  6.707   8.880   1.00 12.67 ? 211 TRP C CE3 1 
ATOM   686  C  CZ2 . TRP C 1 34 ? -1.424  7.688   10.469  1.00 13.12 ? 211 TRP C CZ2 1 
ATOM   687  C  CZ3 . TRP C 1 34 ? -2.807  7.805   8.482   1.00 13.77 ? 211 TRP C CZ3 1 
ATOM   688  C  CH2 . TRP C 1 34 ? -1.749  8.282   9.277   1.00 14.39 ? 211 TRP C CH2 1 
ATOM   689  N  N   . PHE C 1 35 ? -7.919  4.607   8.982   1.00 9.62  ? 212 PHE C N   1 
ATOM   690  C  CA  . PHE C 1 35 ? -9.052  4.064   8.218   1.00 9.62  ? 212 PHE C CA  1 
ATOM   691  C  C   . PHE C 1 35 ? -8.764  4.081   6.714   1.00 9.92  ? 212 PHE C C   1 
ATOM   692  O  O   . PHE C 1 35 ? -8.093  4.981   6.208   1.00 10.53 ? 212 PHE C O   1 
ATOM   693  C  CB  . PHE C 1 35 ? -10.302 4.917   8.461   1.00 8.99  ? 212 PHE C CB  1 
ATOM   694  C  CG  . PHE C 1 35 ? -10.682 5.042   9.902   1.00 10.73 ? 212 PHE C CG  1 
ATOM   695  C  CD1 . PHE C 1 35 ? -9.936  5.838   10.768  1.00 10.12 ? 212 PHE C CD1 1 
ATOM   696  C  CD2 . PHE C 1 35 ? -11.764 4.330   10.408  1.00 10.94 ? 212 PHE C CD2 1 
ATOM   697  C  CE1 . PHE C 1 35 ? -10.263 5.918   12.119  1.00 8.89  ? 212 PHE C CE1 1 
ATOM   698  C  CE2 . PHE C 1 35 ? -12.097 4.404   11.755  1.00 10.45 ? 212 PHE C CE2 1 
ATOM   699  C  CZ  . PHE C 1 35 ? -11.346 5.197   12.611  1.00 10.74 ? 212 PHE C CZ  1 
ATOM   700  N  N   . HIS C 1 36 ? -9.296  3.088   6.005   1.00 8.68  ? 213 HIS C N   1 
ATOM   701  C  CA  . HIS C 1 36 ? -9.150  3.030   4.547   1.00 9.46  ? 213 HIS C CA  1 
ATOM   702  C  C   . HIS C 1 36 ? -10.125 4.087   4.007   1.00 10.06 ? 213 HIS C C   1 
ATOM   703  O  O   . HIS C 1 36 ? -11.228 4.231   4.529   1.00 9.29  ? 213 HIS C O   1 
ATOM   704  C  CB  . HIS C 1 36 ? -9.558  1.655   4.012   1.00 10.31 ? 213 HIS C CB  1 
ATOM   705  C  CG  . HIS C 1 36 ? -8.817  0.512   4.636   1.00 10.55 ? 213 HIS C CG  1 
ATOM   706  N  ND1 . HIS C 1 36 ? -7.524  0.181   4.292   1.00 12.54 ? 213 HIS C ND1 1 
ATOM   707  C  CD2 . HIS C 1 36 ? -9.192  -0.377  5.585   1.00 7.48  ? 213 HIS C CD2 1 
ATOM   708  C  CE1 . HIS C 1 36 ? -7.135  -0.864  5.003   1.00 6.68  ? 213 HIS C CE1 1 
ATOM   709  N  NE2 . HIS C 1 36 ? -8.128  -1.223  5.794   1.00 13.43 ? 213 HIS C NE2 1 
ATOM   710  N  N   . PHE C 1 37 ? -9.726  4.813   2.968   1.00 10.69 ? 214 PHE C N   1 
ATOM   711  C  CA  . PHE C 1 37 ? -10.577 5.869   2.394   1.00 11.17 ? 214 PHE C CA  1 
ATOM   712  C  C   . PHE C 1 37 ? -12.004 5.376   2.105   1.00 11.49 ? 214 PHE C C   1 
ATOM   713  O  O   . PHE C 1 37 ? -12.975 5.986   2.547   1.00 11.67 ? 214 PHE C O   1 
ATOM   714  C  CB  . PHE C 1 37 ? -9.980  6.409   1.089   1.00 12.17 ? 214 PHE C CB  1 
ATOM   715  C  CG  . PHE C 1 37 ? -9.052  7.583   1.269   1.00 11.44 ? 214 PHE C CG  1 
ATOM   716  C  CD1 . PHE C 1 37 ? -8.853  8.483   0.223   1.00 12.55 ? 214 PHE C CD1 1 
ATOM   717  C  CD2 . PHE C 1 37 ? -8.364  7.782   2.461   1.00 12.30 ? 214 PHE C CD2 1 
ATOM   718  C  CE1 . PHE C 1 37 ? -7.982  9.565   0.359   1.00 12.61 ? 214 PHE C CE1 1 
ATOM   719  C  CE2 . PHE C 1 37 ? -7.488  8.862   2.611   1.00 14.35 ? 214 PHE C CE2 1 
ATOM   720  C  CZ  . PHE C 1 37 ? -7.297  9.756   1.554   1.00 14.34 ? 214 PHE C CZ  1 
ATOM   721  N  N   . ALA C 1 38 ? -12.124 4.282   1.357   1.00 11.48 ? 215 ALA C N   1 
ATOM   722  C  CA  . ALA C 1 38 ? -13.442 3.753   0.966   1.00 12.19 ? 215 ALA C CA  1 
ATOM   723  C  C   . ALA C 1 38 ? -14.300 3.383   2.177   1.00 12.76 ? 215 ALA C C   1 
ATOM   724  O  O   . ALA C 1 38 ? -15.530 3.507   2.133   1.00 12.69 ? 215 ALA C O   1 
ATOM   725  C  CB  . ALA C 1 38 ? -13.270 2.542   0.059   1.00 13.26 ? 215 ALA C CB  1 
ATOM   726  N  N   . CYS C 1 39 ? -13.671 2.933   3.255   1.00 12.38 ? 216 CYS C N   1 
ATOM   727  C  CA  . CYS C 1 39 ? -14.428 2.535   4.436   1.00 11.52 ? 216 CYS C CA  1 
ATOM   728  C  C   . CYS C 1 39 ? -15.068 3.752   5.113   1.00 12.06 ? 216 CYS C C   1 
ATOM   729  O  O   . CYS C 1 39 ? -16.021 3.601   5.875   1.00 12.21 ? 216 CYS C O   1 
ATOM   730  C  CB  . CYS C 1 39 ? -13.527 1.781   5.414   1.00 11.64 ? 216 CYS C CB  1 
ATOM   731  S  SG  . CYS C 1 39 ? -12.953 0.183   4.762   1.00 11.51 ? 216 CYS C SG  1 
ATOM   732  N  N   . VAL C 1 40 ? -14.561 4.950   4.838   1.00 11.89 ? 217 VAL C N   1 
ATOM   733  C  CA  . VAL C 1 40 ? -15.142 6.148   5.447   1.00 12.86 ? 217 VAL C CA  1 
ATOM   734  C  C   . VAL C 1 40 ? -15.693 7.085   4.361   1.00 14.54 ? 217 VAL C C   1 
ATOM   735  O  O   . VAL C 1 40 ? -15.755 8.300   4.539   1.00 15.28 ? 217 VAL C O   1 
ATOM   736  C  CB  . VAL C 1 40 ? -14.124 6.886   6.357   1.00 12.30 ? 217 VAL C CB  1 
ATOM   737  C  CG1 . VAL C 1 40 ? -13.873 6.053   7.606   1.00 12.39 ? 217 VAL C CG1 1 
ATOM   738  C  CG2 . VAL C 1 40 ? -12.818 7.136   5.618   1.00 10.98 ? 217 VAL C CG2 1 
ATOM   739  N  N   . ASP C 1 41 ? -16.085 6.486   3.240   1.00 16.02 ? 218 ASP C N   1 
ATOM   740  C  CA  . ASP C 1 41 ? -16.697 7.195   2.104   1.00 19.28 ? 218 ASP C CA  1 
ATOM   741  C  C   . ASP C 1 41 ? -15.834 8.339   1.578   1.00 19.01 ? 218 ASP C C   1 
ATOM   742  O  O   . ASP C 1 41 ? -16.357 9.406   1.257   1.00 20.40 ? 218 ASP C O   1 
ATOM   743  C  CB  . ASP C 1 41 ? -18.065 7.745   2.511   1.00 22.57 ? 218 ASP C CB  1 
ATOM   744  C  CG  . ASP C 1 41 ? -19.009 6.662   2.984   1.00 25.94 ? 218 ASP C CG  1 
ATOM   745  O  OD1 . ASP C 1 41 ? -19.306 5.746   2.190   1.00 30.55 ? 218 ASP C OD1 1 
ATOM   746  O  OD2 . ASP C 1 41 ? -19.452 6.725   4.151   1.00 30.37 ? 218 ASP C OD2 1 
ATOM   747  N  N   . LEU C 1 42 ? -14.529 8.124   1.468   1.00 16.78 ? 219 LEU C N   1 
ATOM   748  C  CA  . LEU C 1 42 ? -13.649 9.173   0.951   1.00 15.64 ? 219 LEU C CA  1 
ATOM   749  C  C   . LEU C 1 42 ? -13.056 8.723   -0.375  1.00 17.17 ? 219 LEU C C   1 
ATOM   750  O  O   . LEU C 1 42 ? -12.611 7.586   -0.515  1.00 13.94 ? 219 LEU C O   1 
ATOM   751  C  CB  . LEU C 1 42 ? -12.515 9.477   1.934   1.00 16.14 ? 219 LEU C CB  1 
ATOM   752  C  CG  . LEU C 1 42 ? -12.888 10.159  3.251   1.00 16.45 ? 219 LEU C CG  1 
ATOM   753  C  CD1 . LEU C 1 42 ? -11.642 10.330  4.104   1.00 17.21 ? 219 LEU C CD1 1 
ATOM   754  C  CD2 . LEU C 1 42 ? -13.532 11.509  2.968   1.00 17.88 ? 219 LEU C CD2 1 
ATOM   755  N  N   . THR C 1 43 ? -13.065 9.624   -1.349  1.00 18.13 ? 220 THR C N   1 
ATOM   756  C  CA  . THR C 1 43 ? -12.495 9.349   -2.662  1.00 21.26 ? 220 THR C CA  1 
ATOM   757  C  C   . THR C 1 43 ? -11.231 10.199  -2.771  1.00 21.00 ? 220 THR C C   1 
ATOM   758  O  O   . THR C 1 43 ? -10.245 9.794   -3.384  1.00 21.81 ? 220 THR C O   1 
ATOM   759  C  CB  . THR C 1 43 ? -13.505 9.620   -3.779  1.00 23.43 ? 220 THR C CB  1 
ATOM   760  O  OG1 . THR C 1 43 ? -14.655 8.783   -3.601  1.00 28.17 ? 220 THR C OG1 1 
ATOM   761  C  CG2 . THR C 1 43 ? -12.888 9.325   -5.138  1.00 26.45 ? 220 THR C CG2 1 
ATOM   762  N  N   . THR C 1 44 ? -11.275 11.379  -2.157  1.00 20.36 ? 221 THR C N   1 
ATOM   763  C  CA  . THR C 1 44 ? -10.132 12.296  -2.127  1.00 20.62 ? 221 THR C CA  1 
ATOM   764  C  C   . THR C 1 44 ? -9.975  12.760  -0.672  1.00 20.86 ? 221 THR C C   1 
ATOM   765  O  O   . THR C 1 44 ? -10.945 12.778  0.086   1.00 19.96 ? 221 THR C O   1 
ATOM   766  C  CB  . THR C 1 44 ? -10.339 13.510  -3.066  1.00 21.20 ? 221 THR C CB  1 
ATOM   767  O  OG1 . THR C 1 44 ? -11.599 14.132  -2.790  1.00 22.63 ? 221 THR C OG1 1 
ATOM   768  C  CG2 . THR C 1 44 ? -10.302 13.064  -4.519  1.00 21.07 ? 221 THR C CG2 1 
ATOM   769  N  N   . LYS C 1 45 ? -8.758  13.131  -0.286  1.00 21.32 ? 222 LYS C N   1 
ATOM   770  C  CA  . LYS C 1 45 ? -8.492  13.534  1.100   1.00 24.13 ? 222 LYS C CA  1 
ATOM   771  C  C   . LYS C 1 45 ? -9.108  14.895  1.435   1.00 24.96 ? 222 LYS C C   1 
ATOM   772  O  O   . LYS C 1 45 ? -9.153  15.800  0.599   1.00 23.72 ? 222 LYS C O   1 
ATOM   773  C  CB  . LYS C 1 45 ? -6.986  13.588  1.362   1.00 26.93 ? 222 LYS C CB  1 
ATOM   774  C  CG  . LYS C 1 45 ? -6.273  14.728  0.653   1.00 30.82 ? 222 LYS C CG  1 
ATOM   775  C  CD  . LYS C 1 45 ? -4.784  14.721  0.958   1.00 34.99 ? 222 LYS C CD  1 
ATOM   776  C  CE  . LYS C 1 45 ? -4.070  15.860  0.248   1.00 37.37 ? 222 LYS C CE  1 
ATOM   777  N  NZ  . LYS C 1 45 ? -2.609  15.866  0.537   1.00 40.49 ? 222 LYS C NZ  1 
ATOM   778  N  N   . PRO C 1 46 ? -9.594  15.044  2.679   1.00 24.71 ? 223 PRO C N   1 
ATOM   779  C  CA  . PRO C 1 46 ? -10.208 16.280  3.172   1.00 25.50 ? 223 PRO C CA  1 
ATOM   780  C  C   . PRO C 1 46 ? -9.150  17.380  3.250   1.00 25.28 ? 223 PRO C C   1 
ATOM   781  O  O   . PRO C 1 46 ? -7.966  17.101  3.440   1.00 24.33 ? 223 PRO C O   1 
ATOM   782  C  CB  . PRO C 1 46 ? -10.721 15.883  4.555   1.00 25.97 ? 223 PRO C CB  1 
ATOM   783  C  CG  . PRO C 1 46 ? -11.009 14.421  4.401   1.00 26.01 ? 223 PRO C CG  1 
ATOM   784  C  CD  . PRO C 1 46 ? -9.802  13.946  3.640   1.00 24.97 ? 223 PRO C CD  1 
ATOM   785  N  N   . LYS C 1 47 ? -9.587  18.627  3.119   1.00 26.29 ? 224 LYS C N   1 
ATOM   786  C  CA  . LYS C 1 47 ? -8.675  19.770  3.153   1.00 27.65 ? 224 LYS C CA  1 
ATOM   787  C  C   . LYS C 1 47 ? -8.148  19.980  4.578   1.00 26.75 ? 224 LYS C C   1 
ATOM   788  O  O   . LYS C 1 47 ? -6.942  20.129  4.786   1.00 27.97 ? 224 LYS C O   1 
ATOM   789  C  CB  . LYS C 1 47 ? -9.407  21.031  2.685   1.00 30.19 ? 224 LYS C CB  1 
ATOM   790  C  CG  . LYS C 1 47 ? -10.473 20.784  1.622   1.00 34.55 ? 224 LYS C CG  1 
ATOM   791  C  CD  . LYS C 1 47 ? -9.908  20.131  0.366   1.00 35.88 ? 224 LYS C CD  1 
ATOM   792  C  CE  . LYS C 1 47 ? -11.010 19.884  -0.656  1.00 38.50 ? 224 LYS C CE  1 
ATOM   793  N  NZ  . LYS C 1 47 ? -10.516 19.196  -1.885  1.00 38.93 ? 224 LYS C NZ  1 
ATOM   794  N  N   . GLY C 1 48 ? -9.053  19.991  5.553   1.00 23.46 ? 225 GLY C N   1 
ATOM   795  C  CA  . GLY C 1 48 ? -8.648  20.211  6.931   1.00 20.95 ? 225 GLY C CA  1 
ATOM   796  C  C   . GLY C 1 48 ? -8.649  18.990  7.828   1.00 19.67 ? 225 GLY C C   1 
ATOM   797  O  O   . GLY C 1 48 ? -8.348  17.882  7.388   1.00 19.35 ? 225 GLY C O   1 
ATOM   798  N  N   . LYS C 1 49 ? -8.985  19.196  9.099   1.00 17.62 ? 226 LYS C N   1 
ATOM   799  C  CA  . LYS C 1 49 ? -9.014  18.105  10.068  1.00 16.07 ? 226 LYS C CA  1 
ATOM   800  C  C   . LYS C 1 49 ? -10.154 17.154  9.733   1.00 15.59 ? 226 LYS C C   1 
ATOM   801  O  O   . LYS C 1 49 ? -11.120 17.528  9.071   1.00 14.94 ? 226 LYS C O   1 
ATOM   802  C  CB  . LYS C 1 49 ? -9.181  18.646  11.486  1.00 17.85 ? 226 LYS C CB  1 
ATOM   803  C  CG  . LYS C 1 49 ? -7.925  19.285  12.050  1.00 22.57 ? 226 LYS C CG  1 
ATOM   804  C  CD  . LYS C 1 49 ? -8.021  19.394  13.559  1.00 25.71 ? 226 LYS C CD  1 
ATOM   805  C  CE  . LYS C 1 49 ? -6.688  19.744  14.184  1.00 28.33 ? 226 LYS C CE  1 
ATOM   806  N  NZ  . LYS C 1 49 ? -6.779  19.712  15.669  1.00 30.20 ? 226 LYS C NZ  1 
ATOM   807  N  N   . TRP C 1 50 ? -10.034 15.920  10.208  1.00 12.54 ? 227 TRP C N   1 
ATOM   808  C  CA  . TRP C 1 50 ? -11.038 14.895  9.941   1.00 12.81 ? 227 TRP C CA  1 
ATOM   809  C  C   . TRP C 1 50 ? -11.170 13.998  11.173  1.00 11.86 ? 227 TRP C C   1 
ATOM   810  O  O   . TRP C 1 50 ? -10.174 13.654  11.807  1.00 11.82 ? 227 TRP C O   1 
ATOM   811  C  CB  . TRP C 1 50 ? -10.598 14.046  8.744   1.00 12.07 ? 227 TRP C CB  1 
ATOM   812  C  CG  . TRP C 1 50 ? -11.521 12.902  8.437   1.00 11.94 ? 227 TRP C CG  1 
ATOM   813  C  CD1 . TRP C 1 50 ? -12.656 12.943  7.682   1.00 12.12 ? 227 TRP C CD1 1 
ATOM   814  C  CD2 . TRP C 1 50 ? -11.397 11.552  8.902   1.00 10.55 ? 227 TRP C CD2 1 
ATOM   815  N  NE1 . TRP C 1 50 ? -13.249 11.704  7.648   1.00 13.31 ? 227 TRP C NE1 1 
ATOM   816  C  CE2 . TRP C 1 50 ? -12.498 10.832  8.388   1.00 10.97 ? 227 TRP C CE2 1 
ATOM   817  C  CE3 . TRP C 1 50 ? -10.463 10.882  9.705   1.00 9.01  ? 227 TRP C CE3 1 
ATOM   818  C  CZ2 . TRP C 1 50 ? -12.690 9.470   8.650   1.00 10.76 ? 227 TRP C CZ2 1 
ATOM   819  C  CZ3 . TRP C 1 50 ? -10.655 9.527   9.966   1.00 9.66  ? 227 TRP C CZ3 1 
ATOM   820  C  CH2 . TRP C 1 50 ? -11.761 8.837   9.437   1.00 9.84  ? 227 TRP C CH2 1 
ATOM   821  N  N   . PHE C 1 51 ? -12.406 13.628  11.498  1.00 11.34 ? 228 PHE C N   1 
ATOM   822  C  CA  . PHE C 1 51 ? -12.680 12.742  12.633  1.00 11.48 ? 228 PHE C CA  1 
ATOM   823  C  C   . PHE C 1 51 ? -13.506 11.568  12.109  1.00 11.71 ? 228 PHE C C   1 
ATOM   824  O  O   . PHE C 1 51 ? -14.410 11.746  11.292  1.00 11.38 ? 228 PHE C O   1 
ATOM   825  C  CB  . PHE C 1 51 ? -13.435 13.486  13.736  1.00 10.80 ? 228 PHE C CB  1 
ATOM   826  C  CG  . PHE C 1 51 ? -12.650 14.610  14.346  1.00 12.51 ? 228 PHE C CG  1 
ATOM   827  C  CD1 . PHE C 1 51 ? -12.692 15.884  13.792  1.00 13.37 ? 228 PHE C CD1 1 
ATOM   828  C  CD2 . PHE C 1 51 ? -11.834 14.384  15.451  1.00 12.71 ? 228 PHE C CD2 1 
ATOM   829  C  CE1 . PHE C 1 51 ? -11.931 16.922  14.332  1.00 12.22 ? 228 PHE C CE1 1 
ATOM   830  C  CE2 . PHE C 1 51 ? -11.070 15.410  15.999  1.00 13.43 ? 228 PHE C CE2 1 
ATOM   831  C  CZ  . PHE C 1 51 ? -11.118 16.683  15.438  1.00 13.59 ? 228 PHE C CZ  1 
ATOM   832  N  N   . CYS C 1 52 ? -13.188 10.369  12.588  1.00 11.21 ? 229 CYS C N   1 
ATOM   833  C  CA  . CYS C 1 52 ? -13.859 9.148   12.142  1.00 12.11 ? 229 CYS C CA  1 
ATOM   834  C  C   . CYS C 1 52 ? -15.296 9.077   12.671  1.00 13.36 ? 229 CYS C C   1 
ATOM   835  O  O   . CYS C 1 52 ? -15.675 9.809   13.581  1.00 12.60 ? 229 CYS C O   1 
ATOM   836  C  CB  . CYS C 1 52 ? -13.073 7.921   12.606  1.00 11.76 ? 229 CYS C CB  1 
ATOM   837  S  SG  . CYS C 1 52 ? -13.311 7.480   14.341  1.00 11.95 ? 229 CYS C SG  1 
ATOM   838  N  N   . PRO C 1 53 ? -16.110 8.174   12.098  1.00 14.45 ? 230 PRO C N   1 
ATOM   839  C  CA  . PRO C 1 53 ? -17.514 7.971   12.477  1.00 15.13 ? 230 PRO C CA  1 
ATOM   840  C  C   . PRO C 1 53 ? -17.720 7.688   13.963  1.00 15.39 ? 230 PRO C C   1 
ATOM   841  O  O   . PRO C 1 53 ? -18.671 8.172   14.571  1.00 15.87 ? 230 PRO C O   1 
ATOM   842  C  CB  . PRO C 1 53 ? -17.934 6.785   11.611  1.00 16.24 ? 230 PRO C CB  1 
ATOM   843  C  CG  . PRO C 1 53 ? -17.103 6.961   10.383  1.00 15.72 ? 230 PRO C CG  1 
ATOM   844  C  CD  . PRO C 1 53 ? -15.752 7.302   10.963  1.00 15.47 ? 230 PRO C CD  1 
ATOM   845  N  N   . ARG C 1 54 ? -16.817 6.901   14.536  1.00 14.93 ? 231 ARG C N   1 
ATOM   846  C  CA  . ARG C 1 54 ? -16.894 6.529   15.944  1.00 16.29 ? 231 ARG C CA  1 
ATOM   847  C  C   . ARG C 1 54 ? -16.692 7.762   16.837  1.00 16.27 ? 231 ARG C C   1 
ATOM   848  O  O   . ARG C 1 54 ? -17.426 7.959   17.806  1.00 17.12 ? 231 ARG C O   1 
ATOM   849  C  CB  . ARG C 1 54 ? -15.839 5.452   16.240  1.00 18.53 ? 231 ARG C CB  1 
ATOM   850  C  CG  . ARG C 1 54 ? -15.722 5.017   17.693  1.00 23.04 ? 231 ARG C CG  1 
ATOM   851  C  CD  . ARG C 1 54 ? -14.827 5.962   18.472  1.00 28.58 ? 231 ARG C CD  1 
ATOM   852  N  NE  . ARG C 1 54 ? -14.555 5.482   19.822  1.00 31.55 ? 231 ARG C NE  1 
ATOM   853  C  CZ  . ARG C 1 54 ? -13.881 6.176   20.733  1.00 33.43 ? 231 ARG C CZ  1 
ATOM   854  N  NH1 . ARG C 1 54 ? -13.413 7.382   20.436  1.00 31.38 ? 231 ARG C NH1 1 
ATOM   855  N  NH2 . ARG C 1 54 ? -13.674 5.666   21.942  1.00 34.78 ? 231 ARG C NH2 1 
ATOM   856  N  N   . CYS C 1 55 ? -15.716 8.599   16.504  1.00 13.65 ? 232 CYS C N   1 
ATOM   857  C  CA  . CYS C 1 55 ? -15.432 9.783   17.320  1.00 13.70 ? 232 CYS C CA  1 
ATOM   858  C  C   . CYS C 1 55 ? -16.474 10.879  17.101  1.00 15.22 ? 232 CYS C C   1 
ATOM   859  O  O   . CYS C 1 55 ? -16.715 11.686  17.993  1.00 16.61 ? 232 CYS C O   1 
ATOM   860  C  CB  . CYS C 1 55 ? -14.027 10.299  17.021  1.00 13.56 ? 232 CYS C CB  1 
ATOM   861  S  SG  . CYS C 1 55 ? -12.751 9.132   17.555  1.00 11.97 ? 232 CYS C SG  1 
ATOM   862  N  N   . VAL C 1 56 ? -17.090 10.917  15.926  1.00 15.14 ? 233 VAL C N   1 
ATOM   863  C  CA  . VAL C 1 56 ? -18.111 11.931  15.666  1.00 18.99 ? 233 VAL C CA  1 
ATOM   864  C  C   . VAL C 1 56 ? -19.377 11.546  16.440  1.00 23.37 ? 233 VAL C C   1 
ATOM   865  O  O   . VAL C 1 56 ? -19.981 12.378  17.112  1.00 23.64 ? 233 VAL C O   1 
ATOM   866  C  CB  . VAL C 1 56 ? -18.460 12.023  14.165  1.00 18.65 ? 233 VAL C CB  1 
ATOM   867  C  CG1 . VAL C 1 56 ? -19.686 12.912  13.967  1.00 18.18 ? 233 VAL C CG1 1 
ATOM   868  C  CG2 . VAL C 1 56 ? -17.280 12.584  13.391  1.00 18.43 ? 233 VAL C CG2 1 
ATOM   869  N  N   . GLN C 1 57 ? -19.785 10.267  16.338  1.00 27.73 ? 234 GLN C N   1 
ATOM   870  C  CA  . GLN C 1 57 ? -21.015 9.798   17.044  1.00 34.23 ? 234 GLN C CA  1 
ATOM   871  C  C   . GLN C 1 57 ? -20.662 9.504   18.489  1.00 37.51 ? 234 GLN C C   1 
ATOM   872  O  O   . GLN C 1 57 ? -21.300 8.641   19.080  1.00 40.01 ? 234 GLN C O   1 
ATOM   873  C  CB  . GLN C 1 57 ? -21.582 8.504   16.439  1.00 35.59 ? 234 GLN C CB  1 
ATOM   874  C  CG  . GLN C 1 57 ? -21.915 8.566   14.968  1.00 39.04 ? 234 GLN C CG  1 
ATOM   875  C  CD  . GLN C 1 57 ? -22.140 7.199   14.314  1.00 40.83 ? 234 GLN C CD  1 
ATOM   876  O  OE1 . GLN C 1 57 ? -22.721 6.304   14.914  1.00 41.73 ? 234 GLN C OE1 1 
ATOM   877  N  NE2 . GLN C 1 57 ? -21.760 6.819   13.097  1.00 40.73 ? 234 GLN C NE2 1 
ATOM   878  N  N   . GLU C 1 58 ? -19.641 10.136  19.108  1.00 40.77 ? 235 GLU C N   1 
ATOM   879  C  CA  . GLU C 1 58 ? -19.234 9.470   20.385  1.00 44.27 ? 235 GLU C CA  1 
ATOM   880  C  C   . GLU C 1 58 ? -20.246 9.530   21.517  1.00 45.03 ? 235 GLU C C   1 
ATOM   881  O  O   . GLU C 1 58 ? -20.877 10.550  21.752  1.00 45.81 ? 235 GLU C O   1 
ATOM   882  C  CB  . GLU C 1 58 ? -17.945 10.090  20.926  1.00 46.42 ? 235 GLU C CB  1 
ATOM   883  C  CG  . GLU C 1 58 ? -17.325 9.325   22.084  1.00 50.60 ? 235 GLU C CG  1 
ATOM   884  C  CD  . GLU C 1 58 ? -16.051 9.970   22.592  1.00 52.91 ? 235 GLU C CD  1 
ATOM   885  O  OE1 . GLU C 1 58 ? -15.652 11.016  22.039  1.00 55.26 ? 235 GLU C OE1 1 
ATOM   886  O  OE2 . GLU C 1 58 ? -15.451 9.429   23.545  1.00 53.57 ? 235 GLU C OE2 1 
ATOM   887  N  N   . ALA D 2 1  ? -5.879  17.090  6.281   1.00 21.27 ? 1   ALA D N   1 
ATOM   888  C  CA  . ALA D 2 1  ? -5.969  15.811  7.043   1.00 20.78 ? 1   ALA D CA  1 
ATOM   889  C  C   . ALA D 2 1  ? -4.651  15.043  6.957   1.00 20.93 ? 1   ALA D C   1 
ATOM   890  O  O   . ALA D 2 1  ? -3.837  15.292  6.071   1.00 21.77 ? 1   ALA D O   1 
ATOM   891  C  CB  . ALA D 2 1  ? -7.107  14.960  6.490   1.00 22.28 ? 1   ALA D CB  1 
ATOM   892  N  N   . ARG D 2 2  ? -4.440  14.119  7.886   1.00 18.99 ? 2   ARG D N   1 
ATOM   893  C  CA  . ARG D 2 2  ? -3.215  13.323  7.889   1.00 19.39 ? 2   ARG D CA  1 
ATOM   894  C  C   . ARG D 2 2  ? -3.517  12.012  7.164   1.00 18.46 ? 2   ARG D C   1 
ATOM   895  O  O   . ARG D 2 2  ? -4.477  11.320  7.491   1.00 16.12 ? 2   ARG D O   1 
ATOM   896  C  CB  . ARG D 2 2  ? -2.699  13.140  9.318   1.00 21.91 ? 2   ARG D CB  1 
ATOM   897  C  CG  . ARG D 2 2  ? -3.038  14.289  10.253  1.00 28.57 ? 2   ARG D CG  1 
ATOM   898  C  CD  . ARG D 2 2  ? -2.952  13.862  11.709  1.00 31.49 ? 2   ARG D CD  1 
ATOM   899  N  NE  . ARG D 2 2  ? -3.873  12.772  12.015  1.00 35.04 ? 2   ARG D NE  1 
ATOM   900  C  CZ  . ARG D 2 2  ? -3.497  11.580  12.466  1.00 37.39 ? 2   ARG D CZ  1 
ATOM   901  N  NH1 . ARG D 2 2  ? -2.211  11.322  12.666  1.00 37.48 ? 2   ARG D NH1 1 
ATOM   902  N  NH2 . ARG D 2 2  ? -4.408  10.655  12.735  1.00 39.20 ? 2   ARG D NH2 1 
ATOM   903  N  N   . THR D 2 3  ? -2.698  11.683  6.170   1.00 16.19 ? 3   THR D N   1 
ATOM   904  C  CA  . THR D 2 3  ? -2.929  10.472  5.391   1.00 13.85 ? 3   THR D CA  1 
ATOM   905  C  C   . THR D 2 3  ? -1.619  9.743   5.146   1.00 14.17 ? 3   THR D C   1 
ATOM   906  O  O   . THR D 2 3  ? -0.535  10.237  5.458   1.00 12.84 ? 3   THR D O   1 
ATOM   907  C  CB  . THR D 2 3  ? -3.540  10.807  4.019   1.00 14.15 ? 3   THR D CB  1 
ATOM   908  O  OG1 . THR D 2 3  ? -2.616  11.611  3.273   1.00 15.98 ? 3   THR D OG1 1 
ATOM   909  C  CG2 . THR D 2 3  ? -4.847  11.573  4.184   1.00 14.65 ? 3   THR D CG2 1 
HETATM 910  N  N   . M3L D 2 4  ? -1.738  8.546   4.590   1.00 13.53 ? 4   M3L D N   1 
HETATM 911  C  CA  . M3L D 2 4  ? -0.575  7.747   4.252   1.00 12.95 ? 4   M3L D CA  1 
HETATM 912  C  CB  . M3L D 2 4  ? -0.058  6.911   5.424   1.00 14.16 ? 4   M3L D CB  1 
HETATM 913  C  CG  . M3L D 2 4  ? -0.960  5.737   5.781   1.00 12.97 ? 4   M3L D CG  1 
HETATM 914  C  CD  . M3L D 2 4  ? -0.440  4.905   6.947   1.00 15.24 ? 4   M3L D CD  1 
HETATM 915  C  CE  . M3L D 2 4  ? -1.536  3.993   7.493   1.00 14.05 ? 4   M3L D CE  1 
HETATM 916  N  NZ  . M3L D 2 4  ? -1.058  2.929   8.462   1.00 12.37 ? 4   M3L D NZ  1 
HETATM 917  C  C   . M3L D 2 4  ? -0.953  6.877   3.059   1.00 13.72 ? 4   M3L D C   1 
HETATM 918  O  O   . M3L D 2 4  ? -2.122  6.512   2.886   1.00 13.41 ? 4   M3L D O   1 
HETATM 919  C  CM1 . M3L D 2 4  ? -0.505  3.539   9.703   1.00 10.42 ? 4   M3L D CM1 1 
HETATM 920  C  CM2 . M3L D 2 4  ? 0.032   2.006   8.000   1.00 11.53 ? 4   M3L D CM2 1 
HETATM 921  C  CM3 . M3L D 2 4  ? -2.224  2.085   8.851   1.00 12.39 ? 4   M3L D CM3 1 
ATOM   922  N  N   . GLN D 2 5  ? 0.036   6.572   2.227   1.00 13.29 ? 5   GLN D N   1 
ATOM   923  C  CA  . GLN D 2 5  ? -0.177  5.759   1.033   1.00 13.97 ? 5   GLN D CA  1 
ATOM   924  C  C   . GLN D 2 5  ? 0.381   4.367   1.295   1.00 14.06 ? 5   GLN D C   1 
ATOM   925  O  O   . GLN D 2 5  ? 1.330   4.203   2.063   1.00 13.41 ? 5   GLN D O   1 
ATOM   926  C  CB  . GLN D 2 5  ? 0.557   6.373   -0.161  1.00 15.75 ? 5   GLN D CB  1 
ATOM   927  C  CG  . GLN D 2 5  ? 0.169   7.806   -0.476  1.00 20.17 ? 5   GLN D CG  1 
ATOM   928  C  CD  . GLN D 2 5  ? -1.244  7.915   -1.000  1.00 23.16 ? 5   GLN D CD  1 
ATOM   929  O  OE1 . GLN D 2 5  ? -1.609  7.246   -1.965  1.00 26.62 ? 5   GLN D OE1 1 
ATOM   930  N  NE2 . GLN D 2 5  ? -2.047  8.768   -0.371  1.00 26.14 ? 5   GLN D NE2 1 
ATOM   931  N  N   . THR D 2 6  ? -0.209  3.372   0.644   1.00 13.69 ? 6   THR D N   1 
ATOM   932  C  CA  . THR D 2 6  ? 0.228   1.985   0.786   1.00 13.61 ? 6   THR D CA  1 
ATOM   933  C  C   . THR D 2 6  ? 0.434   1.432   -0.621  1.00 13.93 ? 6   THR D C   1 
ATOM   934  O  O   . THR D 2 6  ? -0.382  1.676   -1.512  1.00 13.25 ? 6   THR D O   1 
ATOM   935  C  CB  . THR D 2 6  ? -0.841  1.124   1.488   1.00 15.15 ? 6   THR D CB  1 
ATOM   936  O  OG1 . THR D 2 6  ? -1.361  1.830   2.616   1.00 17.83 ? 6   THR D OG1 1 
ATOM   937  C  CG2 . THR D 2 6  ? -0.236  -0.193  1.961   1.00 13.58 ? 6   THR D CG2 1 
ATOM   938  N  N   . ALA D 2 7  ? 1.522   0.696   -0.823  1.00 12.51 ? 7   ALA D N   1 
ATOM   939  C  CA  . ALA D 2 7  ? 1.801   0.110   -2.139  1.00 13.96 ? 7   ALA D CA  1 
ATOM   940  C  C   . ALA D 2 7  ? 0.717   -0.935  -2.434  1.00 13.93 ? 7   ALA D C   1 
ATOM   941  O  O   . ALA D 2 7  ? 0.211   -1.013  -3.552  1.00 15.25 ? 7   ALA D O   1 
ATOM   942  C  CB  . ALA D 2 7  ? 3.185   -0.532  -2.149  1.00 14.69 ? 7   ALA D CB  1 
ATOM   943  N  N   . ARG D 2 8  ? 0.374   -1.742  -1.433  1.00 14.96 ? 8   ARG D N   1 
ATOM   944  C  CA  . ARG D 2 8  ? -0.678  -2.756  -1.592  1.00 16.27 ? 8   ARG D CA  1 
ATOM   945  C  C   . ARG D 2 8  ? -1.962  -1.974  -1.895  1.00 17.44 ? 8   ARG D C   1 
ATOM   946  O  O   . ARG D 2 8  ? -2.299  -1.042  -1.169  1.00 15.89 ? 8   ARG D O   1 
ATOM   947  C  CB  . ARG D 2 8  ? -0.847  -3.554  -0.298  1.00 16.10 ? 8   ARG D CB  1 
ATOM   948  C  CG  . ARG D 2 8  ? -1.895  -4.655  -0.383  1.00 16.35 ? 8   ARG D CG  1 
ATOM   949  C  CD  . ARG D 2 8  ? -2.220  -5.220  0.992   1.00 16.80 ? 8   ARG D CD  1 
ATOM   950  N  NE  . ARG D 2 8  ? -1.075  -5.872  1.622   1.00 19.10 ? 8   ARG D NE  1 
ATOM   951  C  CZ  . ARG D 2 8  ? -0.598  -7.062  1.266   1.00 21.48 ? 8   ARG D CZ  1 
ATOM   952  N  NH1 . ARG D 2 8  ? -1.165  -7.743  0.279   1.00 21.33 ? 8   ARG D NH1 1 
ATOM   953  N  NH2 . ARG D 2 8  ? 0.447   -7.574  1.903   1.00 24.08 ? 8   ARG D NH2 1 
ATOM   954  N  N   . LYS D 2 9  ? -2.678  -2.354  -2.951  1.00 19.59 ? 9   LYS D N   1 
ATOM   955  C  CA  . LYS D 2 9  ? -3.890  -1.618  -3.333  1.00 22.73 ? 9   LYS D CA  1 
ATOM   956  C  C   . LYS D 2 9  ? -5.173  -2.300  -2.850  1.00 25.39 ? 9   LYS D C   1 
ATOM   957  O  O   . LYS D 2 9  ? -6.246  -1.706  -2.916  1.00 25.63 ? 9   LYS D O   1 
ATOM   958  C  CB  . LYS D 2 9  ? -3.932  -1.427  -4.852  1.00 22.92 ? 9   LYS D CB  1 
ATOM   959  C  CG  . LYS D 2 9  ? -2.737  -0.655  -5.399  1.00 24.51 ? 9   LYS D CG  1 
ATOM   960  C  CD  . LYS D 2 9  ? -2.561  0.676   -4.677  1.00 26.15 ? 9   LYS D CD  1 
ATOM   961  C  CE  . LYS D 2 9  ? -1.322  1.417   -5.154  1.00 27.69 ? 9   LYS D CE  1 
ATOM   962  N  NZ  . LYS D 2 9  ? -1.095  2.671   -4.376  1.00 26.34 ? 9   LYS D NZ  1 
ATOM   963  N  N   . SER D 2 10 ? -5.072  -3.532  -2.364  1.00 29.04 ? 10  SER D N   1 
ATOM   964  C  CA  . SER D 2 10 ? -6.260  -4.239  -1.873  1.00 33.56 ? 10  SER D CA  1 
ATOM   965  C  C   . SER D 2 10 ? -5.818  -5.383  -0.966  1.00 35.46 ? 10  SER D C   1 
ATOM   966  O  O   . SER D 2 10 ? -4.652  -5.769  -0.962  1.00 36.58 ? 10  SER D O   1 
ATOM   967  C  CB  . SER D 2 10 ? -7.083  -4.788  -3.043  1.00 34.27 ? 10  SER D CB  1 
ATOM   968  O  OG  . SER D 2 10 ? -6.352  -5.751  -3.781  1.00 35.99 ? 10  SER D OG  1 
ATOM   969  N  N   . THR D 2 11 ? -6.760  -5.921  -0.195  1.00 38.50 ? 11  THR D N   1 
ATOM   970  C  CA  . THR D 2 11 ? -6.466  -7.026  0.714   1.00 41.17 ? 11  THR D CA  1 
ATOM   971  C  C   . THR D 2 11 ? -5.941  -8.201  -0.108  1.00 42.88 ? 11  THR D C   1 
ATOM   972  O  O   . THR D 2 11 ? -4.836  -8.693  0.206   1.00 44.92 ? 11  THR D O   1 
ATOM   973  C  CB  . THR D 2 11 ? -7.727  -7.478  1.479   1.00 42.19 ? 11  THR D CB  1 
ATOM   974  O  OG1 . THR D 2 11 ? -8.753  -7.830  0.543   1.00 43.39 ? 11  THR D OG1 1 
ATOM   975  C  CG2 . THR D 2 11 ? -8.231  -6.363  2.381   1.00 42.43 ? 11  THR D CG2 1 
HETATM 976  ZN ZN  . ZN  E 3 .  ? 12.609  -7.083  -15.532 1.00 15.90 ? 1   ZN  A ZN  1 
HETATM 977  ZN ZN  . ZN  F 3 .  ? 10.883  0.837   -5.557  1.00 15.27 ? 2   ZN  A ZN  1 
HETATM 978  ZN ZN  . ZN  G 3 .  ? -11.321 -0.356  6.235   1.00 16.81 ? 3   ZN  C ZN  1 
HETATM 979  ZN ZN  . ZN  H 3 .  ? -11.644 8.381   15.679  1.00 17.32 ? 4   ZN  C ZN  1 
HETATM 980  O  O   . HOH I 4 .  ? 3.705   -2.605  -5.960  1.00 14.13 ? 27  HOH A O   1 
HETATM 981  O  O   . HOH I 4 .  ? 5.331   0.553   -5.333  1.00 12.82 ? 237 HOH A O   1 
HETATM 982  O  O   . HOH I 4 .  ? 9.677   0.376   -15.570 1.00 14.69 ? 238 HOH A O   1 
HETATM 983  O  O   . HOH I 4 .  ? 13.057  -8.712  -19.159 1.00 12.24 ? 239 HOH A O   1 
HETATM 984  O  O   . HOH I 4 .  ? 2.494   -2.178  0.724   1.00 13.90 ? 240 HOH A O   1 
HETATM 985  O  O   . HOH I 4 .  ? 8.450   -6.019  -23.638 1.00 11.98 ? 241 HOH A O   1 
HETATM 986  O  O   . HOH I 4 .  ? 6.251   -6.567  -1.604  1.00 13.37 ? 242 HOH A O   1 
HETATM 987  O  O   . HOH I 4 .  ? 3.547   0.336   1.189   1.00 13.07 ? 243 HOH A O   1 
HETATM 988  O  O   . HOH I 4 .  ? 9.154   9.762   -1.973  1.00 15.37 ? 244 HOH A O   1 
HETATM 989  O  O   . HOH I 4 .  ? 9.002   -12.699 -14.017 1.00 15.51 ? 245 HOH A O   1 
HETATM 990  O  O   . HOH I 4 .  ? 16.294  -4.454  -3.273  1.00 15.53 ? 246 HOH A O   1 
HETATM 991  O  O   . HOH I 4 .  ? 10.554  7.703   -3.286  1.00 19.09 ? 247 HOH A O   1 
HETATM 992  O  O   . HOH I 4 .  ? 8.938   0.995   -18.165 1.00 16.33 ? 248 HOH A O   1 
HETATM 993  O  O   . HOH I 4 .  ? 11.654  -13.268 -14.018 1.00 17.04 ? 249 HOH A O   1 
HETATM 994  O  O   . HOH I 4 .  ? 9.861   8.239   -5.811  1.00 29.97 ? 250 HOH A O   1 
HETATM 995  O  O   . HOH I 4 .  ? 3.208   9.059   -0.466  1.00 23.59 ? 251 HOH A O   1 
HETATM 996  O  O   . HOH I 4 .  ? 18.734  -13.261 -11.698 1.00 23.71 ? 252 HOH A O   1 
HETATM 997  O  O   . HOH I 4 .  ? 11.339  -1.126  -23.526 1.00 23.26 ? 253 HOH A O   1 
HETATM 998  O  O   . HOH I 4 .  ? 13.432  -11.454 -15.782 1.00 19.50 ? 254 HOH A O   1 
HETATM 999  O  O   . HOH I 4 .  ? 4.141   5.114   -7.331  1.00 30.51 ? 255 HOH A O   1 
HETATM 1000 O  O   . HOH I 4 .  ? 2.535   -5.779  -19.346 1.00 21.19 ? 256 HOH A O   1 
HETATM 1001 O  O   . HOH I 4 .  ? 14.107  -5.107  0.301   1.00 24.71 ? 257 HOH A O   1 
HETATM 1002 O  O   . HOH I 4 .  ? 14.474  6.141   -10.062 1.00 38.87 ? 258 HOH A O   1 
HETATM 1003 O  O   . HOH I 4 .  ? 2.880   1.310   -5.940  1.00 22.44 ? 259 HOH A O   1 
HETATM 1004 O  O   . HOH I 4 .  ? 16.028  1.122   -15.711 1.00 35.87 ? 260 HOH A O   1 
HETATM 1005 O  O   . HOH I 4 .  ? 23.540  1.520   -8.734  1.00 25.41 ? 261 HOH A O   1 
HETATM 1006 O  O   . HOH I 4 .  ? 18.703  -6.507  -9.447  1.00 26.56 ? 262 HOH A O   1 
HETATM 1007 O  O   . HOH I 4 .  ? 15.215  -16.316 -4.057  1.00 23.96 ? 263 HOH A O   1 
HETATM 1008 O  O   . HOH I 4 .  ? 4.881   -2.369  -24.712 1.00 34.07 ? 264 HOH A O   1 
HETATM 1009 O  O   . HOH I 4 .  ? 16.421  -6.496  -5.083  1.00 26.17 ? 265 HOH A O   1 
HETATM 1010 O  O   . HOH I 4 .  ? 15.156  -3.695  2.239   1.00 31.05 ? 266 HOH A O   1 
HETATM 1011 O  O   . HOH I 4 .  ? 1.731   -2.920  3.099   1.00 30.74 ? 267 HOH A O   1 
HETATM 1012 O  O   . HOH I 4 .  ? 8.484   -16.343 -13.115 1.00 26.54 ? 268 HOH A O   1 
HETATM 1013 O  O   . HOH I 4 .  ? 17.592  -16.529 -6.447  1.00 30.16 ? 269 HOH A O   1 
HETATM 1014 O  O   . HOH I 4 .  ? 7.459   -3.760  -24.924 1.00 27.18 ? 270 HOH A O   1 
HETATM 1015 O  O   . HOH I 4 .  ? 11.726  -17.154 0.037   1.00 32.45 ? 271 HOH A O   1 
HETATM 1016 O  O   . HOH I 4 .  ? 12.865  -9.240  -21.842 1.00 24.35 ? 272 HOH A O   1 
HETATM 1017 O  O   . HOH I 4 .  ? 18.467  -6.783  -6.753  1.00 26.23 ? 273 HOH A O   1 
HETATM 1018 O  O   . HOH I 4 .  ? 8.688   -18.345 -6.573  1.00 54.01 ? 274 HOH A O   1 
HETATM 1019 O  O   . HOH I 4 .  ? 7.035   0.347   -14.255 1.00 21.94 ? 275 HOH A O   1 
HETATM 1020 O  O   . HOH I 4 .  ? 18.301  4.852   -6.615  1.00 28.14 ? 276 HOH A O   1 
HETATM 1021 O  O   . HOH I 4 .  ? 6.659   0.060   -24.780 1.00 36.79 ? 277 HOH A O   1 
HETATM 1022 O  O   . HOH I 4 .  ? 4.269   0.747   -15.627 1.00 34.76 ? 278 HOH A O   1 
HETATM 1023 O  O   . HOH I 4 .  ? 9.147   -1.196  -25.127 1.00 34.65 ? 279 HOH A O   1 
HETATM 1024 O  O   . HOH I 4 .  ? 4.247   -6.159  1.409   1.00 30.52 ? 280 HOH A O   1 
HETATM 1025 O  O   . HOH I 4 .  ? 4.279   1.603   -19.463 1.00 25.34 ? 281 HOH A O   1 
HETATM 1026 O  O   . HOH I 4 .  ? 15.149  -8.198  -20.881 1.00 29.41 ? 282 HOH A O   1 
HETATM 1027 O  O   . HOH I 4 .  ? 2.573   8.034   -4.193  1.00 40.37 ? 283 HOH A O   1 
HETATM 1028 O  O   . HOH I 4 .  ? 3.777   -14.837 -18.269 1.00 32.78 ? 284 HOH A O   1 
HETATM 1029 O  O   . HOH I 4 .  ? 13.534  -14.850 -1.944  1.00 37.87 ? 285 HOH A O   1 
HETATM 1030 O  O   . HOH I 4 .  ? 2.045   8.107   -1.880  1.00 50.66 ? 286 HOH A O   1 
HETATM 1031 O  O   . HOH I 4 .  ? 1.501   11.160  -0.920  1.00 45.30 ? 287 HOH A O   1 
HETATM 1032 O  O   . HOH I 4 .  ? 13.012  4.639   -0.648  1.00 64.00 ? 288 HOH A O   1 
HETATM 1033 O  O   . HOH I 4 .  ? 3.317   -11.367 -21.130 1.00 34.66 ? 289 HOH A O   1 
HETATM 1034 O  O   . HOH I 4 .  ? 0.402   -5.643  -17.570 1.00 37.24 ? 290 HOH A O   1 
HETATM 1035 O  O   . HOH I 4 .  ? 0.193   -1.661  -8.344  1.00 33.61 ? 291 HOH A O   1 
HETATM 1036 O  O   . HOH I 4 .  ? 12.102  -15.740 -14.660 1.00 36.56 ? 292 HOH A O   1 
HETATM 1037 O  O   . HOH I 4 .  ? 1.595   6.257   -6.838  1.00 60.11 ? 293 HOH A O   1 
HETATM 1038 O  O   . HOH I 4 .  ? 12.259  10.402  -1.290  1.00 50.70 ? 294 HOH A O   1 
HETATM 1039 O  O   . HOH I 4 .  ? 15.620  -8.837  -4.280  1.00 36.81 ? 295 HOH A O   1 
HETATM 1040 O  O   . HOH J 4 .  ? -0.464  -6.034  -4.138  1.00 19.13 ? 26  HOH B O   1 
HETATM 1041 O  O   . HOH J 4 .  ? -1.338  -13.498 -9.220  1.00 39.09 ? 121 HOH B O   1 
HETATM 1042 O  O   . HOH K 4 .  ? -8.974  -1.487  13.777  1.00 13.87 ? 237 HOH C O   1 
HETATM 1043 O  O   . HOH K 4 .  ? -1.202  -3.596  7.802   1.00 16.62 ? 238 HOH C O   1 
HETATM 1044 O  O   . HOH K 4 .  ? -6.738  13.710  9.513   1.00 18.08 ? 239 HOH C O   1 
HETATM 1045 O  O   . HOH K 4 .  ? -7.615  2.398   1.302   1.00 12.84 ? 240 HOH C O   1 
HETATM 1046 O  O   . HOH K 4 .  ? -0.471  -4.195  3.743   1.00 16.81 ? 241 HOH C O   1 
HETATM 1047 O  O   . HOH K 4 .  ? -7.780  13.697  25.840  1.00 20.55 ? 242 HOH C O   1 
HETATM 1048 O  O   . HOH K 4 .  ? -14.000 13.296  -4.144  1.00 17.15 ? 243 HOH C O   1 
HETATM 1049 O  O   . HOH K 4 .  ? -10.154 2.428   0.426   1.00 16.89 ? 244 HOH C O   1 
HETATM 1050 O  O   . HOH K 4 .  ? -6.943  0.203   14.146  1.00 18.04 ? 245 HOH C O   1 
HETATM 1051 O  O   . HOH K 4 .  ? -16.696 10.743  10.083  1.00 19.30 ? 246 HOH C O   1 
HETATM 1052 O  O   . HOH K 4 .  ? -18.353 7.490   6.956   1.00 23.06 ? 247 HOH C O   1 
HETATM 1053 O  O   . HOH K 4 .  ? -5.953  9.107   16.136  1.00 19.51 ? 248 HOH C O   1 
HETATM 1054 O  O   . HOH K 4 .  ? -18.133 4.736   7.348   1.00 22.06 ? 249 HOH C O   1 
HETATM 1055 O  O   . HOH K 4 .  ? -11.519 -3.461  3.800   1.00 18.46 ? 250 HOH C O   1 
HETATM 1056 O  O   . HOH K 4 .  ? -7.953  -4.037  13.947  1.00 18.21 ? 251 HOH C O   1 
HETATM 1057 O  O   . HOH K 4 .  ? -17.369 3.691   0.277   1.00 20.56 ? 252 HOH C O   1 
HETATM 1058 O  O   . HOH K 4 .  ? -11.827 0.188   1.730   1.00 21.24 ? 253 HOH C O   1 
HETATM 1059 O  O   . HOH K 4 .  ? -12.393 9.777   22.677  1.00 20.21 ? 254 HOH C O   1 
HETATM 1060 O  O   . HOH K 4 .  ? -7.381  10.338  -3.454  1.00 26.31 ? 255 HOH C O   1 
HETATM 1061 O  O   . HOH K 4 .  ? -14.707 12.434  19.800  1.00 24.17 ? 256 HOH C O   1 
HETATM 1062 O  O   . HOH K 4 .  ? -4.826  12.366  16.219  1.00 23.82 ? 257 HOH C O   1 
HETATM 1063 O  O   . HOH K 4 .  ? -5.309  17.085  10.340  1.00 27.26 ? 258 HOH C O   1 
HETATM 1064 O  O   . HOH K 4 .  ? -14.828 14.396  10.161  1.00 25.56 ? 259 HOH C O   1 
HETATM 1065 O  O   . HOH K 4 .  ? -7.175  4.082   -1.943  1.00 19.64 ? 260 HOH C O   1 
HETATM 1066 O  O   . HOH K 4 .  ? -3.033  -9.734  9.326   1.00 31.56 ? 261 HOH C O   1 
HETATM 1067 O  O   . HOH K 4 .  ? -6.194  16.948  16.561  1.00 24.27 ? 262 HOH C O   1 
HETATM 1068 O  O   . HOH K 4 .  ? -4.594  -0.910  14.628  1.00 35.74 ? 263 HOH C O   1 
HETATM 1069 O  O   . HOH K 4 .  ? -21.700 4.708   2.576   1.00 27.81 ? 264 HOH C O   1 
HETATM 1070 O  O   . HOH K 4 .  ? -2.881  -8.551  13.051  1.00 31.31 ? 265 HOH C O   1 
HETATM 1071 O  O   . HOH K 4 .  ? -11.503 7.285   22.792  1.00 33.74 ? 266 HOH C O   1 
HETATM 1072 O  O   . HOH K 4 .  ? -16.479 15.910  11.651  1.00 21.24 ? 267 HOH C O   1 
HETATM 1073 O  O   . HOH K 4 .  ? -16.479 9.333   7.945   1.00 28.70 ? 268 HOH C O   1 
HETATM 1074 O  O   . HOH K 4 .  ? -6.657  -8.159  6.054   1.00 21.28 ? 269 HOH C O   1 
HETATM 1075 O  O   . HOH K 4 .  ? -14.191 12.186  -1.102  1.00 32.21 ? 270 HOH C O   1 
HETATM 1076 O  O   . HOH K 4 .  ? -12.714 -6.032  3.613   1.00 38.24 ? 271 HOH C O   1 
HETATM 1077 O  O   . HOH K 4 .  ? -6.608  14.528  28.253  1.00 43.65 ? 272 HOH C O   1 
HETATM 1078 O  O   . HOH K 4 .  ? -5.002  13.153  24.396  1.00 38.23 ? 273 HOH C O   1 
HETATM 1079 O  O   . HOH K 4 .  ? -11.713 5.684   -2.311  1.00 30.24 ? 274 HOH C O   1 
HETATM 1080 O  O   . HOH K 4 .  ? -15.379 10.722  6.062   1.00 25.62 ? 275 HOH C O   1 
HETATM 1081 O  O   . HOH K 4 .  ? -11.024 16.302  -1.469  1.00 37.88 ? 276 HOH C O   1 
HETATM 1082 O  O   . HOH K 4 .  ? 1.622   -1.554  10.109  1.00 34.70 ? 277 HOH C O   1 
HETATM 1083 O  O   . HOH K 4 .  ? -19.414 10.368  10.829  1.00 28.45 ? 278 HOH C O   1 
HETATM 1084 O  O   . HOH K 4 .  ? -10.000 3.613   -1.975  1.00 35.16 ? 279 HOH C O   1 
HETATM 1085 O  O   . HOH K 4 .  ? -5.459  17.009  28.031  1.00 40.56 ? 280 HOH C O   1 
HETATM 1086 O  O   . HOH K 4 .  ? -19.210 6.051   18.717  1.00 32.41 ? 281 HOH C O   1 
HETATM 1087 O  O   . HOH K 4 .  ? -22.880 11.651  20.671  1.00 42.87 ? 282 HOH C O   1 
HETATM 1088 O  O   . HOH K 4 .  ? 0.538   1.013   13.530  1.00 35.88 ? 283 HOH C O   1 
HETATM 1089 O  O   . HOH K 4 .  ? -6.747  12.574  -2.131  1.00 28.52 ? 284 HOH C O   1 
HETATM 1090 O  O   . HOH K 4 .  ? -4.946  11.508  -0.337  1.00 43.34 ? 285 HOH C O   1 
HETATM 1091 O  O   . HOH K 4 .  ? -20.228 4.628   5.611   1.00 40.33 ? 286 HOH C O   1 
HETATM 1092 O  O   . HOH K 4 .  ? -10.516 0.948   -1.942  1.00 41.05 ? 287 HOH C O   1 
HETATM 1093 O  O   . HOH K 4 .  ? -2.694  14.989  -2.668  1.00 50.94 ? 288 HOH C O   1 
HETATM 1094 O  O   . HOH K 4 .  ? -5.108  7.426   18.664  1.00 46.41 ? 289 HOH C O   1 
HETATM 1095 O  O   . HOH K 4 .  ? -12.887 14.441  1.059   1.00 29.42 ? 290 HOH C O   1 
HETATM 1096 O  O   . HOH K 4 .  ? -4.348  -6.753  14.434  1.00 34.64 ? 291 HOH C O   1 
HETATM 1097 O  O   . HOH K 4 .  ? -6.456  -4.177  16.162  1.00 42.04 ? 292 HOH C O   1 
HETATM 1098 O  O   . HOH K 4 .  ? -4.318  15.382  14.799  1.00 43.48 ? 293 HOH C O   1 
HETATM 1099 O  O   . HOH K 4 .  ? -0.240  6.941   13.903  1.00 37.92 ? 294 HOH C O   1 
HETATM 1100 O  O   . HOH L 4 .  ? 1.438   -1.123  -6.038  1.00 21.61 ? 22  HOH D O   1 
HETATM 1101 O  O   . HOH L 4 .  ? -1.930  4.773   -1.639  1.00 22.09 ? 43  HOH D O   1 
HETATM 1102 O  O   . HOH L 4 .  ? -0.243  13.297  5.813   1.00 23.47 ? 58  HOH D O   1 
HETATM 1103 O  O   . HOH L 4 .  ? -3.760  4.037   -3.738  1.00 37.13 ? 69  HOH D O   1 
HETATM 1104 O  O   . HOH L 4 .  ? 1.474   -0.273  5.254   1.00 21.41 ? 70  HOH D O   1 
HETATM 1105 O  O   . HOH L 4 .  ? 0.040   11.610  11.205  1.00 31.87 ? 87  HOH D O   1 
HETATM 1106 O  O   . HOH L 4 .  ? -0.122  1.958   4.734   1.00 27.24 ? 91  HOH D O   1 
HETATM 1107 O  O   . HOH L 4 .  ? 1.132   -11.365 -2.883  1.00 33.19 ? 93  HOH D O   1 
HETATM 1108 O  O   . HOH L 4 .  ? 2.336   -1.044  7.596   1.00 43.91 ? 100 HOH D O   1 
HETATM 1109 O  O   . HOH L 4 .  ? 0.197   -10.453 -0.433  1.00 48.79 ? 102 HOH D O   1 
HETATM 1110 O  O   . HOH L 4 .  ? 1.528   3.413   -4.912  1.00 30.50 ? 105 HOH D O   1 
HETATM 1111 O  O   . HOH L 4 .  ? -1.837  -4.236  -5.153  1.00 31.24 ? 106 HOH D O   1 
HETATM 1112 O  O   . HOH L 4 .  ? -0.571  10.417  1.833   1.00 30.36 ? 110 HOH D O   1 
HETATM 1113 O  O   . HOH L 4 .  ? 0.601   14.802  7.976   1.00 38.23 ? 111 HOH D O   1 
HETATM 1114 O  O   . HOH L 4 .  ? -2.676  14.699  3.724   1.00 35.26 ? 113 HOH D O   1 
HETATM 1115 O  O   . HOH L 4 .  ? -9.386  -5.073  -0.455  1.00 47.17 ? 131 HOH D O   1 
HETATM 1116 O  O   . HOH L 4 .  ? 0.435   6.094   -3.755  1.00 41.84 ? 137 HOH D O   1 
# 
